data_2TRT
# 
_entry.id   2TRT 
# 
_audit_conform.dict_name       mmcif_pdbx.dic 
_audit_conform.dict_version    5.387 
_audit_conform.dict_location   http://mmcif.pdb.org/dictionaries/ascii/mmcif_pdbx.dic 
# 
loop_
_database_2.database_id 
_database_2.database_code 
_database_2.pdbx_database_accession 
_database_2.pdbx_DOI 
PDB   2TRT         pdb_00002trt 10.2210/pdb2trt/pdb 
WWPDB D_1000178703 ?            ?                   
# 
loop_
_pdbx_audit_revision_history.ordinal 
_pdbx_audit_revision_history.data_content_type 
_pdbx_audit_revision_history.major_revision 
_pdbx_audit_revision_history.minor_revision 
_pdbx_audit_revision_history.revision_date 
1 'Structure model' 1 0 1996-06-20 
2 'Structure model' 1 1 2008-03-25 
3 'Structure model' 1 2 2011-07-13 
4 'Structure model' 1 3 2017-11-29 
5 'Structure model' 1 4 2024-02-21 
# 
_pdbx_audit_revision_details.ordinal             1 
_pdbx_audit_revision_details.revision_ordinal    1 
_pdbx_audit_revision_details.data_content_type   'Structure model' 
_pdbx_audit_revision_details.provider            repository 
_pdbx_audit_revision_details.type                'Initial release' 
_pdbx_audit_revision_details.description         ? 
_pdbx_audit_revision_details.details             ? 
# 
loop_
_pdbx_audit_revision_group.ordinal 
_pdbx_audit_revision_group.revision_ordinal 
_pdbx_audit_revision_group.data_content_type 
_pdbx_audit_revision_group.group 
1 2 'Structure model' 'Version format compliance' 
2 3 'Structure model' 'Derived calculations'      
3 3 'Structure model' 'Version format compliance' 
4 4 'Structure model' 'Derived calculations'      
5 4 'Structure model' Other                       
6 5 'Structure model' 'Data collection'           
7 5 'Structure model' 'Database references'       
8 5 'Structure model' 'Derived calculations'      
# 
loop_
_pdbx_audit_revision_category.ordinal 
_pdbx_audit_revision_category.revision_ordinal 
_pdbx_audit_revision_category.data_content_type 
_pdbx_audit_revision_category.category 
1 4 'Structure model' pdbx_database_status   
2 4 'Structure model' struct_conf            
3 4 'Structure model' struct_conf_type       
4 5 'Structure model' chem_comp_atom         
5 5 'Structure model' chem_comp_bond         
6 5 'Structure model' database_2             
7 5 'Structure model' pdbx_struct_conn_angle 
8 5 'Structure model' struct_conn            
9 5 'Structure model' struct_site            
# 
loop_
_pdbx_audit_revision_item.ordinal 
_pdbx_audit_revision_item.revision_ordinal 
_pdbx_audit_revision_item.data_content_type 
_pdbx_audit_revision_item.item 
1  4 'Structure model' '_pdbx_database_status.process_site'          
2  5 'Structure model' '_database_2.pdbx_DOI'                        
3  5 'Structure model' '_database_2.pdbx_database_accession'         
4  5 'Structure model' '_pdbx_struct_conn_angle.ptnr1_auth_comp_id'  
5  5 'Structure model' '_pdbx_struct_conn_angle.ptnr1_auth_seq_id'   
6  5 'Structure model' '_pdbx_struct_conn_angle.ptnr1_label_asym_id' 
7  5 'Structure model' '_pdbx_struct_conn_angle.ptnr1_label_atom_id' 
8  5 'Structure model' '_pdbx_struct_conn_angle.ptnr1_label_comp_id' 
9  5 'Structure model' '_pdbx_struct_conn_angle.ptnr1_label_seq_id'  
10 5 'Structure model' '_pdbx_struct_conn_angle.ptnr3_auth_comp_id'  
11 5 'Structure model' '_pdbx_struct_conn_angle.ptnr3_auth_seq_id'   
12 5 'Structure model' '_pdbx_struct_conn_angle.ptnr3_label_asym_id' 
13 5 'Structure model' '_pdbx_struct_conn_angle.ptnr3_label_atom_id' 
14 5 'Structure model' '_pdbx_struct_conn_angle.ptnr3_label_comp_id' 
15 5 'Structure model' '_pdbx_struct_conn_angle.ptnr3_label_seq_id'  
16 5 'Structure model' '_pdbx_struct_conn_angle.value'               
17 5 'Structure model' '_struct_conn.pdbx_dist_value'                
18 5 'Structure model' '_struct_conn.ptnr1_auth_comp_id'             
19 5 'Structure model' '_struct_conn.ptnr1_auth_seq_id'              
20 5 'Structure model' '_struct_conn.ptnr1_label_asym_id'            
21 5 'Structure model' '_struct_conn.ptnr1_label_atom_id'            
22 5 'Structure model' '_struct_conn.ptnr1_label_comp_id'            
23 5 'Structure model' '_struct_conn.ptnr1_label_seq_id'             
24 5 'Structure model' '_struct_conn.ptnr2_auth_comp_id'             
25 5 'Structure model' '_struct_conn.ptnr2_auth_seq_id'              
26 5 'Structure model' '_struct_conn.ptnr2_label_asym_id'            
27 5 'Structure model' '_struct_conn.ptnr2_label_atom_id'            
28 5 'Structure model' '_struct_conn.ptnr2_label_comp_id'            
29 5 'Structure model' '_struct_conn.ptnr2_label_seq_id'             
30 5 'Structure model' '_struct_site.pdbx_auth_asym_id'              
31 5 'Structure model' '_struct_site.pdbx_auth_comp_id'              
32 5 'Structure model' '_struct_site.pdbx_auth_seq_id'               
# 
_pdbx_database_PDB_obs_spr.id               SPRSDE 
_pdbx_database_PDB_obs_spr.date             1996-06-20 
_pdbx_database_PDB_obs_spr.pdb_id           2TRT 
_pdbx_database_PDB_obs_spr.replace_pdb_id   1TRT 
_pdbx_database_PDB_obs_spr.details          ? 
# 
_pdbx_database_status.status_code                     REL 
_pdbx_database_status.entry_id                        2TRT 
_pdbx_database_status.recvd_initial_deposition_date   1994-03-04 
_pdbx_database_status.deposit_site                    ? 
_pdbx_database_status.process_site                    BNL 
_pdbx_database_status.SG_entry                        . 
_pdbx_database_status.pdb_format_compatible           Y 
_pdbx_database_status.status_code_mr                  ? 
_pdbx_database_status.status_code_sf                  ? 
_pdbx_database_status.status_code_cs                  ? 
_pdbx_database_status.methods_development_category    ? 
_pdbx_database_status.status_code_nmr_data            ? 
# 
loop_
_audit_author.name 
_audit_author.pdbx_ordinal 
'Hinrichs, W.' 1 
'Kisker, C.'   2 
'Saenger, W.'  3 
# 
loop_
_citation.id 
_citation.title 
_citation.journal_abbrev 
_citation.journal_volume 
_citation.page_first 
_citation.page_last 
_citation.year 
_citation.journal_id_ASTM 
_citation.country 
_citation.journal_id_ISSN 
_citation.journal_id_CSD 
_citation.book_publisher 
_citation.pdbx_database_id_PubMed 
_citation.pdbx_database_id_DOI 
primary 'Structure of the Tet repressor-tetracycline complex and regulation of antibiotic resistance.' Science        264 418 420 
1994 SCIEAS US 0036-8075 0038 ? 8153629 ? 
1       
;Identification and Nucleotide Sequence of the Class E Tet Regulatory Elements and Operator and Inducer Binding of the Encoded Purified Tet Repressor
;
Mol.Gen.Genet. 215 76  ?   1988 MGGEAE GW 0026-8925 0813 ? ?       ? 
# 
loop_
_citation_author.citation_id 
_citation_author.name 
_citation_author.ordinal 
_citation_author.identifier_ORCID 
primary 'Hinrichs, W.' 1  ? 
primary 'Kisker, C.'   2  ? 
primary 'Duvel, M.'    3  ? 
primary 'Muller, A.'   4  ? 
primary 'Tovar, K.'    5  ? 
primary 'Hillen, W.'   6  ? 
primary 'Saenger, W.'  7  ? 
1       'Tovar, K.'    8  ? 
1       'Ernst, A.'    9  ? 
1       'Hillen, W.'   10 ? 
# 
loop_
_entity.id 
_entity.type 
_entity.src_method 
_entity.pdbx_description 
_entity.formula_weight 
_entity.pdbx_number_of_molecules 
_entity.pdbx_ec 
_entity.pdbx_mutation 
_entity.pdbx_fragment 
_entity.details 
1 polymer     man 'TETRACYCLINE REPRESSOR CLASS D' 24317.613 1  ? ? ? ? 
2 non-polymer syn 'MAGNESIUM ION'                  24.305    1  ? ? ? ? 
3 non-polymer syn TETRACYCLINE                     444.435   1  ? ? ? ? 
4 water       nat water                            18.015    85 ? ? ? ? 
# 
_entity_name_com.entity_id   1 
_entity_name_com.name        'TET REPRESSOR' 
# 
_entity_poly.entity_id                      1 
_entity_poly.type                           'polypeptide(L)' 
_entity_poly.nstd_linkage                   no 
_entity_poly.nstd_monomer                   no 
_entity_poly.pdbx_seq_one_letter_code       
;ARLNRESVIDAALELLNETGIDGLTTRKLAQKLGIEQPTLYWHVKNKRALLDALAVEILARHHDYSLPAAGESWQSFLRN
NAMSFRRALLRYRDGAKVHLGTRPDEKQYDTVETQLRFMTENGFSLRDGLYAISAVSHFTLGAVLEQQEHTAALTDRPAA
PDENLPPLLREALQIMDSDDGEQAFLHGLESLIRGFEVQLTALLQIVGGDKLIIPFC
;
_entity_poly.pdbx_seq_one_letter_code_can   
;ARLNRESVIDAALELLNETGIDGLTTRKLAQKLGIEQPTLYWHVKNKRALLDALAVEILARHHDYSLPAAGESWQSFLRN
NAMSFRRALLRYRDGAKVHLGTRPDEKQYDTVETQLRFMTENGFSLRDGLYAISAVSHFTLGAVLEQQEHTAALTDRPAA
PDENLPPLLREALQIMDSDDGEQAFLHGLESLIRGFEVQLTALLQIVGGDKLIIPFC
;
_entity_poly.pdbx_strand_id                 A 
_entity_poly.pdbx_target_identifier         ? 
# 
loop_
_pdbx_entity_nonpoly.entity_id 
_pdbx_entity_nonpoly.name 
_pdbx_entity_nonpoly.comp_id 
2 'MAGNESIUM ION' MG  
3 TETRACYCLINE    TAC 
4 water           HOH 
# 
loop_
_entity_poly_seq.entity_id 
_entity_poly_seq.num 
_entity_poly_seq.mon_id 
_entity_poly_seq.hetero 
1 1   ALA n 
1 2   ARG n 
1 3   LEU n 
1 4   ASN n 
1 5   ARG n 
1 6   GLU n 
1 7   SER n 
1 8   VAL n 
1 9   ILE n 
1 10  ASP n 
1 11  ALA n 
1 12  ALA n 
1 13  LEU n 
1 14  GLU n 
1 15  LEU n 
1 16  LEU n 
1 17  ASN n 
1 18  GLU n 
1 19  THR n 
1 20  GLY n 
1 21  ILE n 
1 22  ASP n 
1 23  GLY n 
1 24  LEU n 
1 25  THR n 
1 26  THR n 
1 27  ARG n 
1 28  LYS n 
1 29  LEU n 
1 30  ALA n 
1 31  GLN n 
1 32  LYS n 
1 33  LEU n 
1 34  GLY n 
1 35  ILE n 
1 36  GLU n 
1 37  GLN n 
1 38  PRO n 
1 39  THR n 
1 40  LEU n 
1 41  TYR n 
1 42  TRP n 
1 43  HIS n 
1 44  VAL n 
1 45  LYS n 
1 46  ASN n 
1 47  LYS n 
1 48  ARG n 
1 49  ALA n 
1 50  LEU n 
1 51  LEU n 
1 52  ASP n 
1 53  ALA n 
1 54  LEU n 
1 55  ALA n 
1 56  VAL n 
1 57  GLU n 
1 58  ILE n 
1 59  LEU n 
1 60  ALA n 
1 61  ARG n 
1 62  HIS n 
1 63  HIS n 
1 64  ASP n 
1 65  TYR n 
1 66  SER n 
1 67  LEU n 
1 68  PRO n 
1 69  ALA n 
1 70  ALA n 
1 71  GLY n 
1 72  GLU n 
1 73  SER n 
1 74  TRP n 
1 75  GLN n 
1 76  SER n 
1 77  PHE n 
1 78  LEU n 
1 79  ARG n 
1 80  ASN n 
1 81  ASN n 
1 82  ALA n 
1 83  MET n 
1 84  SER n 
1 85  PHE n 
1 86  ARG n 
1 87  ARG n 
1 88  ALA n 
1 89  LEU n 
1 90  LEU n 
1 91  ARG n 
1 92  TYR n 
1 93  ARG n 
1 94  ASP n 
1 95  GLY n 
1 96  ALA n 
1 97  LYS n 
1 98  VAL n 
1 99  HIS n 
1 100 LEU n 
1 101 GLY n 
1 102 THR n 
1 103 ARG n 
1 104 PRO n 
1 105 ASP n 
1 106 GLU n 
1 107 LYS n 
1 108 GLN n 
1 109 TYR n 
1 110 ASP n 
1 111 THR n 
1 112 VAL n 
1 113 GLU n 
1 114 THR n 
1 115 GLN n 
1 116 LEU n 
1 117 ARG n 
1 118 PHE n 
1 119 MET n 
1 120 THR n 
1 121 GLU n 
1 122 ASN n 
1 123 GLY n 
1 124 PHE n 
1 125 SER n 
1 126 LEU n 
1 127 ARG n 
1 128 ASP n 
1 129 GLY n 
1 130 LEU n 
1 131 TYR n 
1 132 ALA n 
1 133 ILE n 
1 134 SER n 
1 135 ALA n 
1 136 VAL n 
1 137 SER n 
1 138 HIS n 
1 139 PHE n 
1 140 THR n 
1 141 LEU n 
1 142 GLY n 
1 143 ALA n 
1 144 VAL n 
1 145 LEU n 
1 146 GLU n 
1 147 GLN n 
1 148 GLN n 
1 149 GLU n 
1 150 HIS n 
1 151 THR n 
1 152 ALA n 
1 153 ALA n 
1 154 LEU n 
1 155 THR n 
1 156 ASP n 
1 157 ARG n 
1 158 PRO n 
1 159 ALA n 
1 160 ALA n 
1 161 PRO n 
1 162 ASP n 
1 163 GLU n 
1 164 ASN n 
1 165 LEU n 
1 166 PRO n 
1 167 PRO n 
1 168 LEU n 
1 169 LEU n 
1 170 ARG n 
1 171 GLU n 
1 172 ALA n 
1 173 LEU n 
1 174 GLN n 
1 175 ILE n 
1 176 MET n 
1 177 ASP n 
1 178 SER n 
1 179 ASP n 
1 180 ASP n 
1 181 GLY n 
1 182 GLU n 
1 183 GLN n 
1 184 ALA n 
1 185 PHE n 
1 186 LEU n 
1 187 HIS n 
1 188 GLY n 
1 189 LEU n 
1 190 GLU n 
1 191 SER n 
1 192 LEU n 
1 193 ILE n 
1 194 ARG n 
1 195 GLY n 
1 196 PHE n 
1 197 GLU n 
1 198 VAL n 
1 199 GLN n 
1 200 LEU n 
1 201 THR n 
1 202 ALA n 
1 203 LEU n 
1 204 LEU n 
1 205 GLN n 
1 206 ILE n 
1 207 VAL n 
1 208 GLY n 
1 209 GLY n 
1 210 ASP n 
1 211 LYS n 
1 212 LEU n 
1 213 ILE n 
1 214 ILE n 
1 215 PRO n 
1 216 PHE n 
1 217 CYS n 
# 
_entity_src_gen.entity_id                          1 
_entity_src_gen.pdbx_src_id                        1 
_entity_src_gen.pdbx_alt_source_flag               sample 
_entity_src_gen.pdbx_seq_type                      ? 
_entity_src_gen.pdbx_beg_seq_num                   ? 
_entity_src_gen.pdbx_end_seq_num                   ? 
_entity_src_gen.gene_src_common_name               ? 
_entity_src_gen.gene_src_genus                     Escherichia 
_entity_src_gen.pdbx_gene_src_gene                 ? 
_entity_src_gen.gene_src_species                   ? 
_entity_src_gen.gene_src_strain                    ? 
_entity_src_gen.gene_src_tissue                    ? 
_entity_src_gen.gene_src_tissue_fraction           ? 
_entity_src_gen.gene_src_details                   ? 
_entity_src_gen.pdbx_gene_src_fragment             ? 
_entity_src_gen.pdbx_gene_src_scientific_name      'Escherichia coli' 
_entity_src_gen.pdbx_gene_src_ncbi_taxonomy_id     562 
_entity_src_gen.pdbx_gene_src_variant              ? 
_entity_src_gen.pdbx_gene_src_cell_line            ? 
_entity_src_gen.pdbx_gene_src_atcc                 ? 
_entity_src_gen.pdbx_gene_src_organ                ? 
_entity_src_gen.pdbx_gene_src_organelle            ? 
_entity_src_gen.pdbx_gene_src_cell                 ? 
_entity_src_gen.pdbx_gene_src_cellular_location    ? 
_entity_src_gen.host_org_common_name               ? 
_entity_src_gen.pdbx_host_org_scientific_name      'Escherichia coli' 
_entity_src_gen.pdbx_host_org_ncbi_taxonomy_id     562 
_entity_src_gen.host_org_genus                     Escherichia 
_entity_src_gen.pdbx_host_org_gene                 ? 
_entity_src_gen.pdbx_host_org_organ                ? 
_entity_src_gen.host_org_species                   ? 
_entity_src_gen.pdbx_host_org_tissue               ? 
_entity_src_gen.pdbx_host_org_tissue_fraction      ? 
_entity_src_gen.pdbx_host_org_strain               'K12 DELTA H1 DELTA TRP' 
_entity_src_gen.pdbx_host_org_variant              ? 
_entity_src_gen.pdbx_host_org_cell_line            ? 
_entity_src_gen.pdbx_host_org_atcc                 ? 
_entity_src_gen.pdbx_host_org_culture_collection   ? 
_entity_src_gen.pdbx_host_org_cell                 ? 
_entity_src_gen.pdbx_host_org_organelle            ? 
_entity_src_gen.pdbx_host_org_cellular_location    ? 
_entity_src_gen.pdbx_host_org_vector_type          ? 
_entity_src_gen.pdbx_host_org_vector               ? 
_entity_src_gen.host_org_details                   ? 
_entity_src_gen.expression_system_id               ? 
_entity_src_gen.plasmid_name                       PWH904 
_entity_src_gen.plasmid_details                    ? 
_entity_src_gen.pdbx_description                   ? 
# 
loop_
_chem_comp.id 
_chem_comp.type 
_chem_comp.mon_nstd_flag 
_chem_comp.name 
_chem_comp.pdbx_synonyms 
_chem_comp.formula 
_chem_comp.formula_weight 
ALA 'L-peptide linking' y ALANINE         ? 'C3 H7 N O2'     89.093  
ARG 'L-peptide linking' y ARGININE        ? 'C6 H15 N4 O2 1' 175.209 
ASN 'L-peptide linking' y ASPARAGINE      ? 'C4 H8 N2 O3'    132.118 
ASP 'L-peptide linking' y 'ASPARTIC ACID' ? 'C4 H7 N O4'     133.103 
CYS 'L-peptide linking' y CYSTEINE        ? 'C3 H7 N O2 S'   121.158 
GLN 'L-peptide linking' y GLUTAMINE       ? 'C5 H10 N2 O3'   146.144 
GLU 'L-peptide linking' y 'GLUTAMIC ACID' ? 'C5 H9 N O4'     147.129 
GLY 'peptide linking'   y GLYCINE         ? 'C2 H5 N O2'     75.067  
HIS 'L-peptide linking' y HISTIDINE       ? 'C6 H10 N3 O2 1' 156.162 
HOH non-polymer         . WATER           ? 'H2 O'           18.015  
ILE 'L-peptide linking' y ISOLEUCINE      ? 'C6 H13 N O2'    131.173 
LEU 'L-peptide linking' y LEUCINE         ? 'C6 H13 N O2'    131.173 
LYS 'L-peptide linking' y LYSINE          ? 'C6 H15 N2 O2 1' 147.195 
MET 'L-peptide linking' y METHIONINE      ? 'C5 H11 N O2 S'  149.211 
MG  non-polymer         . 'MAGNESIUM ION' ? 'Mg 2'           24.305  
PHE 'L-peptide linking' y PHENYLALANINE   ? 'C9 H11 N O2'    165.189 
PRO 'L-peptide linking' y PROLINE         ? 'C5 H9 N O2'     115.130 
SER 'L-peptide linking' y SERINE          ? 'C3 H7 N O3'     105.093 
TAC non-polymer         . TETRACYCLINE    ? 'C22 H24 N2 O8'  444.435 
THR 'L-peptide linking' y THREONINE       ? 'C4 H9 N O3'     119.119 
TRP 'L-peptide linking' y TRYPTOPHAN      ? 'C11 H12 N2 O2'  204.225 
TYR 'L-peptide linking' y TYROSINE        ? 'C9 H11 N O3'    181.189 
VAL 'L-peptide linking' y VALINE          ? 'C5 H11 N O2'    117.146 
# 
loop_
_pdbx_poly_seq_scheme.asym_id 
_pdbx_poly_seq_scheme.entity_id 
_pdbx_poly_seq_scheme.seq_id 
_pdbx_poly_seq_scheme.mon_id 
_pdbx_poly_seq_scheme.ndb_seq_num 
_pdbx_poly_seq_scheme.pdb_seq_num 
_pdbx_poly_seq_scheme.auth_seq_num 
_pdbx_poly_seq_scheme.pdb_mon_id 
_pdbx_poly_seq_scheme.auth_mon_id 
_pdbx_poly_seq_scheme.pdb_strand_id 
_pdbx_poly_seq_scheme.pdb_ins_code 
_pdbx_poly_seq_scheme.hetero 
A 1 1   ALA 1   2   2   ALA ALA A . n 
A 1 2   ARG 2   3   3   ARG ARG A . n 
A 1 3   LEU 3   4   4   LEU LEU A . n 
A 1 4   ASN 4   5   5   ASN ASN A . n 
A 1 5   ARG 5   6   6   ARG ARG A . n 
A 1 6   GLU 6   7   7   GLU GLU A . n 
A 1 7   SER 7   8   8   SER SER A . n 
A 1 8   VAL 8   9   9   VAL VAL A . n 
A 1 9   ILE 9   10  10  ILE ILE A . n 
A 1 10  ASP 10  11  11  ASP ASP A . n 
A 1 11  ALA 11  12  12  ALA ALA A . n 
A 1 12  ALA 12  13  13  ALA ALA A . n 
A 1 13  LEU 13  14  14  LEU LEU A . n 
A 1 14  GLU 14  15  15  GLU GLU A . n 
A 1 15  LEU 15  16  16  LEU LEU A . n 
A 1 16  LEU 16  17  17  LEU LEU A . n 
A 1 17  ASN 17  18  18  ASN ASN A . n 
A 1 18  GLU 18  19  19  GLU GLU A . n 
A 1 19  THR 19  20  20  THR THR A . n 
A 1 20  GLY 20  21  21  GLY GLY A . n 
A 1 21  ILE 21  22  22  ILE ILE A . n 
A 1 22  ASP 22  23  23  ASP ASP A . n 
A 1 23  GLY 23  24  24  GLY GLY A . n 
A 1 24  LEU 24  25  25  LEU LEU A . n 
A 1 25  THR 25  26  26  THR THR A . n 
A 1 26  THR 26  27  27  THR THR A . n 
A 1 27  ARG 27  28  28  ARG ARG A . n 
A 1 28  LYS 28  29  29  LYS LYS A . n 
A 1 29  LEU 29  30  30  LEU LEU A . n 
A 1 30  ALA 30  31  31  ALA ALA A . n 
A 1 31  GLN 31  32  32  GLN GLN A . n 
A 1 32  LYS 32  33  33  LYS LYS A . n 
A 1 33  LEU 33  34  34  LEU LEU A . n 
A 1 34  GLY 34  35  35  GLY GLY A . n 
A 1 35  ILE 35  36  36  ILE ILE A . n 
A 1 36  GLU 36  37  37  GLU GLU A . n 
A 1 37  GLN 37  38  38  GLN GLN A . n 
A 1 38  PRO 38  39  39  PRO PRO A . n 
A 1 39  THR 39  40  40  THR THR A . n 
A 1 40  LEU 40  41  41  LEU LEU A . n 
A 1 41  TYR 41  42  42  TYR TYR A . n 
A 1 42  TRP 42  43  43  TRP TRP A . n 
A 1 43  HIS 43  44  44  HIS HIS A . n 
A 1 44  VAL 44  45  45  VAL VAL A . n 
A 1 45  LYS 45  46  46  LYS LYS A . n 
A 1 46  ASN 46  47  47  ASN ASN A . n 
A 1 47  LYS 47  48  48  LYS LYS A . n 
A 1 48  ARG 48  49  49  ARG ARG A . n 
A 1 49  ALA 49  50  50  ALA ALA A . n 
A 1 50  LEU 50  51  51  LEU LEU A . n 
A 1 51  LEU 51  52  52  LEU LEU A . n 
A 1 52  ASP 52  53  53  ASP ASP A . n 
A 1 53  ALA 53  54  54  ALA ALA A . n 
A 1 54  LEU 54  55  55  LEU LEU A . n 
A 1 55  ALA 55  56  56  ALA ALA A . n 
A 1 56  VAL 56  57  57  VAL VAL A . n 
A 1 57  GLU 57  58  58  GLU GLU A . n 
A 1 58  ILE 58  59  59  ILE ILE A . n 
A 1 59  LEU 59  60  60  LEU LEU A . n 
A 1 60  ALA 60  61  61  ALA ALA A . n 
A 1 61  ARG 61  62  62  ARG ARG A . n 
A 1 62  HIS 62  63  63  HIS HIS A . n 
A 1 63  HIS 63  64  64  HIS HIS A . n 
A 1 64  ASP 64  65  65  ASP ASP A . n 
A 1 65  TYR 65  66  66  TYR TYR A . n 
A 1 66  SER 66  67  67  SER SER A . n 
A 1 67  LEU 67  68  68  LEU LEU A . n 
A 1 68  PRO 68  69  69  PRO PRO A . n 
A 1 69  ALA 69  70  70  ALA ALA A . n 
A 1 70  ALA 70  71  71  ALA ALA A . n 
A 1 71  GLY 71  72  72  GLY GLY A . n 
A 1 72  GLU 72  73  73  GLU GLU A . n 
A 1 73  SER 73  74  74  SER SER A . n 
A 1 74  TRP 74  75  75  TRP TRP A . n 
A 1 75  GLN 75  76  76  GLN GLN A . n 
A 1 76  SER 76  77  77  SER SER A . n 
A 1 77  PHE 77  78  78  PHE PHE A . n 
A 1 78  LEU 78  79  79  LEU LEU A . n 
A 1 79  ARG 79  80  80  ARG ARG A . n 
A 1 80  ASN 80  81  81  ASN ASN A . n 
A 1 81  ASN 81  82  82  ASN ASN A . n 
A 1 82  ALA 82  83  83  ALA ALA A . n 
A 1 83  MET 83  84  84  MET MET A . n 
A 1 84  SER 84  85  85  SER SER A . n 
A 1 85  PHE 85  86  86  PHE PHE A . n 
A 1 86  ARG 86  87  87  ARG ARG A . n 
A 1 87  ARG 87  88  88  ARG ARG A . n 
A 1 88  ALA 88  89  89  ALA ALA A . n 
A 1 89  LEU 89  90  90  LEU LEU A . n 
A 1 90  LEU 90  91  91  LEU LEU A . n 
A 1 91  ARG 91  92  92  ARG ARG A . n 
A 1 92  TYR 92  93  93  TYR TYR A . n 
A 1 93  ARG 93  94  94  ARG ARG A . n 
A 1 94  ASP 94  95  95  ASP ASP A . n 
A 1 95  GLY 95  96  96  GLY GLY A . n 
A 1 96  ALA 96  97  97  ALA ALA A . n 
A 1 97  LYS 97  98  98  LYS LYS A . n 
A 1 98  VAL 98  99  99  VAL VAL A . n 
A 1 99  HIS 99  100 100 HIS HIS A . n 
A 1 100 LEU 100 101 101 LEU LEU A . n 
A 1 101 GLY 101 102 102 GLY GLY A . n 
A 1 102 THR 102 103 103 THR THR A . n 
A 1 103 ARG 103 104 104 ARG ARG A . n 
A 1 104 PRO 104 105 105 PRO PRO A . n 
A 1 105 ASP 105 106 106 ASP ASP A . n 
A 1 106 GLU 106 107 107 GLU GLU A . n 
A 1 107 LYS 107 108 108 LYS LYS A . n 
A 1 108 GLN 108 109 109 GLN GLN A . n 
A 1 109 TYR 109 110 110 TYR TYR A . n 
A 1 110 ASP 110 111 111 ASP ASP A . n 
A 1 111 THR 111 112 112 THR THR A . n 
A 1 112 VAL 112 113 113 VAL VAL A . n 
A 1 113 GLU 113 114 114 GLU GLU A . n 
A 1 114 THR 114 115 115 THR THR A . n 
A 1 115 GLN 115 116 116 GLN GLN A . n 
A 1 116 LEU 116 117 117 LEU LEU A . n 
A 1 117 ARG 117 118 118 ARG ARG A . n 
A 1 118 PHE 118 119 119 PHE PHE A . n 
A 1 119 MET 119 120 120 MET MET A . n 
A 1 120 THR 120 121 121 THR THR A . n 
A 1 121 GLU 121 122 122 GLU GLU A . n 
A 1 122 ASN 122 123 123 ASN ASN A . n 
A 1 123 GLY 123 124 124 GLY GLY A . n 
A 1 124 PHE 124 125 125 PHE PHE A . n 
A 1 125 SER 125 126 126 SER SER A . n 
A 1 126 LEU 126 127 127 LEU LEU A . n 
A 1 127 ARG 127 128 128 ARG ARG A . n 
A 1 128 ASP 128 129 129 ASP ASP A . n 
A 1 129 GLY 129 130 130 GLY GLY A . n 
A 1 130 LEU 130 131 131 LEU LEU A . n 
A 1 131 TYR 131 132 132 TYR TYR A . n 
A 1 132 ALA 132 133 133 ALA ALA A . n 
A 1 133 ILE 133 134 134 ILE ILE A . n 
A 1 134 SER 134 135 135 SER SER A . n 
A 1 135 ALA 135 136 136 ALA ALA A . n 
A 1 136 VAL 136 137 137 VAL VAL A . n 
A 1 137 SER 137 138 138 SER SER A . n 
A 1 138 HIS 138 139 139 HIS HIS A . n 
A 1 139 PHE 139 140 140 PHE PHE A . n 
A 1 140 THR 140 141 141 THR THR A . n 
A 1 141 LEU 141 142 142 LEU LEU A . n 
A 1 142 GLY 142 143 143 GLY GLY A . n 
A 1 143 ALA 143 144 144 ALA ALA A . n 
A 1 144 VAL 144 145 145 VAL VAL A . n 
A 1 145 LEU 145 146 146 LEU LEU A . n 
A 1 146 GLU 146 147 147 GLU GLU A . n 
A 1 147 GLN 147 148 148 GLN GLN A . n 
A 1 148 GLN 148 149 149 GLN GLN A . n 
A 1 149 GLU 149 150 150 GLU GLU A . n 
A 1 150 HIS 150 151 151 HIS HIS A . n 
A 1 151 THR 151 152 152 THR THR A . n 
A 1 152 ALA 152 153 153 ALA ALA A . n 
A 1 153 ALA 153 154 154 ALA ALA A . n 
A 1 154 LEU 154 155 155 LEU LEU A . n 
A 1 155 THR 155 156 ?   ?   ?   A . n 
A 1 156 ASP 156 157 ?   ?   ?   A . n 
A 1 157 ARG 157 158 ?   ?   ?   A . n 
A 1 158 PRO 158 159 ?   ?   ?   A . n 
A 1 159 ALA 159 160 ?   ?   ?   A . n 
A 1 160 ALA 160 161 ?   ?   ?   A . n 
A 1 161 PRO 161 162 ?   ?   ?   A . n 
A 1 162 ASP 162 163 ?   ?   ?   A . n 
A 1 163 GLU 163 164 ?   ?   ?   A . n 
A 1 164 ASN 164 165 165 ASN ASN A . n 
A 1 165 LEU 165 166 166 LEU LEU A . n 
A 1 166 PRO 166 167 167 PRO PRO A . n 
A 1 167 PRO 167 168 168 PRO PRO A . n 
A 1 168 LEU 168 169 169 LEU LEU A . n 
A 1 169 LEU 169 170 170 LEU LEU A . n 
A 1 170 ARG 170 171 171 ARG ARG A . n 
A 1 171 GLU 171 172 172 GLU GLU A . n 
A 1 172 ALA 172 173 173 ALA ALA A . n 
A 1 173 LEU 173 174 174 LEU LEU A . n 
A 1 174 GLN 174 175 175 GLN GLN A . n 
A 1 175 ILE 175 176 176 ILE ILE A . n 
A 1 176 MET 176 177 177 MET MET A . n 
A 1 177 ASP 177 178 178 ASP ASP A . n 
A 1 178 SER 178 179 179 SER SER A . n 
A 1 179 ASP 179 180 180 ASP ASP A . n 
A 1 180 ASP 180 181 181 ASP ASP A . n 
A 1 181 GLY 181 182 182 GLY GLY A . n 
A 1 182 GLU 182 183 183 GLU GLU A . n 
A 1 183 GLN 183 184 184 GLN GLN A . n 
A 1 184 ALA 184 185 185 ALA ALA A . n 
A 1 185 PHE 185 186 186 PHE PHE A . n 
A 1 186 LEU 186 187 187 LEU LEU A . n 
A 1 187 HIS 187 188 188 HIS HIS A . n 
A 1 188 GLY 188 189 189 GLY GLY A . n 
A 1 189 LEU 189 190 190 LEU LEU A . n 
A 1 190 GLU 190 191 191 GLU GLU A . n 
A 1 191 SER 191 192 192 SER SER A . n 
A 1 192 LEU 192 193 193 LEU LEU A . n 
A 1 193 ILE 193 194 194 ILE ILE A . n 
A 1 194 ARG 194 195 195 ARG ARG A . n 
A 1 195 GLY 195 196 196 GLY GLY A . n 
A 1 196 PHE 196 197 197 PHE PHE A . n 
A 1 197 GLU 197 198 198 GLU GLU A . n 
A 1 198 VAL 198 199 199 VAL VAL A . n 
A 1 199 GLN 199 200 200 GLN GLN A . n 
A 1 200 LEU 200 201 201 LEU LEU A . n 
A 1 201 THR 201 202 202 THR THR A . n 
A 1 202 ALA 202 203 203 ALA ALA A . n 
A 1 203 LEU 203 204 204 LEU LEU A . n 
A 1 204 LEU 204 205 205 LEU LEU A . n 
A 1 205 GLN 205 206 206 GLN GLN A . n 
A 1 206 ILE 206 207 207 ILE ILE A . n 
A 1 207 VAL 207 208 208 VAL VAL A . n 
A 1 208 GLY 208 209 ?   ?   ?   A . n 
A 1 209 GLY 209 210 ?   ?   ?   A . n 
A 1 210 ASP 210 211 ?   ?   ?   A . n 
A 1 211 LYS 211 212 ?   ?   ?   A . n 
A 1 212 LEU 212 213 ?   ?   ?   A . n 
A 1 213 ILE 213 214 ?   ?   ?   A . n 
A 1 214 ILE 214 215 ?   ?   ?   A . n 
A 1 215 PRO 215 216 ?   ?   ?   A . n 
A 1 216 PHE 216 217 ?   ?   ?   A . n 
A 1 217 CYS 217 218 ?   ?   ?   A . n 
# 
loop_
_pdbx_nonpoly_scheme.asym_id 
_pdbx_nonpoly_scheme.entity_id 
_pdbx_nonpoly_scheme.mon_id 
_pdbx_nonpoly_scheme.ndb_seq_num 
_pdbx_nonpoly_scheme.pdb_seq_num 
_pdbx_nonpoly_scheme.auth_seq_num 
_pdbx_nonpoly_scheme.pdb_mon_id 
_pdbx_nonpoly_scheme.auth_mon_id 
_pdbx_nonpoly_scheme.pdb_strand_id 
_pdbx_nonpoly_scheme.pdb_ins_code 
B 2 MG  1  223 223 MG  MG  A . 
C 3 TAC 1  222 222 TAC TAC A . 
D 4 HOH 1  224 224 HOH HOH A . 
D 4 HOH 2  225 225 HOH HOH A . 
D 4 HOH 3  226 226 HOH HOH A . 
D 4 HOH 4  227 227 HOH HOH A . 
D 4 HOH 5  228 228 HOH HOH A . 
D 4 HOH 6  229 229 HOH HOH A . 
D 4 HOH 7  230 230 HOH HOH A . 
D 4 HOH 8  231 231 HOH HOH A . 
D 4 HOH 9  232 232 HOH HOH A . 
D 4 HOH 10 233 233 HOH HOH A . 
D 4 HOH 11 234 234 HOH HOH A . 
D 4 HOH 12 235 235 HOH HOH A . 
D 4 HOH 13 236 236 HOH HOH A . 
D 4 HOH 14 237 237 HOH HOH A . 
D 4 HOH 15 238 238 HOH HOH A . 
D 4 HOH 16 239 239 HOH HOH A . 
D 4 HOH 17 240 240 HOH HOH A . 
D 4 HOH 18 241 241 HOH HOH A . 
D 4 HOH 19 242 242 HOH HOH A . 
D 4 HOH 20 243 243 HOH HOH A . 
D 4 HOH 21 244 244 HOH HOH A . 
D 4 HOH 22 245 245 HOH HOH A . 
D 4 HOH 23 246 246 HOH HOH A . 
D 4 HOH 24 247 247 HOH HOH A . 
D 4 HOH 25 248 248 HOH HOH A . 
D 4 HOH 26 249 249 HOH HOH A . 
D 4 HOH 27 250 250 HOH HOH A . 
D 4 HOH 28 251 251 HOH HOH A . 
D 4 HOH 29 252 252 HOH HOH A . 
D 4 HOH 30 253 253 HOH HOH A . 
D 4 HOH 31 254 254 HOH HOH A . 
D 4 HOH 32 255 255 HOH HOH A . 
D 4 HOH 33 256 256 HOH HOH A . 
D 4 HOH 34 257 257 HOH HOH A . 
D 4 HOH 35 258 258 HOH HOH A . 
D 4 HOH 36 259 259 HOH HOH A . 
D 4 HOH 37 260 260 HOH HOH A . 
D 4 HOH 38 261 261 HOH HOH A . 
D 4 HOH 39 262 262 HOH HOH A . 
D 4 HOH 40 263 263 HOH HOH A . 
D 4 HOH 41 264 264 HOH HOH A . 
D 4 HOH 42 265 265 HOH HOH A . 
D 4 HOH 43 266 266 HOH HOH A . 
D 4 HOH 44 267 267 HOH HOH A . 
D 4 HOH 45 268 268 HOH HOH A . 
D 4 HOH 46 269 269 HOH HOH A . 
D 4 HOH 47 270 270 HOH HOH A . 
D 4 HOH 48 271 271 HOH HOH A . 
D 4 HOH 49 272 272 HOH HOH A . 
D 4 HOH 50 273 273 HOH HOH A . 
D 4 HOH 51 274 274 HOH HOH A . 
D 4 HOH 52 275 275 HOH HOH A . 
D 4 HOH 53 276 276 HOH HOH A . 
D 4 HOH 54 277 277 HOH HOH A . 
D 4 HOH 55 278 278 HOH HOH A . 
D 4 HOH 56 279 279 HOH HOH A . 
D 4 HOH 57 280 280 HOH HOH A . 
D 4 HOH 58 281 281 HOH HOH A . 
D 4 HOH 59 282 282 HOH HOH A . 
D 4 HOH 60 283 283 HOH HOH A . 
D 4 HOH 61 284 284 HOH HOH A . 
D 4 HOH 62 285 285 HOH HOH A . 
D 4 HOH 63 286 286 HOH HOH A . 
D 4 HOH 64 287 287 HOH HOH A . 
D 4 HOH 65 288 288 HOH HOH A . 
D 4 HOH 66 289 289 HOH HOH A . 
D 4 HOH 67 290 290 HOH HOH A . 
D 4 HOH 68 291 291 HOH HOH A . 
D 4 HOH 69 292 292 HOH HOH A . 
D 4 HOH 70 293 293 HOH HOH A . 
D 4 HOH 71 294 294 HOH HOH A . 
D 4 HOH 72 295 295 HOH HOH A . 
D 4 HOH 73 296 296 HOH HOH A . 
D 4 HOH 74 297 297 HOH HOH A . 
D 4 HOH 75 298 298 HOH HOH A . 
D 4 HOH 76 299 299 HOH HOH A . 
D 4 HOH 77 300 300 HOH HOH A . 
D 4 HOH 78 301 301 HOH HOH A . 
D 4 HOH 79 302 302 HOH HOH A . 
D 4 HOH 80 303 303 HOH HOH A . 
D 4 HOH 81 304 304 HOH HOH A . 
D 4 HOH 82 305 305 HOH HOH A . 
D 4 HOH 83 306 306 HOH HOH A . 
D 4 HOH 84 307 307 HOH HOH A . 
D 4 HOH 85 308 308 HOH HOH A . 
# 
_software.name             X-PLOR 
_software.classification   refinement 
_software.version          . 
_software.citation_id      ? 
_software.pdbx_ordinal     1 
# 
_cell.entry_id           2TRT 
_cell.length_a           68.320 
_cell.length_b           68.320 
_cell.length_c           181.140 
_cell.angle_alpha        90.00 
_cell.angle_beta         90.00 
_cell.angle_gamma        90.00 
_cell.Z_PDB              16 
_cell.pdbx_unique_axis   ? 
# 
_symmetry.entry_id                         2TRT 
_symmetry.space_group_name_H-M             'I 41 2 2' 
_symmetry.pdbx_full_space_group_name_H-M   ? 
_symmetry.cell_setting                     ? 
_symmetry.Int_Tables_number                98 
# 
_exptl.entry_id          2TRT 
_exptl.method            'X-RAY DIFFRACTION' 
_exptl.crystals_number   ? 
# 
_exptl_crystal.id                    1 
_exptl_crystal.density_meas          ? 
_exptl_crystal.density_Matthews      2.17 
_exptl_crystal.density_percent_sol   43.38 
_exptl_crystal.description           ? 
# 
_diffrn.id                     1 
_diffrn.ambient_temp           ? 
_diffrn.ambient_temp_details   ? 
_diffrn.crystal_id             1 
# 
_diffrn_radiation.diffrn_id                        1 
_diffrn_radiation.wavelength_id                    1 
_diffrn_radiation.pdbx_scattering_type             x-ray 
_diffrn_radiation.pdbx_monochromatic_or_laue_m_l   ? 
_diffrn_radiation.monochromator                    ? 
_diffrn_radiation.pdbx_diffrn_protocol             ? 
# 
_diffrn_radiation_wavelength.id           1 
_diffrn_radiation_wavelength.wavelength   . 
_diffrn_radiation_wavelength.wt           1.0 
# 
_diffrn_source.diffrn_id                   1 
_diffrn_source.source                      ? 
_diffrn_source.type                        ? 
_diffrn_source.pdbx_synchrotron_site       ? 
_diffrn_source.pdbx_synchrotron_beamline   ? 
_diffrn_source.pdbx_wavelength             ? 
_diffrn_source.pdbx_wavelength_list        ? 
# 
_refine.entry_id                                 2TRT 
_refine.ls_number_reflns_obs                     8505 
_refine.ls_number_reflns_all                     ? 
_refine.pdbx_ls_sigma_I                          ? 
_refine.pdbx_ls_sigma_F                          2.0 
_refine.pdbx_data_cutoff_high_absF               ? 
_refine.pdbx_data_cutoff_low_absF                ? 
_refine.pdbx_data_cutoff_high_rms_absF           ? 
_refine.ls_d_res_low                             10.0 
_refine.ls_d_res_high                            2.5 
_refine.ls_percent_reflns_obs                    94.0 
_refine.ls_R_factor_obs                          0.1900000 
_refine.ls_R_factor_all                          ? 
_refine.ls_R_factor_R_work                       0.1900000 
_refine.ls_R_factor_R_free                       ? 
_refine.ls_R_factor_R_free_error                 ? 
_refine.ls_R_factor_R_free_error_details         ? 
_refine.ls_percent_reflns_R_free                 ? 
_refine.ls_number_reflns_R_free                  ? 
_refine.ls_number_parameters                     ? 
_refine.ls_number_restraints                     ? 
_refine.occupancy_min                            ? 
_refine.occupancy_max                            ? 
_refine.B_iso_mean                               ? 
_refine.aniso_B[1][1]                            ? 
_refine.aniso_B[2][2]                            ? 
_refine.aniso_B[3][3]                            ? 
_refine.aniso_B[1][2]                            ? 
_refine.aniso_B[1][3]                            ? 
_refine.aniso_B[2][3]                            ? 
_refine.solvent_model_details                    ? 
_refine.solvent_model_param_ksol                 ? 
_refine.solvent_model_param_bsol                 ? 
_refine.pdbx_ls_cross_valid_method               ? 
_refine.details                                  ? 
_refine.pdbx_starting_model                      ? 
_refine.pdbx_method_to_determine_struct          ? 
_refine.pdbx_isotropic_thermal_model             ? 
_refine.pdbx_stereochemistry_target_values       ? 
_refine.pdbx_stereochem_target_val_spec_case     ? 
_refine.pdbx_R_Free_selection_details            ? 
_refine.pdbx_overall_ESU_R                       ? 
_refine.pdbx_overall_ESU_R_Free                  ? 
_refine.overall_SU_ML                            ? 
_refine.overall_SU_B                             ? 
_refine.pdbx_refine_id                           'X-RAY DIFFRACTION' 
_refine.pdbx_diffrn_id                           1 
_refine.pdbx_TLS_residual_ADP_flag               ? 
_refine.correlation_coeff_Fo_to_Fc               ? 
_refine.correlation_coeff_Fo_to_Fc_free          ? 
_refine.pdbx_solvent_vdw_probe_radii             ? 
_refine.pdbx_solvent_ion_probe_radii             ? 
_refine.pdbx_solvent_shrinkage_radii             ? 
_refine.pdbx_overall_phase_error                 ? 
_refine.overall_SU_R_Cruickshank_DPI             ? 
_refine.pdbx_overall_SU_R_free_Cruickshank_DPI   ? 
_refine.pdbx_overall_SU_R_Blow_DPI               ? 
_refine.pdbx_overall_SU_R_free_Blow_DPI          ? 
# 
_refine_hist.pdbx_refine_id                   'X-RAY DIFFRACTION' 
_refine_hist.cycle_id                         LAST 
_refine_hist.pdbx_number_atoms_protein        1572 
_refine_hist.pdbx_number_atoms_nucleic_acid   0 
_refine_hist.pdbx_number_atoms_ligand         33 
_refine_hist.number_atoms_solvent             85 
_refine_hist.number_atoms_total               1690 
_refine_hist.d_res_high                       2.5 
_refine_hist.d_res_low                        10.0 
# 
loop_
_refine_ls_restr.type 
_refine_ls_restr.dev_ideal 
_refine_ls_restr.dev_ideal_target 
_refine_ls_restr.weight 
_refine_ls_restr.number 
_refine_ls_restr.pdbx_refine_id 
_refine_ls_restr.pdbx_restraint_function 
x_bond_d                0.017 ? ? ? 'X-RAY DIFFRACTION' ? 
x_bond_d_na             ?     ? ? ? 'X-RAY DIFFRACTION' ? 
x_bond_d_prot           ?     ? ? ? 'X-RAY DIFFRACTION' ? 
x_angle_d               ?     ? ? ? 'X-RAY DIFFRACTION' ? 
x_angle_d_na            ?     ? ? ? 'X-RAY DIFFRACTION' ? 
x_angle_d_prot          ?     ? ? ? 'X-RAY DIFFRACTION' ? 
x_angle_deg             3.30  ? ? ? 'X-RAY DIFFRACTION' ? 
x_angle_deg_na          ?     ? ? ? 'X-RAY DIFFRACTION' ? 
x_angle_deg_prot        ?     ? ? ? 'X-RAY DIFFRACTION' ? 
x_dihedral_angle_d      ?     ? ? ? 'X-RAY DIFFRACTION' ? 
x_dihedral_angle_d_na   ?     ? ? ? 'X-RAY DIFFRACTION' ? 
x_dihedral_angle_d_prot ?     ? ? ? 'X-RAY DIFFRACTION' ? 
x_improper_angle_d      ?     ? ? ? 'X-RAY DIFFRACTION' ? 
x_improper_angle_d_na   ?     ? ? ? 'X-RAY DIFFRACTION' ? 
x_improper_angle_d_prot ?     ? ? ? 'X-RAY DIFFRACTION' ? 
x_mcbond_it             ?     ? ? ? 'X-RAY DIFFRACTION' ? 
x_mcangle_it            ?     ? ? ? 'X-RAY DIFFRACTION' ? 
x_scbond_it             ?     ? ? ? 'X-RAY DIFFRACTION' ? 
x_scangle_it            ?     ? ? ? 'X-RAY DIFFRACTION' ? 
# 
_struct.entry_id                  2TRT 
_struct.title                     'TETRACYCLINE REPRESSOR CLASS D' 
_struct.pdbx_model_details        ? 
_struct.pdbx_CASP_flag            ? 
_struct.pdbx_model_type_details   ? 
# 
_struct_keywords.entry_id        2TRT 
_struct_keywords.pdbx_keywords   'TRANSCRIPTION REGULATION' 
_struct_keywords.text            'TRANSCRIPTION REGULATION, REPRESSOR, DNA-BINDING' 
# 
loop_
_struct_asym.id 
_struct_asym.pdbx_blank_PDB_chainid_flag 
_struct_asym.pdbx_modified 
_struct_asym.entity_id 
_struct_asym.details 
A N N 1 ? 
B N N 2 ? 
C N N 3 ? 
D N N 4 ? 
# 
_struct_ref.id                         1 
_struct_ref.db_name                    UNP 
_struct_ref.db_code                    TETR4_ECOLI 
_struct_ref.entity_id                  1 
_struct_ref.pdbx_db_accession          P0ACT4 
_struct_ref.pdbx_align_begin           1 
_struct_ref.pdbx_seq_one_letter_code   
;ARLNRESVIDAALELLNETGIDGLTTRKLAQKLGIEQPTLYWHVKNKRALLDALAVEILARHHDYSLPAAGESWQSFLRN
NAMSFRRALLRYRDGAKVHLGTRPDEKQYDTVETQLRFMTENGFSLRDGLYAISAVSHFTLGAVLEQQEHTAALTDRPAA
PDENLPPLLREALQIMDSDDGEQAFLHGLESLIRGFEVQLTALLQIVGGDKLIIPFC
;
_struct_ref.pdbx_db_isoform            ? 
# 
_struct_ref_seq.align_id                      1 
_struct_ref_seq.ref_id                        1 
_struct_ref_seq.pdbx_PDB_id_code              2TRT 
_struct_ref_seq.pdbx_strand_id                A 
_struct_ref_seq.seq_align_beg                 1 
_struct_ref_seq.pdbx_seq_align_beg_ins_code   ? 
_struct_ref_seq.seq_align_end                 217 
_struct_ref_seq.pdbx_seq_align_end_ins_code   ? 
_struct_ref_seq.pdbx_db_accession             P0ACT4 
_struct_ref_seq.db_align_beg                  1 
_struct_ref_seq.pdbx_db_align_beg_ins_code    ? 
_struct_ref_seq.db_align_end                  217 
_struct_ref_seq.pdbx_db_align_end_ins_code    ? 
_struct_ref_seq.pdbx_auth_seq_align_beg       2 
_struct_ref_seq.pdbx_auth_seq_align_end       218 
# 
_pdbx_struct_assembly.id                   1 
_pdbx_struct_assembly.details              author_and_software_defined_assembly 
_pdbx_struct_assembly.method_details       PISA,PQS 
_pdbx_struct_assembly.oligomeric_details   dimeric 
_pdbx_struct_assembly.oligomeric_count     2 
# 
loop_
_pdbx_struct_assembly_prop.biol_id 
_pdbx_struct_assembly_prop.type 
_pdbx_struct_assembly_prop.value 
_pdbx_struct_assembly_prop.details 
1 'ABSA (A^2)' 7410  ? 
1 MORE         -60   ? 
1 'SSA (A^2)'  18340 ? 
# 
_pdbx_struct_assembly_gen.assembly_id       1 
_pdbx_struct_assembly_gen.oper_expression   1,2 
_pdbx_struct_assembly_gen.asym_id_list      A,B,C,D 
# 
loop_
_pdbx_struct_oper_list.id 
_pdbx_struct_oper_list.type 
_pdbx_struct_oper_list.name 
_pdbx_struct_oper_list.symmetry_operation 
_pdbx_struct_oper_list.matrix[1][1] 
_pdbx_struct_oper_list.matrix[1][2] 
_pdbx_struct_oper_list.matrix[1][3] 
_pdbx_struct_oper_list.vector[1] 
_pdbx_struct_oper_list.matrix[2][1] 
_pdbx_struct_oper_list.matrix[2][2] 
_pdbx_struct_oper_list.matrix[2][3] 
_pdbx_struct_oper_list.vector[2] 
_pdbx_struct_oper_list.matrix[3][1] 
_pdbx_struct_oper_list.matrix[3][2] 
_pdbx_struct_oper_list.matrix[3][3] 
_pdbx_struct_oper_list.vector[3] 
1 'identity operation'         1_555  x,y,z       1.0000000000  0.0000000000  0.0000000000 0.0000000000 0.0000000000  1.0000000000  0.0000000000  0.0000000000  0.0000000000 0.0000000000  1.0000000000 0.0000000000 
2 'crystal symmetry operation' 10_665 -x+1,-y+1,z -0.9322989042 -0.0698580272 0.3548783022 6.4818562507 -0.0698580272 -0.9279163224 -0.3661845909 17.7740161272 0.3548783022 -0.3661845909 0.8602152266 2.2622654752 
# 
_struct_biol.id                    1 
_struct_biol.details               
;THE ASYMMETRIC UNIT CONTAINS RESIDUES ALA 2 - VAL 208,
REPRESENTING THE MONOMER OF THE HOMODIMERIC PROTEIN.
;
_struct_biol.pdbx_parent_biol_id   ? 
# 
loop_
_struct_conf.conf_type_id 
_struct_conf.id 
_struct_conf.pdbx_PDB_helix_id 
_struct_conf.beg_label_comp_id 
_struct_conf.beg_label_asym_id 
_struct_conf.beg_label_seq_id 
_struct_conf.pdbx_beg_PDB_ins_code 
_struct_conf.end_label_comp_id 
_struct_conf.end_label_asym_id 
_struct_conf.end_label_seq_id 
_struct_conf.pdbx_end_PDB_ins_code 
_struct_conf.beg_auth_comp_id 
_struct_conf.beg_auth_asym_id 
_struct_conf.beg_auth_seq_id 
_struct_conf.end_auth_comp_id 
_struct_conf.end_auth_asym_id 
_struct_conf.end_auth_seq_id 
_struct_conf.pdbx_PDB_helix_class 
_struct_conf.details 
_struct_conf.pdbx_PDB_helix_length 
HELX_P HELX_P1  A1  ARG A 5   ? THR A 19  ? ARG A 6   THR A 20  1 ? 15 
HELX_P HELX_P2  A2  THR A 26  ? LEU A 33  ? THR A 27  LEU A 34  1 ? 8  
HELX_P HELX_P3  A3  GLN A 37  ? HIS A 43  ? GLN A 38  HIS A 44  1 ? 7  
HELX_P HELX_P4  A4  LYS A 47  ? HIS A 62  ? LYS A 48  HIS A 63  1 ? 16 
HELX_P HELX_P5  A5  TRP A 74  ? ARG A 91  ? TRP A 75  ARG A 92  1 ? 18 
HELX_P HELX_P6  A6  GLY A 95  ? HIS A 99  ? GLY A 96  HIS A 100 1 ? 5  
HELX_P HELX_P7  G7  GLU A 106 ? GLN A 108 ? GLU A 107 GLN A 109 5 ? 3  
HELX_P HELX_P8  A7  TYR A 109 ? THR A 120 ? TYR A 110 THR A 121 1 ? 12 
HELX_P HELX_P9  A8  LEU A 126 ? ALA A 152 ? LEU A 127 ALA A 153 1 ? 27 
HELX_P HELX_P10 A9  PRO A 167 ? SER A 178 ? PRO A 168 SER A 179 1 ? 12 
HELX_P HELX_P11 A10 GLU A 182 ? THR A 201 ? GLU A 183 THR A 202 1 ? 20 
# 
_struct_conf_type.id          HELX_P 
_struct_conf_type.criteria    ? 
_struct_conf_type.reference   ? 
# 
loop_
_struct_conn.id 
_struct_conn.conn_type_id 
_struct_conn.pdbx_leaving_atom_flag 
_struct_conn.pdbx_PDB_id 
_struct_conn.ptnr1_label_asym_id 
_struct_conn.ptnr1_label_comp_id 
_struct_conn.ptnr1_label_seq_id 
_struct_conn.ptnr1_label_atom_id 
_struct_conn.pdbx_ptnr1_label_alt_id 
_struct_conn.pdbx_ptnr1_PDB_ins_code 
_struct_conn.pdbx_ptnr1_standard_comp_id 
_struct_conn.ptnr1_symmetry 
_struct_conn.ptnr2_label_asym_id 
_struct_conn.ptnr2_label_comp_id 
_struct_conn.ptnr2_label_seq_id 
_struct_conn.ptnr2_label_atom_id 
_struct_conn.pdbx_ptnr2_label_alt_id 
_struct_conn.pdbx_ptnr2_PDB_ins_code 
_struct_conn.ptnr1_auth_asym_id 
_struct_conn.ptnr1_auth_comp_id 
_struct_conn.ptnr1_auth_seq_id 
_struct_conn.ptnr2_auth_asym_id 
_struct_conn.ptnr2_auth_comp_id 
_struct_conn.ptnr2_auth_seq_id 
_struct_conn.ptnr2_symmetry 
_struct_conn.pdbx_ptnr3_label_atom_id 
_struct_conn.pdbx_ptnr3_label_seq_id 
_struct_conn.pdbx_ptnr3_label_comp_id 
_struct_conn.pdbx_ptnr3_label_asym_id 
_struct_conn.pdbx_ptnr3_label_alt_id 
_struct_conn.pdbx_ptnr3_PDB_ins_code 
_struct_conn.details 
_struct_conn.pdbx_dist_value 
_struct_conn.pdbx_value_order 
_struct_conn.pdbx_role 
metalc1 metalc ? ? A HIS 99 NE2 ? ? ? 1_555 B MG  . MG ? ? A HIS 100 A MG  223 1_555 ? ? ? ? ? ? ? 2.418 ? ? 
metalc2 metalc ? ? C TAC .  O11 ? ? ? 1_555 B MG  . MG ? ? A TAC 222 A MG  223 1_555 ? ? ? ? ? ? ? 2.044 ? ? 
metalc3 metalc ? ? C TAC .  O12 ? ? ? 1_555 B MG  . MG ? ? A TAC 222 A MG  223 1_555 ? ? ? ? ? ? ? 1.838 ? ? 
metalc4 metalc ? ? B MG  .  MG  ? ? ? 1_555 D HOH . O  ? ? A MG  223 A HOH 224 1_555 ? ? ? ? ? ? ? 2.065 ? ? 
metalc5 metalc ? ? B MG  .  MG  ? ? ? 1_555 D HOH . O  ? ? A MG  223 A HOH 225 1_555 ? ? ? ? ? ? ? 1.668 ? ? 
metalc6 metalc ? ? B MG  .  MG  ? ? ? 1_555 D HOH . O  ? ? A MG  223 A HOH 226 1_555 ? ? ? ? ? ? ? 1.781 ? ? 
# 
_struct_conn_type.id          metalc 
_struct_conn_type.criteria    ? 
_struct_conn_type.reference   ? 
# 
loop_
_pdbx_struct_conn_angle.id 
_pdbx_struct_conn_angle.ptnr1_label_atom_id 
_pdbx_struct_conn_angle.ptnr1_label_alt_id 
_pdbx_struct_conn_angle.ptnr1_label_asym_id 
_pdbx_struct_conn_angle.ptnr1_label_comp_id 
_pdbx_struct_conn_angle.ptnr1_label_seq_id 
_pdbx_struct_conn_angle.ptnr1_auth_atom_id 
_pdbx_struct_conn_angle.ptnr1_auth_asym_id 
_pdbx_struct_conn_angle.ptnr1_auth_comp_id 
_pdbx_struct_conn_angle.ptnr1_auth_seq_id 
_pdbx_struct_conn_angle.ptnr1_PDB_ins_code 
_pdbx_struct_conn_angle.ptnr1_symmetry 
_pdbx_struct_conn_angle.ptnr2_label_atom_id 
_pdbx_struct_conn_angle.ptnr2_label_alt_id 
_pdbx_struct_conn_angle.ptnr2_label_asym_id 
_pdbx_struct_conn_angle.ptnr2_label_comp_id 
_pdbx_struct_conn_angle.ptnr2_label_seq_id 
_pdbx_struct_conn_angle.ptnr2_auth_atom_id 
_pdbx_struct_conn_angle.ptnr2_auth_asym_id 
_pdbx_struct_conn_angle.ptnr2_auth_comp_id 
_pdbx_struct_conn_angle.ptnr2_auth_seq_id 
_pdbx_struct_conn_angle.ptnr2_PDB_ins_code 
_pdbx_struct_conn_angle.ptnr2_symmetry 
_pdbx_struct_conn_angle.ptnr3_label_atom_id 
_pdbx_struct_conn_angle.ptnr3_label_alt_id 
_pdbx_struct_conn_angle.ptnr3_label_asym_id 
_pdbx_struct_conn_angle.ptnr3_label_comp_id 
_pdbx_struct_conn_angle.ptnr3_label_seq_id 
_pdbx_struct_conn_angle.ptnr3_auth_atom_id 
_pdbx_struct_conn_angle.ptnr3_auth_asym_id 
_pdbx_struct_conn_angle.ptnr3_auth_comp_id 
_pdbx_struct_conn_angle.ptnr3_auth_seq_id 
_pdbx_struct_conn_angle.ptnr3_PDB_ins_code 
_pdbx_struct_conn_angle.ptnr3_symmetry 
_pdbx_struct_conn_angle.value 
_pdbx_struct_conn_angle.value_esd 
1  NE2 ? A HIS 99 ? A HIS 100 ? 1_555 MG ? B MG . ? A MG 223 ? 1_555 O11 ? C TAC . ? A TAC 222 ? 1_555 162.2 ? 
2  NE2 ? A HIS 99 ? A HIS 100 ? 1_555 MG ? B MG . ? A MG 223 ? 1_555 O12 ? C TAC . ? A TAC 222 ? 1_555 87.2  ? 
3  O11 ? C TAC .  ? A TAC 222 ? 1_555 MG ? B MG . ? A MG 223 ? 1_555 O12 ? C TAC . ? A TAC 222 ? 1_555 80.2  ? 
4  NE2 ? A HIS 99 ? A HIS 100 ? 1_555 MG ? B MG . ? A MG 223 ? 1_555 O   ? D HOH . ? A HOH 224 ? 1_555 87.3  ? 
5  O11 ? C TAC .  ? A TAC 222 ? 1_555 MG ? B MG . ? A MG 223 ? 1_555 O   ? D HOH . ? A HOH 224 ? 1_555 104.8 ? 
6  O12 ? C TAC .  ? A TAC 222 ? 1_555 MG ? B MG . ? A MG 223 ? 1_555 O   ? D HOH . ? A HOH 224 ? 1_555 174.3 ? 
7  NE2 ? A HIS 99 ? A HIS 100 ? 1_555 MG ? B MG . ? A MG 223 ? 1_555 O   ? D HOH . ? A HOH 225 ? 1_555 76.3  ? 
8  O11 ? C TAC .  ? A TAC 222 ? 1_555 MG ? B MG . ? A MG 223 ? 1_555 O   ? D HOH . ? A HOH 225 ? 1_555 114.9 ? 
9  O12 ? C TAC .  ? A TAC 222 ? 1_555 MG ? B MG . ? A MG 223 ? 1_555 O   ? D HOH . ? A HOH 225 ? 1_555 86.2  ? 
10 O   ? D HOH .  ? A HOH 224 ? 1_555 MG ? B MG . ? A MG 223 ? 1_555 O   ? D HOH . ? A HOH 225 ? 1_555 94.1  ? 
11 NE2 ? A HIS 99 ? A HIS 100 ? 1_555 MG ? B MG . ? A MG 223 ? 1_555 O   ? D HOH . ? A HOH 226 ? 1_555 71.0  ? 
12 O11 ? C TAC .  ? A TAC 222 ? 1_555 MG ? B MG . ? A MG 223 ? 1_555 O   ? D HOH . ? A HOH 226 ? 1_555 96.9  ? 
13 O12 ? C TAC .  ? A TAC 222 ? 1_555 MG ? B MG . ? A MG 223 ? 1_555 O   ? D HOH . ? A HOH 226 ? 1_555 92.4  ? 
14 O   ? D HOH .  ? A HOH 224 ? 1_555 MG ? B MG . ? A MG 223 ? 1_555 O   ? D HOH . ? A HOH 226 ? 1_555 84.3  ? 
15 O   ? D HOH .  ? A HOH 225 ? 1_555 MG ? B MG . ? A MG 223 ? 1_555 O   ? D HOH . ? A HOH 226 ? 1_555 147.3 ? 
# 
loop_
_struct_site.id 
_struct_site.pdbx_evidence_code 
_struct_site.pdbx_auth_asym_id 
_struct_site.pdbx_auth_comp_id 
_struct_site.pdbx_auth_seq_id 
_struct_site.pdbx_auth_ins_code 
_struct_site.pdbx_num_residues 
_struct_site.details 
AC1 Software A MG  223 ? 5  'BINDING SITE FOR RESIDUE MG A 223'  
AC2 Software A TAC 222 ? 15 'BINDING SITE FOR RESIDUE TAC A 222' 
# 
loop_
_struct_site_gen.id 
_struct_site_gen.site_id 
_struct_site_gen.pdbx_num_res 
_struct_site_gen.label_comp_id 
_struct_site_gen.label_asym_id 
_struct_site_gen.label_seq_id 
_struct_site_gen.pdbx_auth_ins_code 
_struct_site_gen.auth_comp_id 
_struct_site_gen.auth_asym_id 
_struct_site_gen.auth_seq_id 
_struct_site_gen.label_atom_id 
_struct_site_gen.label_alt_id 
_struct_site_gen.symmetry 
_struct_site_gen.details 
1  AC1 5  HIS A 99  ? HIS A 100 . ? 1_555  ? 
2  AC1 5  TAC C .   ? TAC A 222 . ? 1_555  ? 
3  AC1 5  HOH D .   ? HOH A 224 . ? 1_555  ? 
4  AC1 5  HOH D .   ? HOH A 225 . ? 1_555  ? 
5  AC1 5  HOH D .   ? HOH A 226 . ? 1_555  ? 
6  AC2 15 HIS A 63  ? HIS A 64  . ? 1_555  ? 
7  AC2 15 SER A 66  ? SER A 67  . ? 1_555  ? 
8  AC2 15 ASN A 81  ? ASN A 82  . ? 1_555  ? 
9  AC2 15 PHE A 85  ? PHE A 86  . ? 1_555  ? 
10 AC2 15 HIS A 99  ? HIS A 100 . ? 1_555  ? 
11 AC2 15 ARG A 103 ? ARG A 104 . ? 1_555  ? 
12 AC2 15 PRO A 104 ? PRO A 105 . ? 1_555  ? 
13 AC2 15 VAL A 112 ? VAL A 113 . ? 1_555  ? 
14 AC2 15 GLN A 115 ? GLN A 116 . ? 1_555  ? 
15 AC2 15 ILE A 133 ? ILE A 134 . ? 1_555  ? 
16 AC2 15 SER A 137 ? SER A 138 . ? 1_555  ? 
17 AC2 15 LEU A 173 ? LEU A 174 . ? 10_665 ? 
18 AC2 15 MG  B .   ? MG  A 223 . ? 1_555  ? 
19 AC2 15 HOH D .   ? HOH A 225 . ? 1_555  ? 
20 AC2 15 HOH D .   ? HOH A 226 . ? 1_555  ? 
# 
loop_
_pdbx_validate_rmsd_bond.id 
_pdbx_validate_rmsd_bond.PDB_model_num 
_pdbx_validate_rmsd_bond.auth_atom_id_1 
_pdbx_validate_rmsd_bond.auth_asym_id_1 
_pdbx_validate_rmsd_bond.auth_comp_id_1 
_pdbx_validate_rmsd_bond.auth_seq_id_1 
_pdbx_validate_rmsd_bond.PDB_ins_code_1 
_pdbx_validate_rmsd_bond.label_alt_id_1 
_pdbx_validate_rmsd_bond.auth_atom_id_2 
_pdbx_validate_rmsd_bond.auth_asym_id_2 
_pdbx_validate_rmsd_bond.auth_comp_id_2 
_pdbx_validate_rmsd_bond.auth_seq_id_2 
_pdbx_validate_rmsd_bond.PDB_ins_code_2 
_pdbx_validate_rmsd_bond.label_alt_id_2 
_pdbx_validate_rmsd_bond.bond_value 
_pdbx_validate_rmsd_bond.bond_target_value 
_pdbx_validate_rmsd_bond.bond_deviation 
_pdbx_validate_rmsd_bond.bond_standard_deviation 
_pdbx_validate_rmsd_bond.linker_flag 
1 1 NE2 A HIS 44  ? ? CD2 A HIS 44  ? ? 1.307 1.373 -0.066 0.011 N 
2 1 NE2 A HIS 63  ? ? CD2 A HIS 63  ? ? 1.302 1.373 -0.071 0.011 N 
3 1 NE2 A HIS 64  ? ? CD2 A HIS 64  ? ? 1.295 1.373 -0.078 0.011 N 
4 1 NE2 A HIS 188 ? ? CD2 A HIS 188 ? ? 1.307 1.373 -0.066 0.011 N 
# 
loop_
_pdbx_validate_rmsd_angle.id 
_pdbx_validate_rmsd_angle.PDB_model_num 
_pdbx_validate_rmsd_angle.auth_atom_id_1 
_pdbx_validate_rmsd_angle.auth_asym_id_1 
_pdbx_validate_rmsd_angle.auth_comp_id_1 
_pdbx_validate_rmsd_angle.auth_seq_id_1 
_pdbx_validate_rmsd_angle.PDB_ins_code_1 
_pdbx_validate_rmsd_angle.label_alt_id_1 
_pdbx_validate_rmsd_angle.auth_atom_id_2 
_pdbx_validate_rmsd_angle.auth_asym_id_2 
_pdbx_validate_rmsd_angle.auth_comp_id_2 
_pdbx_validate_rmsd_angle.auth_seq_id_2 
_pdbx_validate_rmsd_angle.PDB_ins_code_2 
_pdbx_validate_rmsd_angle.label_alt_id_2 
_pdbx_validate_rmsd_angle.auth_atom_id_3 
_pdbx_validate_rmsd_angle.auth_asym_id_3 
_pdbx_validate_rmsd_angle.auth_comp_id_3 
_pdbx_validate_rmsd_angle.auth_seq_id_3 
_pdbx_validate_rmsd_angle.PDB_ins_code_3 
_pdbx_validate_rmsd_angle.label_alt_id_3 
_pdbx_validate_rmsd_angle.angle_value 
_pdbx_validate_rmsd_angle.angle_target_value 
_pdbx_validate_rmsd_angle.angle_deviation 
_pdbx_validate_rmsd_angle.angle_standard_deviation 
_pdbx_validate_rmsd_angle.linker_flag 
1  1 NE  A ARG 28  ? ? CZ  A ARG 28  ? ? NH1 A ARG 28  ? ? 123.43 120.30 3.13  0.50 N 
2  1 CB  A TYR 42  ? ? CG  A TYR 42  ? ? CD1 A TYR 42  ? ? 117.04 121.00 -3.96 0.60 N 
3  1 CE2 A TRP 43  ? ? CD2 A TRP 43  ? ? CG  A TRP 43  ? ? 102.27 107.30 -5.03 0.80 N 
4  1 NE  A ARG 62  ? ? CZ  A ARG 62  ? ? NH2 A ARG 62  ? ? 116.78 120.30 -3.52 0.50 N 
5  1 CB  A TYR 66  ? ? CG  A TYR 66  ? ? CD2 A TYR 66  ? ? 116.99 121.00 -4.01 0.60 N 
6  1 CD1 A TRP 75  ? ? CG  A TRP 75  ? ? CD2 A TRP 75  ? ? 112.90 106.30 6.60  0.80 N 
7  1 CB  A TRP 75  ? ? CG  A TRP 75  ? ? CD1 A TRP 75  ? ? 119.12 127.00 -7.88 1.30 N 
8  1 CE2 A TRP 75  ? ? CD2 A TRP 75  ? ? CG  A TRP 75  ? ? 100.83 107.30 -6.47 0.80 N 
9  1 CG  A TRP 75  ? ? CD2 A TRP 75  ? ? CE3 A TRP 75  ? ? 139.59 133.90 5.69  0.90 N 
10 1 CG  A ARG 94  ? ? CD  A ARG 94  ? ? NE  A ARG 94  ? ? 124.64 111.80 12.84 2.10 N 
11 1 NE  A ARG 94  ? ? CZ  A ARG 94  ? ? NH2 A ARG 94  ? ? 116.00 120.30 -4.30 0.50 N 
12 1 NE  A ARG 171 ? ? CZ  A ARG 171 ? ? NH1 A ARG 171 ? ? 124.53 120.30 4.23  0.50 N 
# 
loop_
_pdbx_validate_torsion.id 
_pdbx_validate_torsion.PDB_model_num 
_pdbx_validate_torsion.auth_comp_id 
_pdbx_validate_torsion.auth_asym_id 
_pdbx_validate_torsion.auth_seq_id 
_pdbx_validate_torsion.PDB_ins_code 
_pdbx_validate_torsion.label_alt_id 
_pdbx_validate_torsion.phi 
_pdbx_validate_torsion.psi 
1 1 LEU A 101 ? ? -37.61 132.97 
2 1 ALA A 154 ? ? -85.22 48.25  
3 1 SER A 179 ? ? -36.10 -32.65 
4 1 ASP A 181 ? ? -59.66 -6.70  
5 1 LEU A 204 ? ? 44.85  -98.29 
# 
_pdbx_validate_chiral.id              1 
_pdbx_validate_chiral.PDB_model_num   1 
_pdbx_validate_chiral.auth_atom_id    C4 
_pdbx_validate_chiral.label_alt_id    ? 
_pdbx_validate_chiral.auth_asym_id    A 
_pdbx_validate_chiral.auth_comp_id    TAC 
_pdbx_validate_chiral.auth_seq_id     222 
_pdbx_validate_chiral.PDB_ins_code    ? 
_pdbx_validate_chiral.details         PLANAR 
_pdbx_validate_chiral.omega           . 
# 
_pdbx_struct_special_symmetry.id              1 
_pdbx_struct_special_symmetry.PDB_model_num   1 
_pdbx_struct_special_symmetry.auth_asym_id    A 
_pdbx_struct_special_symmetry.auth_comp_id    HOH 
_pdbx_struct_special_symmetry.auth_seq_id     308 
_pdbx_struct_special_symmetry.PDB_ins_code    ? 
_pdbx_struct_special_symmetry.label_asym_id   D 
_pdbx_struct_special_symmetry.label_comp_id   HOH 
_pdbx_struct_special_symmetry.label_seq_id    . 
# 
_pdbx_database_remark.id     650 
_pdbx_database_remark.text   
;HELIX
THE PEPTIDE IS FOLDED INTO 10 ALPHA-HELICES WITH CONNECTING
TURNS AND LOOPS, WITHOUT ANY BETA-STRANDS.
;
# 
loop_
_pdbx_unobs_or_zero_occ_residues.id 
_pdbx_unobs_or_zero_occ_residues.PDB_model_num 
_pdbx_unobs_or_zero_occ_residues.polymer_flag 
_pdbx_unobs_or_zero_occ_residues.occupancy_flag 
_pdbx_unobs_or_zero_occ_residues.auth_asym_id 
_pdbx_unobs_or_zero_occ_residues.auth_comp_id 
_pdbx_unobs_or_zero_occ_residues.auth_seq_id 
_pdbx_unobs_or_zero_occ_residues.PDB_ins_code 
_pdbx_unobs_or_zero_occ_residues.label_asym_id 
_pdbx_unobs_or_zero_occ_residues.label_comp_id 
_pdbx_unobs_or_zero_occ_residues.label_seq_id 
1  1 Y 1 A THR 156 ? A THR 155 
2  1 Y 1 A ASP 157 ? A ASP 156 
3  1 Y 1 A ARG 158 ? A ARG 157 
4  1 Y 1 A PRO 159 ? A PRO 158 
5  1 Y 1 A ALA 160 ? A ALA 159 
6  1 Y 1 A ALA 161 ? A ALA 160 
7  1 Y 1 A PRO 162 ? A PRO 161 
8  1 Y 1 A ASP 163 ? A ASP 162 
9  1 Y 1 A GLU 164 ? A GLU 163 
10 1 Y 1 A GLY 209 ? A GLY 208 
11 1 Y 1 A GLY 210 ? A GLY 209 
12 1 Y 1 A ASP 211 ? A ASP 210 
13 1 Y 1 A LYS 212 ? A LYS 211 
14 1 Y 1 A LEU 213 ? A LEU 212 
15 1 Y 1 A ILE 214 ? A ILE 213 
16 1 Y 1 A ILE 215 ? A ILE 214 
17 1 Y 1 A PRO 216 ? A PRO 215 
18 1 Y 1 A PHE 217 ? A PHE 216 
19 1 Y 1 A CYS 218 ? A CYS 217 
# 
loop_
_chem_comp_atom.comp_id 
_chem_comp_atom.atom_id 
_chem_comp_atom.type_symbol 
_chem_comp_atom.pdbx_aromatic_flag 
_chem_comp_atom.pdbx_stereo_config 
_chem_comp_atom.pdbx_ordinal 
ALA N    N  N N 1   
ALA CA   C  N S 2   
ALA C    C  N N 3   
ALA O    O  N N 4   
ALA CB   C  N N 5   
ALA OXT  O  N N 6   
ALA H    H  N N 7   
ALA H2   H  N N 8   
ALA HA   H  N N 9   
ALA HB1  H  N N 10  
ALA HB2  H  N N 11  
ALA HB3  H  N N 12  
ALA HXT  H  N N 13  
ARG N    N  N N 14  
ARG CA   C  N S 15  
ARG C    C  N N 16  
ARG O    O  N N 17  
ARG CB   C  N N 18  
ARG CG   C  N N 19  
ARG CD   C  N N 20  
ARG NE   N  N N 21  
ARG CZ   C  N N 22  
ARG NH1  N  N N 23  
ARG NH2  N  N N 24  
ARG OXT  O  N N 25  
ARG H    H  N N 26  
ARG H2   H  N N 27  
ARG HA   H  N N 28  
ARG HB2  H  N N 29  
ARG HB3  H  N N 30  
ARG HG2  H  N N 31  
ARG HG3  H  N N 32  
ARG HD2  H  N N 33  
ARG HD3  H  N N 34  
ARG HE   H  N N 35  
ARG HH11 H  N N 36  
ARG HH12 H  N N 37  
ARG HH21 H  N N 38  
ARG HH22 H  N N 39  
ARG HXT  H  N N 40  
ASN N    N  N N 41  
ASN CA   C  N S 42  
ASN C    C  N N 43  
ASN O    O  N N 44  
ASN CB   C  N N 45  
ASN CG   C  N N 46  
ASN OD1  O  N N 47  
ASN ND2  N  N N 48  
ASN OXT  O  N N 49  
ASN H    H  N N 50  
ASN H2   H  N N 51  
ASN HA   H  N N 52  
ASN HB2  H  N N 53  
ASN HB3  H  N N 54  
ASN HD21 H  N N 55  
ASN HD22 H  N N 56  
ASN HXT  H  N N 57  
ASP N    N  N N 58  
ASP CA   C  N S 59  
ASP C    C  N N 60  
ASP O    O  N N 61  
ASP CB   C  N N 62  
ASP CG   C  N N 63  
ASP OD1  O  N N 64  
ASP OD2  O  N N 65  
ASP OXT  O  N N 66  
ASP H    H  N N 67  
ASP H2   H  N N 68  
ASP HA   H  N N 69  
ASP HB2  H  N N 70  
ASP HB3  H  N N 71  
ASP HD2  H  N N 72  
ASP HXT  H  N N 73  
CYS N    N  N N 74  
CYS CA   C  N R 75  
CYS C    C  N N 76  
CYS O    O  N N 77  
CYS CB   C  N N 78  
CYS SG   S  N N 79  
CYS OXT  O  N N 80  
CYS H    H  N N 81  
CYS H2   H  N N 82  
CYS HA   H  N N 83  
CYS HB2  H  N N 84  
CYS HB3  H  N N 85  
CYS HG   H  N N 86  
CYS HXT  H  N N 87  
GLN N    N  N N 88  
GLN CA   C  N S 89  
GLN C    C  N N 90  
GLN O    O  N N 91  
GLN CB   C  N N 92  
GLN CG   C  N N 93  
GLN CD   C  N N 94  
GLN OE1  O  N N 95  
GLN NE2  N  N N 96  
GLN OXT  O  N N 97  
GLN H    H  N N 98  
GLN H2   H  N N 99  
GLN HA   H  N N 100 
GLN HB2  H  N N 101 
GLN HB3  H  N N 102 
GLN HG2  H  N N 103 
GLN HG3  H  N N 104 
GLN HE21 H  N N 105 
GLN HE22 H  N N 106 
GLN HXT  H  N N 107 
GLU N    N  N N 108 
GLU CA   C  N S 109 
GLU C    C  N N 110 
GLU O    O  N N 111 
GLU CB   C  N N 112 
GLU CG   C  N N 113 
GLU CD   C  N N 114 
GLU OE1  O  N N 115 
GLU OE2  O  N N 116 
GLU OXT  O  N N 117 
GLU H    H  N N 118 
GLU H2   H  N N 119 
GLU HA   H  N N 120 
GLU HB2  H  N N 121 
GLU HB3  H  N N 122 
GLU HG2  H  N N 123 
GLU HG3  H  N N 124 
GLU HE2  H  N N 125 
GLU HXT  H  N N 126 
GLY N    N  N N 127 
GLY CA   C  N N 128 
GLY C    C  N N 129 
GLY O    O  N N 130 
GLY OXT  O  N N 131 
GLY H    H  N N 132 
GLY H2   H  N N 133 
GLY HA2  H  N N 134 
GLY HA3  H  N N 135 
GLY HXT  H  N N 136 
HIS N    N  N N 137 
HIS CA   C  N S 138 
HIS C    C  N N 139 
HIS O    O  N N 140 
HIS CB   C  N N 141 
HIS CG   C  Y N 142 
HIS ND1  N  Y N 143 
HIS CD2  C  Y N 144 
HIS CE1  C  Y N 145 
HIS NE2  N  Y N 146 
HIS OXT  O  N N 147 
HIS H    H  N N 148 
HIS H2   H  N N 149 
HIS HA   H  N N 150 
HIS HB2  H  N N 151 
HIS HB3  H  N N 152 
HIS HD1  H  N N 153 
HIS HD2  H  N N 154 
HIS HE1  H  N N 155 
HIS HE2  H  N N 156 
HIS HXT  H  N N 157 
HOH O    O  N N 158 
HOH H1   H  N N 159 
HOH H2   H  N N 160 
ILE N    N  N N 161 
ILE CA   C  N S 162 
ILE C    C  N N 163 
ILE O    O  N N 164 
ILE CB   C  N S 165 
ILE CG1  C  N N 166 
ILE CG2  C  N N 167 
ILE CD1  C  N N 168 
ILE OXT  O  N N 169 
ILE H    H  N N 170 
ILE H2   H  N N 171 
ILE HA   H  N N 172 
ILE HB   H  N N 173 
ILE HG12 H  N N 174 
ILE HG13 H  N N 175 
ILE HG21 H  N N 176 
ILE HG22 H  N N 177 
ILE HG23 H  N N 178 
ILE HD11 H  N N 179 
ILE HD12 H  N N 180 
ILE HD13 H  N N 181 
ILE HXT  H  N N 182 
LEU N    N  N N 183 
LEU CA   C  N S 184 
LEU C    C  N N 185 
LEU O    O  N N 186 
LEU CB   C  N N 187 
LEU CG   C  N N 188 
LEU CD1  C  N N 189 
LEU CD2  C  N N 190 
LEU OXT  O  N N 191 
LEU H    H  N N 192 
LEU H2   H  N N 193 
LEU HA   H  N N 194 
LEU HB2  H  N N 195 
LEU HB3  H  N N 196 
LEU HG   H  N N 197 
LEU HD11 H  N N 198 
LEU HD12 H  N N 199 
LEU HD13 H  N N 200 
LEU HD21 H  N N 201 
LEU HD22 H  N N 202 
LEU HD23 H  N N 203 
LEU HXT  H  N N 204 
LYS N    N  N N 205 
LYS CA   C  N S 206 
LYS C    C  N N 207 
LYS O    O  N N 208 
LYS CB   C  N N 209 
LYS CG   C  N N 210 
LYS CD   C  N N 211 
LYS CE   C  N N 212 
LYS NZ   N  N N 213 
LYS OXT  O  N N 214 
LYS H    H  N N 215 
LYS H2   H  N N 216 
LYS HA   H  N N 217 
LYS HB2  H  N N 218 
LYS HB3  H  N N 219 
LYS HG2  H  N N 220 
LYS HG3  H  N N 221 
LYS HD2  H  N N 222 
LYS HD3  H  N N 223 
LYS HE2  H  N N 224 
LYS HE3  H  N N 225 
LYS HZ1  H  N N 226 
LYS HZ2  H  N N 227 
LYS HZ3  H  N N 228 
LYS HXT  H  N N 229 
MET N    N  N N 230 
MET CA   C  N S 231 
MET C    C  N N 232 
MET O    O  N N 233 
MET CB   C  N N 234 
MET CG   C  N N 235 
MET SD   S  N N 236 
MET CE   C  N N 237 
MET OXT  O  N N 238 
MET H    H  N N 239 
MET H2   H  N N 240 
MET HA   H  N N 241 
MET HB2  H  N N 242 
MET HB3  H  N N 243 
MET HG2  H  N N 244 
MET HG3  H  N N 245 
MET HE1  H  N N 246 
MET HE2  H  N N 247 
MET HE3  H  N N 248 
MET HXT  H  N N 249 
MG  MG   MG N N 250 
PHE N    N  N N 251 
PHE CA   C  N S 252 
PHE C    C  N N 253 
PHE O    O  N N 254 
PHE CB   C  N N 255 
PHE CG   C  Y N 256 
PHE CD1  C  Y N 257 
PHE CD2  C  Y N 258 
PHE CE1  C  Y N 259 
PHE CE2  C  Y N 260 
PHE CZ   C  Y N 261 
PHE OXT  O  N N 262 
PHE H    H  N N 263 
PHE H2   H  N N 264 
PHE HA   H  N N 265 
PHE HB2  H  N N 266 
PHE HB3  H  N N 267 
PHE HD1  H  N N 268 
PHE HD2  H  N N 269 
PHE HE1  H  N N 270 
PHE HE2  H  N N 271 
PHE HZ   H  N N 272 
PHE HXT  H  N N 273 
PRO N    N  N N 274 
PRO CA   C  N S 275 
PRO C    C  N N 276 
PRO O    O  N N 277 
PRO CB   C  N N 278 
PRO CG   C  N N 279 
PRO CD   C  N N 280 
PRO OXT  O  N N 281 
PRO H    H  N N 282 
PRO HA   H  N N 283 
PRO HB2  H  N N 284 
PRO HB3  H  N N 285 
PRO HG2  H  N N 286 
PRO HG3  H  N N 287 
PRO HD2  H  N N 288 
PRO HD3  H  N N 289 
PRO HXT  H  N N 290 
SER N    N  N N 291 
SER CA   C  N S 292 
SER C    C  N N 293 
SER O    O  N N 294 
SER CB   C  N N 295 
SER OG   O  N N 296 
SER OXT  O  N N 297 
SER H    H  N N 298 
SER H2   H  N N 299 
SER HA   H  N N 300 
SER HB2  H  N N 301 
SER HB3  H  N N 302 
SER HG   H  N N 303 
SER HXT  H  N N 304 
TAC C1   C  N N 305 
TAC O1   O  N N 306 
TAC C2   C  N N 307 
TAC C21  C  N N 308 
TAC O21  O  N N 309 
TAC N21  N  N N 310 
TAC C3   C  N N 311 
TAC O3   O  N N 312 
TAC C4   C  N S 313 
TAC N4   N  N N 314 
TAC C42  C  N N 315 
TAC C43  C  N N 316 
TAC C41  C  N S 317 
TAC C5   C  N N 318 
TAC C51  C  N S 319 
TAC C6   C  N S 320 
TAC C62  C  N N 321 
TAC O6   O  N N 322 
TAC C61  C  Y N 323 
TAC C7   C  Y N 324 
TAC C8   C  Y N 325 
TAC C9   C  Y N 326 
TAC C10  C  Y N 327 
TAC O10  O  N N 328 
TAC C1A  C  Y N 329 
TAC C11  C  N N 330 
TAC O11  O  N N 331 
TAC C1B  C  N N 332 
TAC C12  C  N N 333 
TAC O12  O  N N 334 
TAC C1C  C  N S 335 
TAC O1C  O  N N 336 
TAC HN21 H  N N 337 
TAC HN22 H  N N 338 
TAC HO3  H  N N 339 
TAC H4   H  N N 340 
TAC H421 H  N N 341 
TAC H422 H  N N 342 
TAC H423 H  N N 343 
TAC H431 H  N N 344 
TAC H432 H  N N 345 
TAC H433 H  N N 346 
TAC H41  H  N N 347 
TAC H51A H  N N 348 
TAC H52  H  N N 349 
TAC H51  H  N N 350 
TAC H621 H  N N 351 
TAC H622 H  N N 352 
TAC H623 H  N N 353 
TAC HO6  H  N N 354 
TAC H7   H  N N 355 
TAC H8   H  N N 356 
TAC H9   H  N N 357 
TAC HO1  H  N N 358 
TAC HO2  H  N N 359 
TAC HOC  H  N N 360 
THR N    N  N N 361 
THR CA   C  N S 362 
THR C    C  N N 363 
THR O    O  N N 364 
THR CB   C  N R 365 
THR OG1  O  N N 366 
THR CG2  C  N N 367 
THR OXT  O  N N 368 
THR H    H  N N 369 
THR H2   H  N N 370 
THR HA   H  N N 371 
THR HB   H  N N 372 
THR HG1  H  N N 373 
THR HG21 H  N N 374 
THR HG22 H  N N 375 
THR HG23 H  N N 376 
THR HXT  H  N N 377 
TRP N    N  N N 378 
TRP CA   C  N S 379 
TRP C    C  N N 380 
TRP O    O  N N 381 
TRP CB   C  N N 382 
TRP CG   C  Y N 383 
TRP CD1  C  Y N 384 
TRP CD2  C  Y N 385 
TRP NE1  N  Y N 386 
TRP CE2  C  Y N 387 
TRP CE3  C  Y N 388 
TRP CZ2  C  Y N 389 
TRP CZ3  C  Y N 390 
TRP CH2  C  Y N 391 
TRP OXT  O  N N 392 
TRP H    H  N N 393 
TRP H2   H  N N 394 
TRP HA   H  N N 395 
TRP HB2  H  N N 396 
TRP HB3  H  N N 397 
TRP HD1  H  N N 398 
TRP HE1  H  N N 399 
TRP HE3  H  N N 400 
TRP HZ2  H  N N 401 
TRP HZ3  H  N N 402 
TRP HH2  H  N N 403 
TRP HXT  H  N N 404 
TYR N    N  N N 405 
TYR CA   C  N S 406 
TYR C    C  N N 407 
TYR O    O  N N 408 
TYR CB   C  N N 409 
TYR CG   C  Y N 410 
TYR CD1  C  Y N 411 
TYR CD2  C  Y N 412 
TYR CE1  C  Y N 413 
TYR CE2  C  Y N 414 
TYR CZ   C  Y N 415 
TYR OH   O  N N 416 
TYR OXT  O  N N 417 
TYR H    H  N N 418 
TYR H2   H  N N 419 
TYR HA   H  N N 420 
TYR HB2  H  N N 421 
TYR HB3  H  N N 422 
TYR HD1  H  N N 423 
TYR HD2  H  N N 424 
TYR HE1  H  N N 425 
TYR HE2  H  N N 426 
TYR HH   H  N N 427 
TYR HXT  H  N N 428 
VAL N    N  N N 429 
VAL CA   C  N S 430 
VAL C    C  N N 431 
VAL O    O  N N 432 
VAL CB   C  N N 433 
VAL CG1  C  N N 434 
VAL CG2  C  N N 435 
VAL OXT  O  N N 436 
VAL H    H  N N 437 
VAL H2   H  N N 438 
VAL HA   H  N N 439 
VAL HB   H  N N 440 
VAL HG11 H  N N 441 
VAL HG12 H  N N 442 
VAL HG13 H  N N 443 
VAL HG21 H  N N 444 
VAL HG22 H  N N 445 
VAL HG23 H  N N 446 
VAL HXT  H  N N 447 
# 
loop_
_chem_comp_bond.comp_id 
_chem_comp_bond.atom_id_1 
_chem_comp_bond.atom_id_2 
_chem_comp_bond.value_order 
_chem_comp_bond.pdbx_aromatic_flag 
_chem_comp_bond.pdbx_stereo_config 
_chem_comp_bond.pdbx_ordinal 
ALA N   CA   sing N N 1   
ALA N   H    sing N N 2   
ALA N   H2   sing N N 3   
ALA CA  C    sing N N 4   
ALA CA  CB   sing N N 5   
ALA CA  HA   sing N N 6   
ALA C   O    doub N N 7   
ALA C   OXT  sing N N 8   
ALA CB  HB1  sing N N 9   
ALA CB  HB2  sing N N 10  
ALA CB  HB3  sing N N 11  
ALA OXT HXT  sing N N 12  
ARG N   CA   sing N N 13  
ARG N   H    sing N N 14  
ARG N   H2   sing N N 15  
ARG CA  C    sing N N 16  
ARG CA  CB   sing N N 17  
ARG CA  HA   sing N N 18  
ARG C   O    doub N N 19  
ARG C   OXT  sing N N 20  
ARG CB  CG   sing N N 21  
ARG CB  HB2  sing N N 22  
ARG CB  HB3  sing N N 23  
ARG CG  CD   sing N N 24  
ARG CG  HG2  sing N N 25  
ARG CG  HG3  sing N N 26  
ARG CD  NE   sing N N 27  
ARG CD  HD2  sing N N 28  
ARG CD  HD3  sing N N 29  
ARG NE  CZ   sing N N 30  
ARG NE  HE   sing N N 31  
ARG CZ  NH1  sing N N 32  
ARG CZ  NH2  doub N N 33  
ARG NH1 HH11 sing N N 34  
ARG NH1 HH12 sing N N 35  
ARG NH2 HH21 sing N N 36  
ARG NH2 HH22 sing N N 37  
ARG OXT HXT  sing N N 38  
ASN N   CA   sing N N 39  
ASN N   H    sing N N 40  
ASN N   H2   sing N N 41  
ASN CA  C    sing N N 42  
ASN CA  CB   sing N N 43  
ASN CA  HA   sing N N 44  
ASN C   O    doub N N 45  
ASN C   OXT  sing N N 46  
ASN CB  CG   sing N N 47  
ASN CB  HB2  sing N N 48  
ASN CB  HB3  sing N N 49  
ASN CG  OD1  doub N N 50  
ASN CG  ND2  sing N N 51  
ASN ND2 HD21 sing N N 52  
ASN ND2 HD22 sing N N 53  
ASN OXT HXT  sing N N 54  
ASP N   CA   sing N N 55  
ASP N   H    sing N N 56  
ASP N   H2   sing N N 57  
ASP CA  C    sing N N 58  
ASP CA  CB   sing N N 59  
ASP CA  HA   sing N N 60  
ASP C   O    doub N N 61  
ASP C   OXT  sing N N 62  
ASP CB  CG   sing N N 63  
ASP CB  HB2  sing N N 64  
ASP CB  HB3  sing N N 65  
ASP CG  OD1  doub N N 66  
ASP CG  OD2  sing N N 67  
ASP OD2 HD2  sing N N 68  
ASP OXT HXT  sing N N 69  
CYS N   CA   sing N N 70  
CYS N   H    sing N N 71  
CYS N   H2   sing N N 72  
CYS CA  C    sing N N 73  
CYS CA  CB   sing N N 74  
CYS CA  HA   sing N N 75  
CYS C   O    doub N N 76  
CYS C   OXT  sing N N 77  
CYS CB  SG   sing N N 78  
CYS CB  HB2  sing N N 79  
CYS CB  HB3  sing N N 80  
CYS SG  HG   sing N N 81  
CYS OXT HXT  sing N N 82  
GLN N   CA   sing N N 83  
GLN N   H    sing N N 84  
GLN N   H2   sing N N 85  
GLN CA  C    sing N N 86  
GLN CA  CB   sing N N 87  
GLN CA  HA   sing N N 88  
GLN C   O    doub N N 89  
GLN C   OXT  sing N N 90  
GLN CB  CG   sing N N 91  
GLN CB  HB2  sing N N 92  
GLN CB  HB3  sing N N 93  
GLN CG  CD   sing N N 94  
GLN CG  HG2  sing N N 95  
GLN CG  HG3  sing N N 96  
GLN CD  OE1  doub N N 97  
GLN CD  NE2  sing N N 98  
GLN NE2 HE21 sing N N 99  
GLN NE2 HE22 sing N N 100 
GLN OXT HXT  sing N N 101 
GLU N   CA   sing N N 102 
GLU N   H    sing N N 103 
GLU N   H2   sing N N 104 
GLU CA  C    sing N N 105 
GLU CA  CB   sing N N 106 
GLU CA  HA   sing N N 107 
GLU C   O    doub N N 108 
GLU C   OXT  sing N N 109 
GLU CB  CG   sing N N 110 
GLU CB  HB2  sing N N 111 
GLU CB  HB3  sing N N 112 
GLU CG  CD   sing N N 113 
GLU CG  HG2  sing N N 114 
GLU CG  HG3  sing N N 115 
GLU CD  OE1  doub N N 116 
GLU CD  OE2  sing N N 117 
GLU OE2 HE2  sing N N 118 
GLU OXT HXT  sing N N 119 
GLY N   CA   sing N N 120 
GLY N   H    sing N N 121 
GLY N   H2   sing N N 122 
GLY CA  C    sing N N 123 
GLY CA  HA2  sing N N 124 
GLY CA  HA3  sing N N 125 
GLY C   O    doub N N 126 
GLY C   OXT  sing N N 127 
GLY OXT HXT  sing N N 128 
HIS N   CA   sing N N 129 
HIS N   H    sing N N 130 
HIS N   H2   sing N N 131 
HIS CA  C    sing N N 132 
HIS CA  CB   sing N N 133 
HIS CA  HA   sing N N 134 
HIS C   O    doub N N 135 
HIS C   OXT  sing N N 136 
HIS CB  CG   sing N N 137 
HIS CB  HB2  sing N N 138 
HIS CB  HB3  sing N N 139 
HIS CG  ND1  sing Y N 140 
HIS CG  CD2  doub Y N 141 
HIS ND1 CE1  doub Y N 142 
HIS ND1 HD1  sing N N 143 
HIS CD2 NE2  sing Y N 144 
HIS CD2 HD2  sing N N 145 
HIS CE1 NE2  sing Y N 146 
HIS CE1 HE1  sing N N 147 
HIS NE2 HE2  sing N N 148 
HIS OXT HXT  sing N N 149 
HOH O   H1   sing N N 150 
HOH O   H2   sing N N 151 
ILE N   CA   sing N N 152 
ILE N   H    sing N N 153 
ILE N   H2   sing N N 154 
ILE CA  C    sing N N 155 
ILE CA  CB   sing N N 156 
ILE CA  HA   sing N N 157 
ILE C   O    doub N N 158 
ILE C   OXT  sing N N 159 
ILE CB  CG1  sing N N 160 
ILE CB  CG2  sing N N 161 
ILE CB  HB   sing N N 162 
ILE CG1 CD1  sing N N 163 
ILE CG1 HG12 sing N N 164 
ILE CG1 HG13 sing N N 165 
ILE CG2 HG21 sing N N 166 
ILE CG2 HG22 sing N N 167 
ILE CG2 HG23 sing N N 168 
ILE CD1 HD11 sing N N 169 
ILE CD1 HD12 sing N N 170 
ILE CD1 HD13 sing N N 171 
ILE OXT HXT  sing N N 172 
LEU N   CA   sing N N 173 
LEU N   H    sing N N 174 
LEU N   H2   sing N N 175 
LEU CA  C    sing N N 176 
LEU CA  CB   sing N N 177 
LEU CA  HA   sing N N 178 
LEU C   O    doub N N 179 
LEU C   OXT  sing N N 180 
LEU CB  CG   sing N N 181 
LEU CB  HB2  sing N N 182 
LEU CB  HB3  sing N N 183 
LEU CG  CD1  sing N N 184 
LEU CG  CD2  sing N N 185 
LEU CG  HG   sing N N 186 
LEU CD1 HD11 sing N N 187 
LEU CD1 HD12 sing N N 188 
LEU CD1 HD13 sing N N 189 
LEU CD2 HD21 sing N N 190 
LEU CD2 HD22 sing N N 191 
LEU CD2 HD23 sing N N 192 
LEU OXT HXT  sing N N 193 
LYS N   CA   sing N N 194 
LYS N   H    sing N N 195 
LYS N   H2   sing N N 196 
LYS CA  C    sing N N 197 
LYS CA  CB   sing N N 198 
LYS CA  HA   sing N N 199 
LYS C   O    doub N N 200 
LYS C   OXT  sing N N 201 
LYS CB  CG   sing N N 202 
LYS CB  HB2  sing N N 203 
LYS CB  HB3  sing N N 204 
LYS CG  CD   sing N N 205 
LYS CG  HG2  sing N N 206 
LYS CG  HG3  sing N N 207 
LYS CD  CE   sing N N 208 
LYS CD  HD2  sing N N 209 
LYS CD  HD3  sing N N 210 
LYS CE  NZ   sing N N 211 
LYS CE  HE2  sing N N 212 
LYS CE  HE3  sing N N 213 
LYS NZ  HZ1  sing N N 214 
LYS NZ  HZ2  sing N N 215 
LYS NZ  HZ3  sing N N 216 
LYS OXT HXT  sing N N 217 
MET N   CA   sing N N 218 
MET N   H    sing N N 219 
MET N   H2   sing N N 220 
MET CA  C    sing N N 221 
MET CA  CB   sing N N 222 
MET CA  HA   sing N N 223 
MET C   O    doub N N 224 
MET C   OXT  sing N N 225 
MET CB  CG   sing N N 226 
MET CB  HB2  sing N N 227 
MET CB  HB3  sing N N 228 
MET CG  SD   sing N N 229 
MET CG  HG2  sing N N 230 
MET CG  HG3  sing N N 231 
MET SD  CE   sing N N 232 
MET CE  HE1  sing N N 233 
MET CE  HE2  sing N N 234 
MET CE  HE3  sing N N 235 
MET OXT HXT  sing N N 236 
PHE N   CA   sing N N 237 
PHE N   H    sing N N 238 
PHE N   H2   sing N N 239 
PHE CA  C    sing N N 240 
PHE CA  CB   sing N N 241 
PHE CA  HA   sing N N 242 
PHE C   O    doub N N 243 
PHE C   OXT  sing N N 244 
PHE CB  CG   sing N N 245 
PHE CB  HB2  sing N N 246 
PHE CB  HB3  sing N N 247 
PHE CG  CD1  doub Y N 248 
PHE CG  CD2  sing Y N 249 
PHE CD1 CE1  sing Y N 250 
PHE CD1 HD1  sing N N 251 
PHE CD2 CE2  doub Y N 252 
PHE CD2 HD2  sing N N 253 
PHE CE1 CZ   doub Y N 254 
PHE CE1 HE1  sing N N 255 
PHE CE2 CZ   sing Y N 256 
PHE CE2 HE2  sing N N 257 
PHE CZ  HZ   sing N N 258 
PHE OXT HXT  sing N N 259 
PRO N   CA   sing N N 260 
PRO N   CD   sing N N 261 
PRO N   H    sing N N 262 
PRO CA  C    sing N N 263 
PRO CA  CB   sing N N 264 
PRO CA  HA   sing N N 265 
PRO C   O    doub N N 266 
PRO C   OXT  sing N N 267 
PRO CB  CG   sing N N 268 
PRO CB  HB2  sing N N 269 
PRO CB  HB3  sing N N 270 
PRO CG  CD   sing N N 271 
PRO CG  HG2  sing N N 272 
PRO CG  HG3  sing N N 273 
PRO CD  HD2  sing N N 274 
PRO CD  HD3  sing N N 275 
PRO OXT HXT  sing N N 276 
SER N   CA   sing N N 277 
SER N   H    sing N N 278 
SER N   H2   sing N N 279 
SER CA  C    sing N N 280 
SER CA  CB   sing N N 281 
SER CA  HA   sing N N 282 
SER C   O    doub N N 283 
SER C   OXT  sing N N 284 
SER CB  OG   sing N N 285 
SER CB  HB2  sing N N 286 
SER CB  HB3  sing N N 287 
SER OG  HG   sing N N 288 
SER OXT HXT  sing N N 289 
TAC C1  O1   doub N N 290 
TAC C1  C2   sing N N 291 
TAC C1  C1C  sing N N 292 
TAC C2  C21  sing N N 293 
TAC C2  C3   doub N N 294 
TAC C21 O21  doub N N 295 
TAC C21 N21  sing N N 296 
TAC N21 HN21 sing N N 297 
TAC N21 HN22 sing N N 298 
TAC C3  O3   sing N N 299 
TAC C3  C4   sing N N 300 
TAC O3  HO3  sing N N 301 
TAC C4  N4   sing N N 302 
TAC C4  C41  sing N N 303 
TAC C4  H4   sing N N 304 
TAC N4  C42  sing N N 305 
TAC N4  C43  sing N N 306 
TAC C42 H421 sing N N 307 
TAC C42 H422 sing N N 308 
TAC C42 H423 sing N N 309 
TAC C43 H431 sing N N 310 
TAC C43 H432 sing N N 311 
TAC C43 H433 sing N N 312 
TAC C41 C5   sing N N 313 
TAC C41 C1C  sing N N 314 
TAC C41 H41  sing N N 315 
TAC C5  C51  sing N N 316 
TAC C5  H51A sing N N 317 
TAC C5  H52  sing N N 318 
TAC C51 C6   sing N N 319 
TAC C51 C1B  sing N N 320 
TAC C51 H51  sing N N 321 
TAC C6  C62  sing N N 322 
TAC C6  O6   sing N N 323 
TAC C6  C61  sing N N 324 
TAC C62 H621 sing N N 325 
TAC C62 H622 sing N N 326 
TAC C62 H623 sing N N 327 
TAC O6  HO6  sing N N 328 
TAC C61 C7   doub Y N 329 
TAC C61 C1A  sing Y N 330 
TAC C7  C8   sing Y N 331 
TAC C7  H7   sing N N 332 
TAC C8  C9   doub Y N 333 
TAC C8  H8   sing N N 334 
TAC C9  C10  sing Y N 335 
TAC C9  H9   sing N N 336 
TAC C10 O10  sing N N 337 
TAC C10 C1A  doub Y N 338 
TAC O10 HO1  sing N N 339 
TAC C1A C11  sing N N 340 
TAC C11 O11  doub N N 341 
TAC C11 C1B  sing N N 342 
TAC C1B C12  doub N N 343 
TAC C12 O12  sing N N 344 
TAC C12 C1C  sing N N 345 
TAC O12 HO2  sing N N 346 
TAC C1C O1C  sing N N 347 
TAC O1C HOC  sing N N 348 
THR N   CA   sing N N 349 
THR N   H    sing N N 350 
THR N   H2   sing N N 351 
THR CA  C    sing N N 352 
THR CA  CB   sing N N 353 
THR CA  HA   sing N N 354 
THR C   O    doub N N 355 
THR C   OXT  sing N N 356 
THR CB  OG1  sing N N 357 
THR CB  CG2  sing N N 358 
THR CB  HB   sing N N 359 
THR OG1 HG1  sing N N 360 
THR CG2 HG21 sing N N 361 
THR CG2 HG22 sing N N 362 
THR CG2 HG23 sing N N 363 
THR OXT HXT  sing N N 364 
TRP N   CA   sing N N 365 
TRP N   H    sing N N 366 
TRP N   H2   sing N N 367 
TRP CA  C    sing N N 368 
TRP CA  CB   sing N N 369 
TRP CA  HA   sing N N 370 
TRP C   O    doub N N 371 
TRP C   OXT  sing N N 372 
TRP CB  CG   sing N N 373 
TRP CB  HB2  sing N N 374 
TRP CB  HB3  sing N N 375 
TRP CG  CD1  doub Y N 376 
TRP CG  CD2  sing Y N 377 
TRP CD1 NE1  sing Y N 378 
TRP CD1 HD1  sing N N 379 
TRP CD2 CE2  doub Y N 380 
TRP CD2 CE3  sing Y N 381 
TRP NE1 CE2  sing Y N 382 
TRP NE1 HE1  sing N N 383 
TRP CE2 CZ2  sing Y N 384 
TRP CE3 CZ3  doub Y N 385 
TRP CE3 HE3  sing N N 386 
TRP CZ2 CH2  doub Y N 387 
TRP CZ2 HZ2  sing N N 388 
TRP CZ3 CH2  sing Y N 389 
TRP CZ3 HZ3  sing N N 390 
TRP CH2 HH2  sing N N 391 
TRP OXT HXT  sing N N 392 
TYR N   CA   sing N N 393 
TYR N   H    sing N N 394 
TYR N   H2   sing N N 395 
TYR CA  C    sing N N 396 
TYR CA  CB   sing N N 397 
TYR CA  HA   sing N N 398 
TYR C   O    doub N N 399 
TYR C   OXT  sing N N 400 
TYR CB  CG   sing N N 401 
TYR CB  HB2  sing N N 402 
TYR CB  HB3  sing N N 403 
TYR CG  CD1  doub Y N 404 
TYR CG  CD2  sing Y N 405 
TYR CD1 CE1  sing Y N 406 
TYR CD1 HD1  sing N N 407 
TYR CD2 CE2  doub Y N 408 
TYR CD2 HD2  sing N N 409 
TYR CE1 CZ   doub Y N 410 
TYR CE1 HE1  sing N N 411 
TYR CE2 CZ   sing Y N 412 
TYR CE2 HE2  sing N N 413 
TYR CZ  OH   sing N N 414 
TYR OH  HH   sing N N 415 
TYR OXT HXT  sing N N 416 
VAL N   CA   sing N N 417 
VAL N   H    sing N N 418 
VAL N   H2   sing N N 419 
VAL CA  C    sing N N 420 
VAL CA  CB   sing N N 421 
VAL CA  HA   sing N N 422 
VAL C   O    doub N N 423 
VAL C   OXT  sing N N 424 
VAL CB  CG1  sing N N 425 
VAL CB  CG2  sing N N 426 
VAL CB  HB   sing N N 427 
VAL CG1 HG11 sing N N 428 
VAL CG1 HG12 sing N N 429 
VAL CG1 HG13 sing N N 430 
VAL CG2 HG21 sing N N 431 
VAL CG2 HG22 sing N N 432 
VAL CG2 HG23 sing N N 433 
VAL OXT HXT  sing N N 434 
# 
_atom_sites.entry_id                    2TRT 
_atom_sites.fract_transf_matrix[1][1]   -0.00126243 
_atom_sites.fract_transf_matrix[1][2]   0.01426036 
_atom_sites.fract_transf_matrix[1][3]   0.00304800 
_atom_sites.fract_transf_matrix[2][1]   0.01433164 
_atom_sites.fract_transf_matrix[2][2]   0.00177830 
_atom_sites.fract_transf_matrix[2][3]   -0.00238403 
_atom_sites.fract_transf_matrix[3][1]   -0.00101578 
_atom_sites.fract_transf_matrix[3][2]   0.00104814 
_atom_sites.fract_transf_matrix[3][3]   -0.00532457 
_atom_sites.fract_transf_vector[1]      0.373912 
_atom_sites.fract_transf_vector[2]      0.440445 
_atom_sites.fract_transf_vector[3]      0.172190 
# 
loop_
_atom_type.symbol 
C  
MG 
N  
O  
S  
# 
loop_
_atom_site.group_PDB 
_atom_site.id 
_atom_site.type_symbol 
_atom_site.label_atom_id 
_atom_site.label_alt_id 
_atom_site.label_comp_id 
_atom_site.label_asym_id 
_atom_site.label_entity_id 
_atom_site.label_seq_id 
_atom_site.pdbx_PDB_ins_code 
_atom_site.Cartn_x 
_atom_site.Cartn_y 
_atom_site.Cartn_z 
_atom_site.occupancy 
_atom_site.B_iso_or_equiv 
_atom_site.pdbx_formal_charge 
_atom_site.auth_seq_id 
_atom_site.auth_comp_id 
_atom_site.auth_asym_id 
_atom_site.auth_atom_id 
_atom_site.pdbx_PDB_model_num 
ATOM   1    N  N   . ALA A 1 1   ? -2.755  -19.223 23.878  1.00 53.19 ? 2   ALA A N   1 
ATOM   2    C  CA  . ALA A 1 1   ? -2.929  -18.835 22.481  1.00 48.27 ? 2   ALA A CA  1 
ATOM   3    C  C   . ALA A 1 1   ? -2.168  -19.841 21.651  1.00 47.77 ? 2   ALA A C   1 
ATOM   4    O  O   . ALA A 1 1   ? -1.287  -20.455 22.254  1.00 49.04 ? 2   ALA A O   1 
ATOM   5    C  CB  . ALA A 1 1   ? -2.321  -17.475 22.192  1.00 48.67 ? 2   ALA A CB  1 
ATOM   6    N  N   . ARG A 1 2   ? -2.396  -20.095 20.344  1.00 49.12 ? 3   ARG A N   1 
ATOM   7    C  CA  . ARG A 1 2   ? -1.538  -20.996 19.567  1.00 45.13 ? 3   ARG A CA  1 
ATOM   8    C  C   . ARG A 1 2   ? -0.501  -20.053 19.010  1.00 45.74 ? 3   ARG A C   1 
ATOM   9    O  O   . ARG A 1 2   ? -0.799  -18.899 18.663  1.00 45.60 ? 3   ARG A O   1 
ATOM   10   C  CB  . ARG A 1 2   ? -2.284  -21.637 18.443  1.00 48.25 ? 3   ARG A CB  1 
ATOM   11   C  CG  . ARG A 1 2   ? -1.453  -22.720 17.784  1.00 56.08 ? 3   ARG A CG  1 
ATOM   12   C  CD  . ARG A 1 2   ? -2.385  -23.405 16.807  1.00 63.84 ? 3   ARG A CD  1 
ATOM   13   N  NE  . ARG A 1 2   ? -1.725  -24.499 16.110  1.00 72.80 ? 3   ARG A NE  1 
ATOM   14   C  CZ  . ARG A 1 2   ? -2.346  -25.230 15.174  1.00 77.37 ? 3   ARG A CZ  1 
ATOM   15   N  NH1 . ARG A 1 2   ? -3.622  -25.004 14.811  1.00 77.59 ? 3   ARG A NH1 1 
ATOM   16   N  NH2 . ARG A 1 2   ? -1.661  -26.239 14.608  1.00 78.70 ? 3   ARG A NH2 1 
ATOM   17   N  N   . LEU A 1 3   ? 0.724   -20.514 18.946  1.00 39.47 ? 4   LEU A N   1 
ATOM   18   C  CA  . LEU A 1 3   ? 1.760   -19.585 18.621  1.00 39.75 ? 4   LEU A CA  1 
ATOM   19   C  C   . LEU A 1 3   ? 2.582   -19.773 17.366  1.00 42.18 ? 4   LEU A C   1 
ATOM   20   O  O   . LEU A 1 3   ? 3.800   -19.582 17.391  1.00 47.29 ? 4   LEU A O   1 
ATOM   21   C  CB  . LEU A 1 3   ? 2.659   -19.508 19.828  1.00 37.01 ? 4   LEU A CB  1 
ATOM   22   C  CG  . LEU A 1 3   ? 2.175   -18.713 21.008  1.00 35.88 ? 4   LEU A CG  1 
ATOM   23   C  CD1 . LEU A 1 3   ? 3.436   -18.243 21.638  1.00 37.05 ? 4   LEU A CD1 1 
ATOM   24   C  CD2 . LEU A 1 3   ? 1.395   -17.451 20.687  1.00 31.81 ? 4   LEU A CD2 1 
ATOM   25   N  N   . ASN A 1 4   ? 1.978   -20.177 16.262  1.00 40.84 ? 5   ASN A N   1 
ATOM   26   C  CA  . ASN A 1 4   ? 2.712   -20.213 14.988  1.00 41.06 ? 5   ASN A CA  1 
ATOM   27   C  C   . ASN A 1 4   ? 2.468   -18.905 14.253  1.00 40.68 ? 5   ASN A C   1 
ATOM   28   O  O   . ASN A 1 4   ? 1.546   -18.134 14.595  1.00 35.42 ? 5   ASN A O   1 
ATOM   29   C  CB  . ASN A 1 4   ? 2.258   -21.337 14.059  1.00 34.80 ? 5   ASN A CB  1 
ATOM   30   C  CG  . ASN A 1 4   ? 0.749   -21.407 13.971  1.00 32.28 ? 5   ASN A CG  1 
ATOM   31   O  OD1 . ASN A 1 4   ? -0.018  -20.518 14.361  1.00 34.79 ? 5   ASN A OD1 1 
ATOM   32   N  ND2 . ASN A 1 4   ? 0.285   -22.526 13.467  1.00 39.39 ? 5   ASN A ND2 1 
ATOM   33   N  N   . ARG A 1 5   ? 3.316   -18.704 13.225  1.00 42.93 ? 6   ARG A N   1 
ATOM   34   C  CA  . ARG A 1 5   ? 3.314   -17.542 12.330  1.00 40.91 ? 6   ARG A CA  1 
ATOM   35   C  C   . ARG A 1 5   ? 1.936   -17.006 11.997  1.00 38.99 ? 6   ARG A C   1 
ATOM   36   O  O   . ARG A 1 5   ? 1.609   -15.844 12.216  1.00 38.99 ? 6   ARG A O   1 
ATOM   37   C  CB  . ARG A 1 5   ? 4.039   -17.918 11.051  1.00 46.49 ? 6   ARG A CB  1 
ATOM   38   C  CG  . ARG A 1 5   ? 4.275   -16.732 10.125  1.00 54.39 ? 6   ARG A CG  1 
ATOM   39   C  CD  . ARG A 1 5   ? 5.287   -17.021 9.009   1.00 61.34 ? 6   ARG A CD  1 
ATOM   40   N  NE  . ARG A 1 5   ? 5.166   -15.991 7.972   1.00 69.27 ? 6   ARG A NE  1 
ATOM   41   C  CZ  . ARG A 1 5   ? 6.101   -15.066 7.697   1.00 70.14 ? 6   ARG A CZ  1 
ATOM   42   N  NH1 . ARG A 1 5   ? 7.261   -15.004 8.360   1.00 69.32 ? 6   ARG A NH1 1 
ATOM   43   N  NH2 . ARG A 1 5   ? 5.843   -14.150 6.761   1.00 73.09 ? 6   ARG A NH2 1 
ATOM   44   N  N   . GLU A 1 6   ? 1.060   -17.890 11.592  1.00 37.35 ? 7   GLU A N   1 
ATOM   45   C  CA  . GLU A 1 6   ? -0.292  -17.494 11.259  1.00 45.06 ? 7   GLU A CA  1 
ATOM   46   C  C   . GLU A 1 6   ? -1.032  -16.884 12.466  1.00 44.74 ? 7   GLU A C   1 
ATOM   47   O  O   . GLU A 1 6   ? -1.535  -15.762 12.328  1.00 45.70 ? 7   GLU A O   1 
ATOM   48   C  CB  . GLU A 1 6   ? -0.993  -18.744 10.691  1.00 54.61 ? 7   GLU A CB  1 
ATOM   49   C  CG  . GLU A 1 6   ? -0.381  -19.463 9.412   1.00 65.88 ? 7   GLU A CG  1 
ATOM   50   C  CD  . GLU A 1 6   ? 1.003   -20.190 9.404   1.00 69.16 ? 7   GLU A CD  1 
ATOM   51   O  OE1 . GLU A 1 6   ? 1.437   -20.804 10.399  1.00 64.34 ? 7   GLU A OE1 1 
ATOM   52   O  OE2 . GLU A 1 6   ? 1.648   -20.150 8.347   1.00 69.11 ? 7   GLU A OE2 1 
ATOM   53   N  N   . SER A 1 7   ? -1.040  -17.485 13.686  1.00 46.20 ? 8   SER A N   1 
ATOM   54   C  CA  . SER A 1 7   ? -1.714  -16.921 14.862  1.00 40.74 ? 8   SER A CA  1 
ATOM   55   C  C   . SER A 1 7   ? -1.044  -15.652 15.369  1.00 37.81 ? 8   SER A C   1 
ATOM   56   O  O   . SER A 1 7   ? -1.773  -14.786 15.874  1.00 37.93 ? 8   SER A O   1 
ATOM   57   C  CB  . SER A 1 7   ? -1.752  -17.924 15.980  1.00 40.51 ? 8   SER A CB  1 
ATOM   58   O  OG  . SER A 1 7   ? -2.555  -18.948 15.431  1.00 39.67 ? 8   SER A OG  1 
ATOM   59   N  N   . VAL A 1 8   ? 0.287   -15.505 15.209  1.00 31.48 ? 9   VAL A N   1 
ATOM   60   C  CA  . VAL A 1 8   ? 0.995   -14.271 15.551  1.00 27.65 ? 9   VAL A CA  1 
ATOM   61   C  C   . VAL A 1 8   ? 0.602   -13.132 14.600  1.00 28.83 ? 9   VAL A C   1 
ATOM   62   O  O   . VAL A 1 8   ? 0.287   -12.035 15.073  1.00 29.33 ? 9   VAL A O   1 
ATOM   63   C  CB  . VAL A 1 8   ? 2.524   -14.421 15.471  1.00 26.14 ? 9   VAL A CB  1 
ATOM   64   C  CG1 . VAL A 1 8   ? 3.105   -13.200 16.111  1.00 24.03 ? 9   VAL A CG1 1 
ATOM   65   C  CG2 . VAL A 1 8   ? 3.068   -15.615 16.204  1.00 26.34 ? 9   VAL A CG2 1 
ATOM   66   N  N   . ILE A 1 9   ? 0.567   -13.313 13.269  1.00 30.38 ? 10  ILE A N   1 
ATOM   67   C  CA  . ILE A 1 9   ? 0.197   -12.240 12.362  1.00 28.41 ? 10  ILE A CA  1 
ATOM   68   C  C   . ILE A 1 9   ? -1.216  -11.796 12.695  1.00 28.43 ? 10  ILE A C   1 
ATOM   69   O  O   . ILE A 1 9   ? -1.444  -10.601 12.850  1.00 27.29 ? 10  ILE A O   1 
ATOM   70   C  CB  . ILE A 1 9   ? 0.258   -12.697 10.901  1.00 32.69 ? 10  ILE A CB  1 
ATOM   71   C  CG1 . ILE A 1 9   ? 1.606   -13.215 10.458  1.00 28.23 ? 10  ILE A CG1 1 
ATOM   72   C  CG2 . ILE A 1 9   ? -0.040  -11.459 10.082  1.00 33.09 ? 10  ILE A CG2 1 
ATOM   73   C  CD1 . ILE A 1 9   ? 2.710   -12.155 10.507  1.00 24.95 ? 10  ILE A CD1 1 
ATOM   74   N  N   . ASP A 1 10  ? -2.162  -12.716 12.876  1.00 29.59 ? 11  ASP A N   1 
ATOM   75   C  CA  . ASP A 1 10  ? -3.547  -12.377 13.252  1.00 32.06 ? 11  ASP A CA  1 
ATOM   76   C  C   . ASP A 1 10  ? -3.744  -11.515 14.478  1.00 33.42 ? 11  ASP A C   1 
ATOM   77   O  O   . ASP A 1 10  ? -4.562  -10.585 14.550  1.00 36.20 ? 11  ASP A O   1 
ATOM   78   C  CB  . ASP A 1 10  ? -4.347  -13.595 13.525  1.00 40.81 ? 11  ASP A CB  1 
ATOM   79   C  CG  . ASP A 1 10  ? -5.147  -14.126 12.364  1.00 53.36 ? 11  ASP A CG  1 
ATOM   80   O  OD1 . ASP A 1 10  ? -4.566  -14.527 11.349  1.00 60.46 ? 11  ASP A OD1 1 
ATOM   81   O  OD2 . ASP A 1 10  ? -6.369  -14.150 12.506  1.00 63.72 ? 11  ASP A OD2 1 
ATOM   82   N  N   . ALA A 1 11  ? -2.997  -11.866 15.517  1.00 34.76 ? 12  ALA A N   1 
ATOM   83   C  CA  . ALA A 1 11  ? -3.082  -11.148 16.767  1.00 29.82 ? 12  ALA A CA  1 
ATOM   84   C  C   . ALA A 1 11  ? -2.426  -9.818  16.523  1.00 25.62 ? 12  ALA A C   1 
ATOM   85   O  O   . ALA A 1 11  ? -2.998  -8.810  16.933  1.00 27.59 ? 12  ALA A O   1 
ATOM   86   C  CB  . ALA A 1 11  ? -2.352  -11.948 17.842  1.00 30.16 ? 12  ALA A CB  1 
ATOM   87   N  N   . ALA A 1 12  ? -1.302  -9.798  15.792  1.00 23.11 ? 13  ALA A N   1 
ATOM   88   C  CA  . ALA A 1 12  ? -0.632  -8.548  15.460  1.00 26.47 ? 13  ALA A CA  1 
ATOM   89   C  C   . ALA A 1 12  ? -1.457  -7.621  14.554  1.00 27.17 ? 13  ALA A C   1 
ATOM   90   O  O   . ALA A 1 12  ? -1.414  -6.408  14.757  1.00 29.71 ? 13  ALA A O   1 
ATOM   91   C  CB  . ALA A 1 12  ? 0.683   -8.882  14.814  1.00 13.71 ? 13  ALA A CB  1 
ATOM   92   N  N   . LEU A 1 13  ? -2.275  -8.057  13.577  1.00 30.07 ? 14  LEU A N   1 
ATOM   93   C  CA  . LEU A 1 13  ? -3.164  -7.138  12.846  1.00 27.66 ? 14  LEU A CA  1 
ATOM   94   C  C   . LEU A 1 13  ? -4.254  -6.662  13.765  1.00 26.63 ? 14  LEU A C   1 
ATOM   95   O  O   . LEU A 1 13  ? -4.519  -5.468  13.819  1.00 30.16 ? 14  LEU A O   1 
ATOM   96   C  CB  . LEU A 1 13  ? -3.914  -7.740  11.635  1.00 23.06 ? 14  LEU A CB  1 
ATOM   97   C  CG  . LEU A 1 13  ? -3.341  -7.941  10.240  1.00 24.29 ? 14  LEU A CG  1 
ATOM   98   C  CD1 . LEU A 1 13  ? -2.131  -7.031  10.021  1.00 11.80 ? 14  LEU A CD1 1 
ATOM   99   C  CD2 . LEU A 1 13  ? -3.101  -9.426  10.046  1.00 18.82 ? 14  LEU A CD2 1 
ATOM   100  N  N   . GLU A 1 14  ? -4.907  -7.579  14.475  1.00 27.09 ? 15  GLU A N   1 
ATOM   101  C  CA  . GLU A 1 14  ? -5.898  -7.249  15.456  1.00 32.55 ? 15  GLU A CA  1 
ATOM   102  C  C   . GLU A 1 14  ? -5.362  -6.131  16.338  1.00 33.91 ? 15  GLU A C   1 
ATOM   103  O  O   . GLU A 1 14  ? -5.933  -5.035  16.371  1.00 36.21 ? 15  GLU A O   1 
ATOM   104  C  CB  . GLU A 1 14  ? -6.158  -8.458  16.285  1.00 43.28 ? 15  GLU A CB  1 
ATOM   105  C  CG  . GLU A 1 14  ? -7.312  -9.336  15.883  1.00 58.48 ? 15  GLU A CG  1 
ATOM   106  C  CD  . GLU A 1 14  ? -7.877  -10.072 17.110  1.00 72.10 ? 15  GLU A CD  1 
ATOM   107  O  OE1 . GLU A 1 14  ? -8.191  -9.424  18.129  1.00 72.57 ? 15  GLU A OE1 1 
ATOM   108  O  OE2 . GLU A 1 14  ? -8.003  -11.303 17.043  1.00 79.95 ? 15  GLU A OE2 1 
ATOM   109  N  N   . LEU A 1 15  ? -4.193  -6.317  16.962  1.00 30.08 ? 16  LEU A N   1 
ATOM   110  C  CA  . LEU A 1 15  ? -3.621  -5.271  17.785  1.00 30.64 ? 16  LEU A CA  1 
ATOM   111  C  C   . LEU A 1 15  ? -3.322  -3.975  17.022  1.00 30.92 ? 16  LEU A C   1 
ATOM   112  O  O   . LEU A 1 15  ? -3.548  -2.899  17.597  1.00 31.70 ? 16  LEU A O   1 
ATOM   113  C  CB  . LEU A 1 15  ? -2.356  -5.819  18.451  1.00 31.57 ? 16  LEU A CB  1 
ATOM   114  C  CG  . LEU A 1 15  ? -1.659  -5.008  19.548  1.00 31.73 ? 16  LEU A CG  1 
ATOM   115  C  CD1 . LEU A 1 15  ? -2.552  -4.856  20.768  1.00 33.01 ? 16  LEU A CD1 1 
ATOM   116  C  CD2 . LEU A 1 15  ? -0.408  -5.737  19.965  1.00 29.85 ? 16  LEU A CD2 1 
ATOM   117  N  N   . LEU A 1 16  ? -2.814  -4.003  15.762  1.00 33.43 ? 17  LEU A N   1 
ATOM   118  C  CA  . LEU A 1 16  ? -2.541  -2.809  14.952  1.00 30.57 ? 17  LEU A CA  1 
ATOM   119  C  C   . LEU A 1 16  ? -3.815  -2.002  14.753  1.00 31.89 ? 17  LEU A C   1 
ATOM   120  O  O   . LEU A 1 16  ? -3.768  -0.775  14.782  1.00 29.59 ? 17  LEU A O   1 
ATOM   121  C  CB  . LEU A 1 16  ? -1.997  -3.179  13.579  1.00 28.91 ? 17  LEU A CB  1 
ATOM   122  C  CG  . LEU A 1 16  ? -1.527  -2.092  12.624  1.00 25.31 ? 17  LEU A CG  1 
ATOM   123  C  CD1 . LEU A 1 16  ? -0.271  -1.407  13.105  1.00 21.68 ? 17  LEU A CD1 1 
ATOM   124  C  CD2 . LEU A 1 16  ? -1.185  -2.753  11.317  1.00 25.63 ? 17  LEU A CD2 1 
ATOM   125  N  N   . ASN A 1 17  ? -4.958  -2.645  14.589  1.00 30.70 ? 18  ASN A N   1 
ATOM   126  C  CA  . ASN A 1 17  ? -6.213  -1.933  14.529  1.00 42.13 ? 18  ASN A CA  1 
ATOM   127  C  C   . ASN A 1 17  ? -6.609  -1.203  15.819  1.00 50.94 ? 18  ASN A C   1 
ATOM   128  O  O   . ASN A 1 17  ? -7.321  -0.191  15.798  1.00 58.54 ? 18  ASN A O   1 
ATOM   129  C  CB  . ASN A 1 17  ? -7.321  -2.891  14.180  1.00 47.11 ? 18  ASN A CB  1 
ATOM   130  C  CG  . ASN A 1 17  ? -7.764  -2.765  12.737  1.00 53.18 ? 18  ASN A CG  1 
ATOM   131  O  OD1 . ASN A 1 17  ? -7.532  -1.753  12.076  1.00 55.21 ? 18  ASN A OD1 1 
ATOM   132  N  ND2 . ASN A 1 17  ? -8.408  -3.784  12.173  1.00 55.81 ? 18  ASN A ND2 1 
ATOM   133  N  N   . GLU A 1 18  ? -6.244  -1.688  17.009  1.00 51.29 ? 19  GLU A N   1 
ATOM   134  C  CA  . GLU A 1 18  ? -6.603  -0.977  18.217  1.00 46.98 ? 19  GLU A CA  1 
ATOM   135  C  C   . GLU A 1 18  ? -5.572  0.094   18.518  1.00 43.43 ? 19  GLU A C   1 
ATOM   136  O  O   . GLU A 1 18  ? -5.904  1.220   18.841  1.00 45.96 ? 19  GLU A O   1 
ATOM   137  C  CB  . GLU A 1 18  ? -6.706  -2.010  19.332  1.00 53.59 ? 19  GLU A CB  1 
ATOM   138  C  CG  . GLU A 1 18  ? -7.725  -3.131  19.033  1.00 59.34 ? 19  GLU A CG  1 
ATOM   139  C  CD  . GLU A 1 18  ? -7.494  -4.485  19.733  1.00 67.10 ? 19  GLU A CD  1 
ATOM   140  O  OE1 . GLU A 1 18  ? -6.540  -4.607  20.521  1.00 67.80 ? 19  GLU A OE1 1 
ATOM   141  O  OE2 . GLU A 1 18  ? -8.263  -5.431  19.471  1.00 66.57 ? 19  GLU A OE2 1 
ATOM   142  N  N   . THR A 1 19  ? -4.292  -0.202  18.400  1.00 39.97 ? 20  THR A N   1 
ATOM   143  C  CA  . THR A 1 19  ? -3.244  0.721   18.777  1.00 40.11 ? 20  THR A CA  1 
ATOM   144  C  C   . THR A 1 19  ? -2.486  1.475   17.682  1.00 40.91 ? 20  THR A C   1 
ATOM   145  O  O   . THR A 1 19  ? -1.726  2.440   17.890  1.00 44.92 ? 20  THR A O   1 
ATOM   146  C  CB  . THR A 1 19  ? -2.255  -0.093  19.646  1.00 45.16 ? 20  THR A CB  1 
ATOM   147  O  OG1 . THR A 1 19  ? -1.719  -1.163  18.892  1.00 52.32 ? 20  THR A OG1 1 
ATOM   148  C  CG2 . THR A 1 19  ? -2.945  -0.796  20.774  1.00 49.27 ? 20  THR A CG2 1 
ATOM   149  N  N   . GLY A 1 20  ? -2.608  1.048   16.439  1.00 37.77 ? 21  GLY A N   1 
ATOM   150  C  CA  . GLY A 1 20  ? -1.771  1.604   15.416  1.00 36.22 ? 21  GLY A CA  1 
ATOM   151  C  C   . GLY A 1 20  ? -0.395  1.011   15.581  1.00 38.19 ? 21  GLY A C   1 
ATOM   152  O  O   . GLY A 1 20  ? -0.149  0.133   16.393  1.00 41.18 ? 21  GLY A O   1 
ATOM   153  N  N   . ILE A 1 21  ? 0.540   1.541   14.827  1.00 37.54 ? 22  ILE A N   1 
ATOM   154  C  CA  . ILE A 1 21  ? 1.869   1.009   14.747  1.00 35.17 ? 22  ILE A CA  1 
ATOM   155  C  C   . ILE A 1 21  ? 2.752   1.400   15.915  1.00 37.05 ? 22  ILE A C   1 
ATOM   156  O  O   . ILE A 1 21  ? 3.584   0.628   16.357  1.00 38.47 ? 22  ILE A O   1 
ATOM   157  C  CB  . ILE A 1 21  ? 2.427   1.487   13.391  1.00 32.92 ? 22  ILE A CB  1 
ATOM   158  C  CG1 . ILE A 1 21  ? 3.664   0.737   13.024  1.00 37.29 ? 22  ILE A CG1 1 
ATOM   159  C  CG2 . ILE A 1 21  ? 2.807   2.953   13.461  1.00 32.06 ? 22  ILE A CG2 1 
ATOM   160  C  CD1 . ILE A 1 21  ? 4.301   1.256   11.716  1.00 36.08 ? 22  ILE A CD1 1 
ATOM   161  N  N   . ASP A 1 22  ? 2.623   2.610   16.421  1.00 39.67 ? 23  ASP A N   1 
ATOM   162  C  CA  . ASP A 1 22  ? 3.511   3.049   17.475  1.00 49.17 ? 23  ASP A CA  1 
ATOM   163  C  C   . ASP A 1 22  ? 3.093   2.472   18.818  1.00 50.73 ? 23  ASP A C   1 
ATOM   164  O  O   . ASP A 1 22  ? 3.881   2.507   19.758  1.00 54.84 ? 23  ASP A O   1 
ATOM   165  C  CB  . ASP A 1 22  ? 3.521   4.572   17.550  1.00 54.43 ? 23  ASP A CB  1 
ATOM   166  C  CG  . ASP A 1 22  ? 4.074   5.225   16.284  1.00 65.12 ? 23  ASP A CG  1 
ATOM   167  O  OD1 . ASP A 1 22  ? 5.116   4.790   15.780  1.00 69.93 ? 23  ASP A OD1 1 
ATOM   168  O  OD2 . ASP A 1 22  ? 3.453   6.171   15.793  1.00 70.36 ? 23  ASP A OD2 1 
ATOM   169  N  N   . GLY A 1 23  ? 1.855   1.972   18.914  1.00 49.72 ? 24  GLY A N   1 
ATOM   170  C  CA  . GLY A 1 23  ? 1.350   1.257   20.060  1.00 44.28 ? 24  GLY A CA  1 
ATOM   171  C  C   . GLY A 1 23  ? 1.528   -0.229  19.804  1.00 47.86 ? 24  GLY A C   1 
ATOM   172  O  O   . GLY A 1 23  ? 1.184   -1.032  20.661  1.00 53.94 ? 24  GLY A O   1 
ATOM   173  N  N   . LEU A 1 24  ? 2.138   -0.680  18.711  1.00 49.06 ? 25  LEU A N   1 
ATOM   174  C  CA  . LEU A 1 24  ? 2.265   -2.084  18.409  1.00 47.73 ? 25  LEU A CA  1 
ATOM   175  C  C   . LEU A 1 24  ? 3.584   -2.532  19.001  1.00 47.98 ? 25  LEU A C   1 
ATOM   176  O  O   . LEU A 1 24  ? 4.619   -2.564  18.332  1.00 46.91 ? 25  LEU A O   1 
ATOM   177  C  CB  . LEU A 1 24  ? 2.293   -2.320  16.916  1.00 47.85 ? 25  LEU A CB  1 
ATOM   178  C  CG  . LEU A 1 24  ? 2.420   -3.735  16.385  1.00 47.73 ? 25  LEU A CG  1 
ATOM   179  C  CD1 . LEU A 1 24  ? 1.041   -4.326  16.280  1.00 49.24 ? 25  LEU A CD1 1 
ATOM   180  C  CD2 . LEU A 1 24  ? 3.032   -3.741  14.991  1.00 47.43 ? 25  LEU A CD2 1 
ATOM   181  N  N   . THR A 1 25  ? 3.584   -2.849  20.289  1.00 49.10 ? 26  THR A N   1 
ATOM   182  C  CA  . THR A 1 25  ? 4.800   -3.368  20.925  1.00 49.50 ? 26  THR A CA  1 
ATOM   183  C  C   . THR A 1 25  ? 4.766   -4.892  21.100  1.00 44.26 ? 26  THR A C   1 
ATOM   184  O  O   . THR A 1 25  ? 3.705   -5.491  21.316  1.00 40.94 ? 26  THR A O   1 
ATOM   185  C  CB  . THR A 1 25  ? 5.042   -2.672  22.341  1.00 50.67 ? 26  THR A CB  1 
ATOM   186  O  OG1 . THR A 1 25  ? 3.891   -2.942  23.159  1.00 50.32 ? 26  THR A OG1 1 
ATOM   187  C  CG2 . THR A 1 25  ? 5.305   -1.163  22.232  1.00 47.05 ? 26  THR A CG2 1 
ATOM   188  N  N   . THR A 1 26  ? 5.920   -5.546  21.008  1.00 41.07 ? 27  THR A N   1 
ATOM   189  C  CA  . THR A 1 26  ? 6.032   -6.961  21.352  1.00 46.86 ? 27  THR A CA  1 
ATOM   190  C  C   . THR A 1 26  ? 5.537   -7.200  22.797  1.00 45.77 ? 27  THR A C   1 
ATOM   191  O  O   . THR A 1 26  ? 5.009   -8.272  23.085  1.00 43.33 ? 27  THR A O   1 
ATOM   192  C  CB  . THR A 1 26  ? 7.486   -7.410  21.208  1.00 47.42 ? 27  THR A CB  1 
ATOM   193  O  OG1 . THR A 1 26  ? 8.175   -6.559  22.124  1.00 52.40 ? 27  THR A OG1 1 
ATOM   194  C  CG2 . THR A 1 26  ? 8.071   -7.305  19.788  1.00 41.47 ? 27  THR A CG2 1 
ATOM   195  N  N   . ARG A 1 27  ? 5.625   -6.228  23.728  1.00 46.11 ? 28  ARG A N   1 
ATOM   196  C  CA  . ARG A 1 27  ? 4.972   -6.394  25.025  1.00 51.81 ? 28  ARG A CA  1 
ATOM   197  C  C   . ARG A 1 27  ? 3.451   -6.406  24.863  1.00 50.49 ? 28  ARG A C   1 
ATOM   198  O  O   . ARG A 1 27  ? 2.850   -7.362  25.368  1.00 55.98 ? 28  ARG A O   1 
ATOM   199  C  CB  . ARG A 1 27  ? 5.283   -5.277  26.051  1.00 61.59 ? 28  ARG A CB  1 
ATOM   200  C  CG  . ARG A 1 27  ? 4.796   -5.729  27.459  1.00 73.79 ? 28  ARG A CG  1 
ATOM   201  C  CD  . ARG A 1 27  ? 4.965   -4.847  28.720  1.00 83.97 ? 28  ARG A CD  1 
ATOM   202  N  NE  . ARG A 1 27  ? 4.799   -5.701  29.914  1.00 96.51 ? 28  ARG A NE  1 
ATOM   203  C  CZ  . ARG A 1 27  ? 5.211   -5.393  31.168  1.00 98.57 ? 28  ARG A CZ  1 
ATOM   204  N  NH1 . ARG A 1 27  ? 5.827   -4.243  31.482  1.00 98.07 ? 28  ARG A NH1 1 
ATOM   205  N  NH2 . ARG A 1 27  ? 5.067   -6.307  32.134  1.00 98.14 ? 28  ARG A NH2 1 
ATOM   206  N  N   . LYS A 1 28  ? 2.749   -5.464  24.198  1.00 45.98 ? 29  LYS A N   1 
ATOM   207  C  CA  . LYS A 1 28  ? 1.305   -5.576  24.083  1.00 41.43 ? 29  LYS A CA  1 
ATOM   208  C  C   . LYS A 1 28  ? 0.910   -6.773  23.245  1.00 38.23 ? 29  LYS A C   1 
ATOM   209  O  O   . LYS A 1 28  ? -0.175  -7.321  23.437  1.00 34.31 ? 29  LYS A O   1 
ATOM   210  C  CB  . LYS A 1 28  ? 0.703   -4.330  23.458  1.00 52.71 ? 29  LYS A CB  1 
ATOM   211  C  CG  . LYS A 1 28  ? 0.280   -3.197  24.409  1.00 63.58 ? 29  LYS A CG  1 
ATOM   212  C  CD  . LYS A 1 28  ? 1.464   -2.538  25.123  1.00 73.50 ? 29  LYS A CD  1 
ATOM   213  C  CE  . LYS A 1 28  ? 1.082   -1.486  26.180  1.00 78.91 ? 29  LYS A CE  1 
ATOM   214  N  NZ  . LYS A 1 28  ? 2.207   -1.183  27.060  1.00 81.23 ? 29  LYS A NZ  1 
ATOM   215  N  N   . LEU A 1 29  ? 1.749   -7.256  22.325  1.00 36.73 ? 30  LEU A N   1 
ATOM   216  C  CA  . LEU A 1 29  ? 1.418   -8.457  21.571  1.00 38.58 ? 30  LEU A CA  1 
ATOM   217  C  C   . LEU A 1 29  ? 1.515   -9.653  22.520  1.00 41.50 ? 30  LEU A C   1 
ATOM   218  O  O   . LEU A 1 29  ? 0.622   -10.506 22.509  1.00 47.59 ? 30  LEU A O   1 
ATOM   219  C  CB  . LEU A 1 29  ? 2.381   -8.637  20.382  1.00 31.74 ? 30  LEU A CB  1 
ATOM   220  C  CG  . LEU A 1 29  ? 1.961   -9.292  19.039  1.00 31.41 ? 30  LEU A CG  1 
ATOM   221  C  CD1 . LEU A 1 29  ? 2.946   -10.391 18.781  1.00 28.25 ? 30  LEU A CD1 1 
ATOM   222  C  CD2 . LEU A 1 29  ? 0.565   -9.864  19.025  1.00 24.48 ? 30  LEU A CD2 1 
ATOM   223  N  N   . ALA A 1 30  ? 2.548   -9.784  23.371  1.00 38.35 ? 31  ALA A N   1 
ATOM   224  C  CA  . ALA A 1 30  ? 2.656   -10.855 24.353  1.00 32.36 ? 31  ALA A CA  1 
ATOM   225  C  C   . ALA A 1 30  ? 1.436   -10.844 25.288  1.00 31.54 ? 31  ALA A C   1 
ATOM   226  O  O   . ALA A 1 30  ? 0.677   -11.813 25.408  1.00 31.60 ? 31  ALA A O   1 
ATOM   227  C  CB  . ALA A 1 30  ? 3.940   -10.613 25.109  1.00 29.88 ? 31  ALA A CB  1 
ATOM   228  N  N   . GLN A 1 31  ? 1.154   -9.706  25.899  1.00 32.36 ? 32  GLN A N   1 
ATOM   229  C  CA  . GLN A 1 31  ? -0.038  -9.560  26.702  1.00 40.07 ? 32  GLN A CA  1 
ATOM   230  C  C   . GLN A 1 31  ? -1.252  -9.928  25.878  1.00 43.83 ? 32  GLN A C   1 
ATOM   231  O  O   . GLN A 1 31  ? -2.058  -10.681 26.403  1.00 49.35 ? 32  GLN A O   1 
ATOM   232  C  CB  . GLN A 1 31  ? -0.213  -8.130  27.201  1.00 46.52 ? 32  GLN A CB  1 
ATOM   233  C  CG  . GLN A 1 31  ? 0.684   -7.745  28.388  1.00 60.12 ? 32  GLN A CG  1 
ATOM   234  C  CD  . GLN A 1 31  ? 0.639   -6.251  28.756  1.00 67.54 ? 32  GLN A CD  1 
ATOM   235  O  OE1 . GLN A 1 31  ? 1.633   -5.522  28.685  1.00 70.27 ? 32  GLN A OE1 1 
ATOM   236  N  NE2 . GLN A 1 31  ? -0.492  -5.691  29.160  1.00 71.83 ? 32  GLN A NE2 1 
ATOM   237  N  N   . LYS A 1 32  ? -1.441  -9.522  24.609  1.00 48.20 ? 33  LYS A N   1 
ATOM   238  C  CA  . LYS A 1 32  ? -2.637  -9.891  23.847  1.00 47.18 ? 33  LYS A CA  1 
ATOM   239  C  C   . LYS A 1 32  ? -2.767  -11.401 23.614  1.00 45.18 ? 33  LYS A C   1 
ATOM   240  O  O   . LYS A 1 32  ? -3.860  -11.969 23.615  1.00 45.83 ? 33  LYS A O   1 
ATOM   241  C  CB  . LYS A 1 32  ? -2.627  -9.143  22.494  1.00 50.15 ? 33  LYS A CB  1 
ATOM   242  C  CG  . LYS A 1 32  ? -3.976  -9.275  21.777  1.00 52.55 ? 33  LYS A CG  1 
ATOM   243  C  CD  . LYS A 1 32  ? -4.100  -8.636  20.394  1.00 52.71 ? 33  LYS A CD  1 
ATOM   244  C  CE  . LYS A 1 32  ? -5.431  -9.011  19.753  1.00 47.79 ? 33  LYS A CE  1 
ATOM   245  N  NZ  . LYS A 1 32  ? -6.579  -8.282  20.300  1.00 47.47 ? 33  LYS A NZ  1 
ATOM   246  N  N   . LEU A 1 33  ? -1.668  -12.099 23.360  1.00 46.13 ? 34  LEU A N   1 
ATOM   247  C  CA  . LEU A 1 33  ? -1.702  -13.551 23.212  1.00 46.05 ? 34  LEU A CA  1 
ATOM   248  C  C   . LEU A 1 33  ? -1.797  -14.320 24.536  1.00 47.88 ? 34  LEU A C   1 
ATOM   249  O  O   . LEU A 1 33  ? -2.010  -15.544 24.567  1.00 45.42 ? 34  LEU A O   1 
ATOM   250  C  CB  . LEU A 1 33  ? -0.464  -13.968 22.493  1.00 42.55 ? 34  LEU A CB  1 
ATOM   251  C  CG  . LEU A 1 33  ? -0.358  -13.498 21.092  1.00 30.03 ? 34  LEU A CG  1 
ATOM   252  C  CD1 . LEU A 1 33  ? 1.079   -13.282 20.726  1.00 23.83 ? 34  LEU A CD1 1 
ATOM   253  C  CD2 . LEU A 1 33  ? -0.948  -14.539 20.210  1.00 30.88 ? 34  LEU A CD2 1 
ATOM   254  N  N   . GLY A 1 34  ? -1.529  -13.602 25.636  1.00 46.66 ? 35  GLY A N   1 
ATOM   255  C  CA  . GLY A 1 34  ? -1.643  -14.130 26.983  1.00 42.47 ? 35  GLY A CA  1 
ATOM   256  C  C   . GLY A 1 34  ? -0.507  -15.083 27.234  1.00 40.62 ? 35  GLY A C   1 
ATOM   257  O  O   . GLY A 1 34  ? -0.664  -16.278 27.515  1.00 40.67 ? 35  GLY A O   1 
ATOM   258  N  N   . ILE A 1 35  ? 0.677   -14.546 27.038  1.00 33.25 ? 36  ILE A N   1 
ATOM   259  C  CA  . ILE A 1 35  ? 1.889   -15.314 27.131  1.00 27.56 ? 36  ILE A CA  1 
ATOM   260  C  C   . ILE A 1 35  ? 2.875   -14.310 27.656  1.00 29.56 ? 36  ILE A C   1 
ATOM   261  O  O   . ILE A 1 35  ? 2.588   -13.127 27.846  1.00 30.37 ? 36  ILE A O   1 
ATOM   262  C  CB  . ILE A 1 35  ? 2.316   -15.862 25.751  1.00 25.51 ? 36  ILE A CB  1 
ATOM   263  C  CG1 . ILE A 1 35  ? 2.443   -14.741 24.735  1.00 28.46 ? 36  ILE A CG1 1 
ATOM   264  C  CG2 . ILE A 1 35  ? 1.284   -16.889 25.294  1.00 21.97 ? 36  ILE A CG2 1 
ATOM   265  C  CD1 . ILE A 1 35  ? 3.426   -15.029 23.585  1.00 27.97 ? 36  ILE A CD1 1 
ATOM   266  N  N   . GLU A 1 36  ? 4.051   -14.830 27.876  1.00 30.62 ? 37  GLU A N   1 
ATOM   267  C  CA  . GLU A 1 36  ? 5.107   -14.128 28.544  1.00 34.88 ? 37  GLU A CA  1 
ATOM   268  C  C   . GLU A 1 36  ? 6.067   -13.737 27.483  1.00 34.96 ? 37  GLU A C   1 
ATOM   269  O  O   . GLU A 1 36  ? 6.347   -14.552 26.609  1.00 37.44 ? 37  GLU A O   1 
ATOM   270  C  CB  . GLU A 1 36  ? 5.860   -15.035 29.469  1.00 40.82 ? 37  GLU A CB  1 
ATOM   271  C  CG  . GLU A 1 36  ? 5.046   -15.578 30.617  1.00 54.79 ? 37  GLU A CG  1 
ATOM   272  C  CD  . GLU A 1 36  ? 4.866   -14.646 31.807  1.00 61.51 ? 37  GLU A CD  1 
ATOM   273  O  OE1 . GLU A 1 36  ? 5.631   -13.682 31.948  1.00 66.43 ? 37  GLU A OE1 1 
ATOM   274  O  OE2 . GLU A 1 36  ? 3.969   -14.918 32.610  1.00 68.36 ? 37  GLU A OE2 1 
ATOM   275  N  N   . GLN A 1 37  ? 6.714   -12.606 27.644  1.00 33.06 ? 38  GLN A N   1 
ATOM   276  C  CA  . GLN A 1 37  ? 7.716   -12.201 26.700  1.00 37.47 ? 38  GLN A CA  1 
ATOM   277  C  C   . GLN A 1 37  ? 8.820   -13.203 26.287  1.00 41.13 ? 38  GLN A C   1 
ATOM   278  O  O   . GLN A 1 37  ? 9.133   -13.157 25.091  1.00 44.79 ? 38  GLN A O   1 
ATOM   279  C  CB  . GLN A 1 37  ? 8.317   -10.924 27.227  1.00 41.96 ? 38  GLN A CB  1 
ATOM   280  C  CG  . GLN A 1 37  ? 7.404   -9.747  26.919  1.00 49.94 ? 38  GLN A CG  1 
ATOM   281  C  CD  . GLN A 1 37  ? 7.845   -8.513  27.681  1.00 54.54 ? 38  GLN A CD  1 
ATOM   282  O  OE1 . GLN A 1 37  ? 7.463   -8.354  28.846  1.00 59.22 ? 38  GLN A OE1 1 
ATOM   283  N  NE2 . GLN A 1 37  ? 8.662   -7.633  27.102  1.00 53.62 ? 38  GLN A NE2 1 
ATOM   284  N  N   . PRO A 1 38  ? 9.438   -14.171 27.012  1.00 42.38 ? 39  PRO A N   1 
ATOM   285  C  CA  . PRO A 1 38  ? 10.448  -15.059 26.410  1.00 36.42 ? 39  PRO A CA  1 
ATOM   286  C  C   . PRO A 1 38  ? 9.851   -16.067 25.452  1.00 30.90 ? 39  PRO A C   1 
ATOM   287  O  O   . PRO A 1 38  ? 10.542  -16.545 24.548  1.00 29.48 ? 39  PRO A O   1 
ATOM   288  C  CB  . PRO A 1 38  ? 11.153  -15.687 27.583  1.00 39.54 ? 39  PRO A CB  1 
ATOM   289  C  CG  . PRO A 1 38  ? 10.968  -14.610 28.634  1.00 39.55 ? 39  PRO A CG  1 
ATOM   290  C  CD  . PRO A 1 38  ? 9.497   -14.254 28.461  1.00 37.06 ? 39  PRO A CD  1 
ATOM   291  N  N   . THR A 1 39  ? 8.566   -16.346 25.665  1.00 28.59 ? 40  THR A N   1 
ATOM   292  C  CA  . THR A 1 39  ? 7.742   -17.215 24.815  1.00 34.59 ? 40  THR A CA  1 
ATOM   293  C  C   . THR A 1 39  ? 7.605   -16.556 23.422  1.00 33.40 ? 40  THR A C   1 
ATOM   294  O  O   . THR A 1 39  ? 7.931   -17.127 22.364  1.00 31.15 ? 40  THR A O   1 
ATOM   295  C  CB  . THR A 1 39  ? 6.340   -17.375 25.475  1.00 31.47 ? 40  THR A CB  1 
ATOM   296  O  OG1 . THR A 1 39  ? 6.547   -17.879 26.802  1.00 40.70 ? 40  THR A OG1 1 
ATOM   297  C  CG2 . THR A 1 39  ? 5.422   -18.256 24.684  1.00 33.03 ? 40  THR A CG2 1 
ATOM   298  N  N   . LEU A 1 40  ? 7.143   -15.300 23.470  1.00 31.13 ? 41  LEU A N   1 
ATOM   299  C  CA  . LEU A 1 40  ? 6.969   -14.488 22.307  1.00 31.68 ? 41  LEU A CA  1 
ATOM   300  C  C   . LEU A 1 40  ? 8.304   -14.433 21.616  1.00 33.03 ? 41  LEU A C   1 
ATOM   301  O  O   . LEU A 1 40  ? 8.363   -14.820 20.440  1.00 36.33 ? 41  LEU A O   1 
ATOM   302  C  CB  . LEU A 1 40  ? 6.562   -13.068 22.623  1.00 33.77 ? 41  LEU A CB  1 
ATOM   303  C  CG  . LEU A 1 40  ? 5.499   -12.370 21.715  1.00 40.43 ? 41  LEU A CG  1 
ATOM   304  C  CD1 . LEU A 1 40  ? 5.880   -10.912 21.625  1.00 37.91 ? 41  LEU A CD1 1 
ATOM   305  C  CD2 . LEU A 1 40  ? 5.450   -12.904 20.285  1.00 35.57 ? 41  LEU A CD2 1 
ATOM   306  N  N   . TYR A 1 41  ? 9.390   -14.104 22.312  1.00 26.12 ? 42  TYR A N   1 
ATOM   307  C  CA  . TYR A 1 41  ? 10.649  -13.928 21.623  1.00 23.62 ? 42  TYR A CA  1 
ATOM   308  C  C   . TYR A 1 41  ? 11.141  -15.196 20.997  1.00 20.17 ? 42  TYR A C   1 
ATOM   309  O  O   . TYR A 1 41  ? 12.017  -15.137 20.158  1.00 23.22 ? 42  TYR A O   1 
ATOM   310  C  CB  . TYR A 1 41  ? 11.640  -13.312 22.626  1.00 33.14 ? 42  TYR A CB  1 
ATOM   311  C  CG  . TYR A 1 41  ? 13.088  -13.805 22.602  1.00 57.24 ? 42  TYR A CG  1 
ATOM   312  C  CD1 . TYR A 1 41  ? 13.406  -14.895 23.428  1.00 66.13 ? 42  TYR A CD1 1 
ATOM   313  C  CD2 . TYR A 1 41  ? 14.102  -13.174 21.849  1.00 60.82 ? 42  TYR A CD2 1 
ATOM   314  C  CE1 . TYR A 1 41  ? 14.713  -15.378 23.522  1.00 71.37 ? 42  TYR A CE1 1 
ATOM   315  C  CE2 . TYR A 1 41  ? 15.423  -13.657 21.943  1.00 71.52 ? 42  TYR A CE2 1 
ATOM   316  C  CZ  . TYR A 1 41  ? 15.730  -14.754 22.796  1.00 75.97 ? 42  TYR A CZ  1 
ATOM   317  O  OH  . TYR A 1 41  ? 17.045  -15.214 23.002  1.00 78.87 ? 42  TYR A OH  1 
ATOM   318  N  N   . TRP A 1 42  ? 10.635  -16.358 21.368  1.00 23.49 ? 43  TRP A N   1 
ATOM   319  C  CA  . TRP A 1 42  ? 11.083  -17.566 20.725  1.00 25.87 ? 43  TRP A CA  1 
ATOM   320  C  C   . TRP A 1 42  ? 10.578  -17.436 19.259  1.00 29.88 ? 43  TRP A C   1 
ATOM   321  O  O   . TRP A 1 42  ? 11.219  -17.846 18.296  1.00 27.11 ? 43  TRP A O   1 
ATOM   322  C  CB  . TRP A 1 42  ? 10.460  -18.774 21.458  1.00 21.10 ? 43  TRP A CB  1 
ATOM   323  C  CG  . TRP A 1 42  ? 10.968  -20.149 21.005  1.00 20.74 ? 43  TRP A CG  1 
ATOM   324  C  CD1 . TRP A 1 42  ? 11.991  -20.775 21.643  1.00 21.00 ? 43  TRP A CD1 1 
ATOM   325  C  CD2 . TRP A 1 42  ? 10.528  -20.892 19.931  1.00 28.62 ? 43  TRP A CD2 1 
ATOM   326  N  NE1 . TRP A 1 42  ? 12.203  -21.908 20.996  1.00 22.41 ? 43  TRP A NE1 1 
ATOM   327  C  CE2 . TRP A 1 42  ? 11.354  -22.015 19.989  1.00 27.52 ? 43  TRP A CE2 1 
ATOM   328  C  CE3 . TRP A 1 42  ? 9.545   -20.787 18.934  1.00 29.55 ? 43  TRP A CE3 1 
ATOM   329  C  CZ2 . TRP A 1 42  ? 11.256  -23.030 19.047  1.00 35.43 ? 43  TRP A CZ2 1 
ATOM   330  C  CZ3 . TRP A 1 42  ? 9.433   -21.791 17.982  1.00 23.43 ? 43  TRP A CZ3 1 
ATOM   331  C  CH2 . TRP A 1 42  ? 10.273  -22.910 18.047  1.00 34.02 ? 43  TRP A CH2 1 
ATOM   332  N  N   . HIS A 1 43  ? 9.397   -16.872 19.072  1.00 28.70 ? 44  HIS A N   1 
ATOM   333  C  CA  . HIS A 1 43  ? 8.763   -16.779 17.791  1.00 31.00 ? 44  HIS A CA  1 
ATOM   334  C  C   . HIS A 1 43  ? 9.116   -15.534 17.009  1.00 33.05 ? 44  HIS A C   1 
ATOM   335  O  O   . HIS A 1 43  ? 9.577   -15.600 15.887  1.00 37.16 ? 44  HIS A O   1 
ATOM   336  C  CB  . HIS A 1 43  ? 7.296   -16.827 18.012  1.00 32.18 ? 44  HIS A CB  1 
ATOM   337  C  CG  . HIS A 1 43  ? 6.813   -18.105 18.624  1.00 33.99 ? 44  HIS A CG  1 
ATOM   338  N  ND1 . HIS A 1 43  ? 6.620   -19.297 18.065  1.00 38.97 ? 44  HIS A ND1 1 
ATOM   339  C  CD2 . HIS A 1 43  ? 6.455   -18.215 19.920  1.00 38.06 ? 44  HIS A CD2 1 
ATOM   340  C  CE1 . HIS A 1 43  ? 6.148   -20.120 18.946  1.00 36.60 ? 44  HIS A CE1 1 
ATOM   341  N  NE2 . HIS A 1 43  ? 6.054   -19.451 20.059  1.00 41.21 ? 44  HIS A NE2 1 
ATOM   342  N  N   . VAL A 1 44  ? 8.863   -14.376 17.603  1.00 34.67 ? 45  VAL A N   1 
ATOM   343  C  CA  . VAL A 1 44  ? 9.050   -13.068 16.986  1.00 37.03 ? 45  VAL A CA  1 
ATOM   344  C  C   . VAL A 1 44  ? 10.283  -12.345 17.518  1.00 35.58 ? 45  VAL A C   1 
ATOM   345  O  O   . VAL A 1 44  ? 10.176  -11.587 18.474  1.00 35.15 ? 45  VAL A O   1 
ATOM   346  C  CB  . VAL A 1 44  ? 7.767   -12.165 17.222  1.00 32.98 ? 45  VAL A CB  1 
ATOM   347  C  CG1 . VAL A 1 44  ? 7.834   -10.939 16.342  1.00 35.17 ? 45  VAL A CG1 1 
ATOM   348  C  CG2 . VAL A 1 44  ? 6.497   -12.888 16.846  1.00 31.85 ? 45  VAL A CG2 1 
ATOM   349  N  N   . LYS A 1 45  ? 11.469  -12.483 16.927  1.00 42.36 ? 46  LYS A N   1 
ATOM   350  C  CA  . LYS A 1 45  ? 12.666  -11.785 17.384  1.00 46.28 ? 46  LYS A CA  1 
ATOM   351  C  C   . LYS A 1 45  ? 12.564  -10.297 17.536  1.00 50.32 ? 46  LYS A C   1 
ATOM   352  O  O   . LYS A 1 45  ? 13.315  -9.734  18.342  1.00 52.66 ? 46  LYS A O   1 
ATOM   353  C  CB  . LYS A 1 45  ? 13.861  -11.986 16.481  1.00 49.73 ? 46  LYS A CB  1 
ATOM   354  C  CG  . LYS A 1 45  ? 14.385  -13.412 16.551  1.00 56.85 ? 46  LYS A CG  1 
ATOM   355  C  CD  . LYS A 1 45  ? 14.761  -13.934 17.950  1.00 50.56 ? 46  LYS A CD  1 
ATOM   356  C  CE  . LYS A 1 45  ? 14.779  -15.456 17.926  1.00 45.76 ? 46  LYS A CE  1 
ATOM   357  N  NZ  . LYS A 1 45  ? 13.448  -15.962 17.649  1.00 37.27 ? 46  LYS A NZ  1 
ATOM   358  N  N   . ASN A 1 46  ? 11.735  -9.620  16.727  1.00 52.30 ? 47  ASN A N   1 
ATOM   359  C  CA  . ASN A 1 46  ? 11.508  -8.182  16.902  1.00 51.56 ? 47  ASN A CA  1 
ATOM   360  C  C   . ASN A 1 46  ? 10.443  -7.556  16.013  1.00 48.64 ? 47  ASN A C   1 
ATOM   361  O  O   . ASN A 1 46  ? 9.892   -8.196  15.110  1.00 50.66 ? 47  ASN A O   1 
ATOM   362  C  CB  . ASN A 1 46  ? 12.812  -7.377  16.689  1.00 52.44 ? 47  ASN A CB  1 
ATOM   363  C  CG  . ASN A 1 46  ? 13.538  -7.693  15.401  1.00 53.16 ? 47  ASN A CG  1 
ATOM   364  O  OD1 . ASN A 1 46  ? 13.051  -7.408  14.311  1.00 62.78 ? 47  ASN A OD1 1 
ATOM   365  N  ND2 . ASN A 1 46  ? 14.696  -8.313  15.475  1.00 53.13 ? 47  ASN A ND2 1 
ATOM   366  N  N   . LYS A 1 47  ? 10.174  -6.281  16.353  1.00 43.55 ? 48  LYS A N   1 
ATOM   367  C  CA  . LYS A 1 47  ? 9.291   -5.366  15.633  1.00 42.67 ? 48  LYS A CA  1 
ATOM   368  C  C   . LYS A 1 47  ? 9.580   -5.234  14.155  1.00 41.34 ? 48  LYS A C   1 
ATOM   369  O  O   . LYS A 1 47  ? 8.627   -5.237  13.414  1.00 44.55 ? 48  LYS A O   1 
ATOM   370  C  CB  . LYS A 1 47  ? 9.356   -3.977  16.186  1.00 36.58 ? 48  LYS A CB  1 
ATOM   371  C  CG  . LYS A 1 47  ? 8.177   -3.695  17.056  1.00 45.24 ? 48  LYS A CG  1 
ATOM   372  C  CD  . LYS A 1 47  ? 7.046   -2.939  16.364  1.00 46.92 ? 48  LYS A CD  1 
ATOM   373  C  CE  . LYS A 1 47  ? 7.243   -1.436  16.518  1.00 45.95 ? 48  LYS A CE  1 
ATOM   374  N  NZ  . LYS A 1 47  ? 5.960   -0.754  16.472  1.00 45.66 ? 48  LYS A NZ  1 
ATOM   375  N  N   . ARG A 1 48  ? 10.798  -5.165  13.629  1.00 40.20 ? 49  ARG A N   1 
ATOM   376  C  CA  . ARG A 1 48  ? 11.009  -5.037  12.203  1.00 39.48 ? 49  ARG A CA  1 
ATOM   377  C  C   . ARG A 1 48  ? 10.563  -6.339  11.585  1.00 36.44 ? 49  ARG A C   1 
ATOM   378  O  O   . ARG A 1 48  ? 9.778   -6.314  10.635  1.00 36.84 ? 49  ARG A O   1 
ATOM   379  C  CB  . ARG A 1 48  ? 12.492  -4.781  11.869  1.00 45.06 ? 49  ARG A CB  1 
ATOM   380  C  CG  . ARG A 1 48  ? 12.744  -4.123  10.488  1.00 53.99 ? 49  ARG A CG  1 
ATOM   381  C  CD  . ARG A 1 48  ? 11.953  -2.805  10.195  1.00 59.42 ? 49  ARG A CD  1 
ATOM   382  N  NE  . ARG A 1 48  ? 10.698  -3.063  9.467   1.00 68.09 ? 49  ARG A NE  1 
ATOM   383  C  CZ  . ARG A 1 48  ? 9.763   -2.136  9.144   1.00 70.10 ? 49  ARG A CZ  1 
ATOM   384  N  NH1 . ARG A 1 48  ? 9.916   -0.849  9.497   1.00 76.08 ? 49  ARG A NH1 1 
ATOM   385  N  NH2 . ARG A 1 48  ? 8.686   -2.506  8.414   1.00 62.15 ? 49  ARG A NH2 1 
ATOM   386  N  N   . ALA A 1 49  ? 10.999  -7.460  12.181  1.00 33.20 ? 50  ALA A N   1 
ATOM   387  C  CA  . ALA A 1 49  ? 10.631  -8.786  11.724  1.00 27.29 ? 50  ALA A CA  1 
ATOM   388  C  C   . ALA A 1 49  ? 9.127   -8.827  11.691  1.00 27.18 ? 50  ALA A C   1 
ATOM   389  O  O   . ALA A 1 49  ? 8.518   -9.234  10.704  1.00 33.13 ? 50  ALA A O   1 
ATOM   390  C  CB  . ALA A 1 49  ? 11.070  -9.860  12.670  1.00 21.48 ? 50  ALA A CB  1 
ATOM   391  N  N   . LEU A 1 50  ? 8.502   -8.251  12.696  1.00 25.48 ? 51  LEU A N   1 
ATOM   392  C  CA  . LEU A 1 50  ? 7.066   -8.251  12.689  1.00 27.62 ? 51  LEU A CA  1 
ATOM   393  C  C   . LEU A 1 50  ? 6.441   -7.286  11.644  1.00 27.89 ? 51  LEU A C   1 
ATOM   394  O  O   . LEU A 1 50  ? 5.532   -7.677  10.901  1.00 24.88 ? 51  LEU A O   1 
ATOM   395  C  CB  . LEU A 1 50  ? 6.655   -7.933  14.107  1.00 23.78 ? 51  LEU A CB  1 
ATOM   396  C  CG  . LEU A 1 50  ? 5.213   -8.095  14.452  1.00 21.14 ? 51  LEU A CG  1 
ATOM   397  C  CD1 . LEU A 1 50  ? 4.729   -9.528  14.258  1.00 25.01 ? 51  LEU A CD1 1 
ATOM   398  C  CD2 . LEU A 1 50  ? 5.085   -7.687  15.890  1.00 26.32 ? 51  LEU A CD2 1 
ATOM   399  N  N   . LEU A 1 51  ? 6.900   -6.049  11.484  1.00 21.16 ? 52  LEU A N   1 
ATOM   400  C  CA  . LEU A 1 51  ? 6.283   -5.101  10.604  1.00 24.34 ? 52  LEU A CA  1 
ATOM   401  C  C   . LEU A 1 51  ? 6.386   -5.556  9.158   1.00 26.89 ? 52  LEU A C   1 
ATOM   402  O  O   . LEU A 1 51  ? 5.419   -5.598  8.384   1.00 22.24 ? 52  LEU A O   1 
ATOM   403  C  CB  . LEU A 1 51  ? 6.961   -3.789  10.826  1.00 25.60 ? 52  LEU A CB  1 
ATOM   404  C  CG  . LEU A 1 51  ? 6.622   -2.995  12.069  1.00 21.35 ? 52  LEU A CG  1 
ATOM   405  C  CD1 . LEU A 1 51  ? 7.604   -1.825  12.175  1.00 16.38 ? 52  LEU A CD1 1 
ATOM   406  C  CD2 . LEU A 1 51  ? 5.141   -2.592  12.030  1.00 19.12 ? 52  LEU A CD2 1 
ATOM   407  N  N   . ASP A 1 52  ? 7.556   -6.068  8.850   1.00 25.58 ? 53  ASP A N   1 
ATOM   408  C  CA  . ASP A 1 52  ? 7.789   -6.610  7.546   1.00 28.52 ? 53  ASP A CA  1 
ATOM   409  C  C   . ASP A 1 52  ? 6.817   -7.708  7.248   1.00 30.44 ? 53  ASP A C   1 
ATOM   410  O  O   . ASP A 1 52  ? 6.170   -7.648  6.211   1.00 37.81 ? 53  ASP A O   1 
ATOM   411  C  CB  . ASP A 1 52  ? 9.202   -7.142  7.463   1.00 26.13 ? 53  ASP A CB  1 
ATOM   412  C  CG  . ASP A 1 52  ? 10.260  -6.057  7.220   1.00 29.95 ? 53  ASP A CG  1 
ATOM   413  O  OD1 . ASP A 1 52  ? 9.936   -4.867  7.066   1.00 30.73 ? 53  ASP A OD1 1 
ATOM   414  O  OD2 . ASP A 1 52  ? 11.439  -6.412  7.180   1.00 36.25 ? 53  ASP A OD2 1 
ATOM   415  N  N   . ALA A 1 53  ? 6.625   -8.674  8.139   1.00 32.48 ? 54  ALA A N   1 
ATOM   416  C  CA  . ALA A 1 53  ? 5.678   -9.747  7.882   1.00 29.01 ? 54  ALA A CA  1 
ATOM   417  C  C   . ALA A 1 53  ? 4.225   -9.317  7.704   1.00 25.40 ? 54  ALA A C   1 
ATOM   418  O  O   . ALA A 1 53  ? 3.441   -9.977  7.025   1.00 26.29 ? 54  ALA A O   1 
ATOM   419  C  CB  . ALA A 1 53  ? 5.734   -10.745 9.015   1.00 23.14 ? 54  ALA A CB  1 
ATOM   420  N  N   . LEU A 1 54  ? 3.850   -8.233  8.365   1.00 26.88 ? 55  LEU A N   1 
ATOM   421  C  CA  . LEU A 1 54  ? 2.521   -7.660  8.301   1.00 29.37 ? 55  LEU A CA  1 
ATOM   422  C  C   . LEU A 1 54  ? 2.350   -6.974  6.941   1.00 30.64 ? 55  LEU A C   1 
ATOM   423  O  O   . LEU A 1 54  ? 1.322   -7.118  6.287   1.00 32.45 ? 55  LEU A O   1 
ATOM   424  C  CB  . LEU A 1 54  ? 2.382   -6.665  9.460   1.00 29.04 ? 55  LEU A CB  1 
ATOM   425  C  CG  . LEU A 1 54  ? 1.431   -6.923  10.655  1.00 34.69 ? 55  LEU A CG  1 
ATOM   426  C  CD1 . LEU A 1 54  ? 1.609   -8.330  11.183  1.00 23.56 ? 55  LEU A CD1 1 
ATOM   427  C  CD2 . LEU A 1 54  ? 1.701   -5.887  11.744  1.00 26.23 ? 55  LEU A CD2 1 
ATOM   428  N  N   . ALA A 1 55  ? 3.373   -6.262  6.469   1.00 26.84 ? 56  ALA A N   1 
ATOM   429  C  CA  . ALA A 1 55  ? 3.401   -5.669  5.162   1.00 22.72 ? 56  ALA A CA  1 
ATOM   430  C  C   . ALA A 1 55  ? 3.044   -6.715  4.083   1.00 23.44 ? 56  ALA A C   1 
ATOM   431  O  O   . ALA A 1 55  ? 2.154   -6.552  3.227   1.00 26.58 ? 56  ALA A O   1 
ATOM   432  C  CB  . ALA A 1 55  ? 4.802   -5.116  4.999   1.00 17.47 ? 56  ALA A CB  1 
ATOM   433  N  N   . VAL A 1 56  ? 3.705   -7.864  4.133   1.00 22.51 ? 57  VAL A N   1 
ATOM   434  C  CA  . VAL A 1 56  ? 3.464   -8.949  3.205   1.00 20.79 ? 57  VAL A CA  1 
ATOM   435  C  C   . VAL A 1 56  ? 2.048   -9.406  3.360   1.00 26.79 ? 57  VAL A C   1 
ATOM   436  O  O   . VAL A 1 56  ? 1.302   -9.417  2.375   1.00 37.81 ? 57  VAL A O   1 
ATOM   437  C  CB  . VAL A 1 56  ? 4.426   -10.124 3.462   1.00 20.43 ? 57  VAL A CB  1 
ATOM   438  C  CG1 . VAL A 1 56  ? 4.053   -11.345 2.657   1.00 17.43 ? 57  VAL A CG1 1 
ATOM   439  C  CG2 . VAL A 1 56  ? 5.807   -9.775  2.952   1.00 16.44 ? 57  VAL A CG2 1 
ATOM   440  N  N   . GLU A 1 57  ? 1.665   -9.682  4.587   1.00 25.44 ? 58  GLU A N   1 
ATOM   441  C  CA  . GLU A 1 57  ? 0.381   -10.216 4.896   1.00 22.07 ? 58  GLU A CA  1 
ATOM   442  C  C   . GLU A 1 57  ? -0.863  -9.405  4.587   1.00 23.91 ? 58  GLU A C   1 
ATOM   443  O  O   . GLU A 1 57  ? -1.907  -9.970  4.218   1.00 24.19 ? 58  GLU A O   1 
ATOM   444  C  CB  . GLU A 1 57  ? 0.442   -10.550 6.327   1.00 25.58 ? 58  GLU A CB  1 
ATOM   445  C  CG  . GLU A 1 57  ? -0.675  -11.484 6.719   1.00 33.05 ? 58  GLU A CG  1 
ATOM   446  C  CD  . GLU A 1 57  ? -0.574  -12.888 6.135   1.00 39.08 ? 58  GLU A CD  1 
ATOM   447  O  OE1 . GLU A 1 57  ? 0.537   -13.330 5.785   1.00 42.88 ? 58  GLU A OE1 1 
ATOM   448  O  OE2 . GLU A 1 57  ? -1.639  -13.521 6.060   1.00 39.74 ? 58  GLU A OE2 1 
ATOM   449  N  N   . ILE A 1 58  ? -0.893  -8.084  4.736   1.00 28.34 ? 59  ILE A N   1 
ATOM   450  C  CA  . ILE A 1 58  ? -2.088  -7.314  4.342   1.00 27.05 ? 59  ILE A CA  1 
ATOM   451  C  C   . ILE A 1 58  ? -2.343  -7.439  2.844   1.00 26.60 ? 59  ILE A C   1 
ATOM   452  O  O   . ILE A 1 58  ? -3.492  -7.681  2.479   1.00 23.84 ? 59  ILE A O   1 
ATOM   453  C  CB  . ILE A 1 58  ? -1.908  -5.851  4.707   1.00 28.83 ? 59  ILE A CB  1 
ATOM   454  C  CG1 . ILE A 1 58  ? -1.773  -5.839  6.221   1.00 26.26 ? 59  ILE A CG1 1 
ATOM   455  C  CG2 . ILE A 1 58  ? -3.082  -4.962  4.258   1.00 28.32 ? 59  ILE A CG2 1 
ATOM   456  C  CD1 . ILE A 1 58  ? -1.345  -4.505  6.831   1.00 29.90 ? 59  ILE A CD1 1 
ATOM   457  N  N   . LEU A 1 59  ? -1.291  -7.365  2.004   1.00 24.96 ? 60  LEU A N   1 
ATOM   458  C  CA  . LEU A 1 59  ? -1.409  -7.451  0.559   1.00 27.14 ? 60  LEU A CA  1 
ATOM   459  C  C   . LEU A 1 59  ? -1.887  -8.827  0.306   1.00 25.61 ? 60  LEU A C   1 
ATOM   460  O  O   . LEU A 1 59  ? -3.018  -8.928  -0.130  1.00 32.01 ? 60  LEU A O   1 
ATOM   461  C  CB  . LEU A 1 59  ? -0.077  -7.219  -0.214  1.00 16.49 ? 60  LEU A CB  1 
ATOM   462  C  CG  . LEU A 1 59  ? 0.433   -5.780  -0.049  1.00 19.70 ? 60  LEU A CG  1 
ATOM   463  C  CD1 . LEU A 1 59  ? 1.577   -5.484  -0.978  1.00 15.78 ? 60  LEU A CD1 1 
ATOM   464  C  CD2 . LEU A 1 59  ? -0.707  -4.825  -0.348  1.00 19.83 ? 60  LEU A CD2 1 
ATOM   465  N  N   . ALA A 1 60  ? -1.184  -9.860  0.700   1.00 25.87 ? 61  ALA A N   1 
ATOM   466  C  CA  . ALA A 1 60  ? -1.675  -11.200 0.488   1.00 24.22 ? 61  ALA A CA  1 
ATOM   467  C  C   . ALA A 1 60  ? -3.064  -11.526 0.977   1.00 27.10 ? 61  ALA A C   1 
ATOM   468  O  O   . ALA A 1 60  ? -3.630  -12.520 0.540   1.00 38.52 ? 61  ALA A O   1 
ATOM   469  C  CB  . ALA A 1 60  ? -0.772  -12.171 1.139   1.00 24.28 ? 61  ALA A CB  1 
ATOM   470  N  N   . ARG A 1 61  ? -3.623  -10.799 1.916   1.00 31.42 ? 62  ARG A N   1 
ATOM   471  C  CA  . ARG A 1 61  ? -4.971  -11.079 2.294   1.00 36.33 ? 62  ARG A CA  1 
ATOM   472  C  C   . ARG A 1 61  ? -5.934  -10.133 1.635   1.00 42.48 ? 62  ARG A C   1 
ATOM   473  O  O   . ARG A 1 61  ? -7.108  -10.467 1.467   1.00 50.12 ? 62  ARG A O   1 
ATOM   474  C  CB  . ARG A 1 61  ? -5.174  -10.913 3.748   1.00 41.87 ? 62  ARG A CB  1 
ATOM   475  C  CG  . ARG A 1 61  ? -4.420  -11.845 4.603   1.00 45.16 ? 62  ARG A CG  1 
ATOM   476  C  CD  . ARG A 1 61  ? -5.010  -11.514 5.918   1.00 48.04 ? 62  ARG A CD  1 
ATOM   477  N  NE  . ARG A 1 61  ? -4.405  -12.378 6.898   1.00 53.29 ? 62  ARG A NE  1 
ATOM   478  C  CZ  . ARG A 1 61  ? -4.830  -12.355 8.150   1.00 51.52 ? 62  ARG A CZ  1 
ATOM   479  N  NH1 . ARG A 1 61  ? -5.818  -11.544 8.551   1.00 49.28 ? 62  ARG A NH1 1 
ATOM   480  N  NH2 . ARG A 1 61  ? -4.226  -13.171 9.001   1.00 55.01 ? 62  ARG A NH2 1 
ATOM   481  N  N   . HIS A 1 62  ? -5.540  -8.897  1.335   1.00 44.50 ? 63  HIS A N   1 
ATOM   482  C  CA  . HIS A 1 62  ? -6.501  -7.942  0.821   1.00 45.72 ? 63  HIS A CA  1 
ATOM   483  C  C   . HIS A 1 62  ? -6.140  -7.230  -0.452  1.00 41.70 ? 63  HIS A C   1 
ATOM   484  O  O   . HIS A 1 62  ? -6.852  -6.301  -0.826  1.00 45.57 ? 63  HIS A O   1 
ATOM   485  C  CB  . HIS A 1 62  ? -6.792  -6.877  1.854   1.00 54.87 ? 63  HIS A CB  1 
ATOM   486  C  CG  . HIS A 1 62  ? -7.163  -7.497  3.172   1.00 61.20 ? 63  HIS A CG  1 
ATOM   487  N  ND1 . HIS A 1 62  ? -6.278  -7.834  4.092   1.00 65.25 ? 63  HIS A ND1 1 
ATOM   488  C  CD2 . HIS A 1 62  ? -8.419  -7.808  3.608   1.00 61.97 ? 63  HIS A CD2 1 
ATOM   489  C  CE1 . HIS A 1 62  ? -6.962  -8.365  5.076   1.00 64.64 ? 63  HIS A CE1 1 
ATOM   490  N  NE2 . HIS A 1 62  ? -8.233  -8.334  4.785   1.00 62.99 ? 63  HIS A NE2 1 
ATOM   491  N  N   . HIS A 1 63  ? -5.064  -7.595  -1.117  1.00 31.09 ? 64  HIS A N   1 
ATOM   492  C  CA  . HIS A 1 63  ? -4.740  -6.934  -2.334  1.00 30.63 ? 64  HIS A CA  1 
ATOM   493  C  C   . HIS A 1 63  ? -4.971  -7.971  -3.394  1.00 31.57 ? 64  HIS A C   1 
ATOM   494  O  O   . HIS A 1 63  ? -4.074  -8.763  -3.639  1.00 35.50 ? 64  HIS A O   1 
ATOM   495  C  CB  . HIS A 1 63  ? -3.293  -6.469  -2.323  1.00 26.88 ? 64  HIS A CB  1 
ATOM   496  C  CG  . HIS A 1 63  ? -2.770  -5.876  -3.645  1.00 31.57 ? 64  HIS A CG  1 
ATOM   497  N  ND1 . HIS A 1 63  ? -3.253  -4.920  -4.451  1.00 27.17 ? 64  HIS A ND1 1 
ATOM   498  C  CD2 . HIS A 1 63  ? -1.563  -6.260  -4.194  1.00 33.19 ? 64  HIS A CD2 1 
ATOM   499  C  CE1 . HIS A 1 63  ? -2.398  -4.735  -5.426  1.00 32.61 ? 64  HIS A CE1 1 
ATOM   500  N  NE2 . HIS A 1 63  ? -1.386  -5.544  -5.258  1.00 26.18 ? 64  HIS A NE2 1 
ATOM   501  N  N   . ASP A 1 64  ? -6.144  -7.970  -4.036  1.00 39.57 ? 65  ASP A N   1 
ATOM   502  C  CA  . ASP A 1 64  ? -6.464  -8.917  -5.143  1.00 47.97 ? 65  ASP A CA  1 
ATOM   503  C  C   . ASP A 1 64  ? -5.965  -8.714  -6.603  1.00 47.92 ? 65  ASP A C   1 
ATOM   504  O  O   . ASP A 1 64  ? -5.488  -9.652  -7.274  1.00 50.15 ? 65  ASP A O   1 
ATOM   505  C  CB  . ASP A 1 64  ? -7.999  -9.135  -5.269  1.00 52.17 ? 65  ASP A CB  1 
ATOM   506  C  CG  . ASP A 1 64  ? -8.910  -8.152  -4.545  1.00 62.32 ? 65  ASP A CG  1 
ATOM   507  O  OD1 . ASP A 1 64  ? -9.181  -8.360  -3.355  1.00 69.88 ? 65  ASP A OD1 1 
ATOM   508  O  OD2 . ASP A 1 64  ? -9.340  -7.180  -5.175  1.00 70.04 ? 65  ASP A OD2 1 
ATOM   509  N  N   . TYR A 1 65  ? -5.967  -7.483  -7.137  1.00 43.84 ? 66  TYR A N   1 
ATOM   510  C  CA  . TYR A 1 65  ? -5.595  -7.265  -8.515  1.00 37.39 ? 66  TYR A CA  1 
ATOM   511  C  C   . TYR A 1 65  ? -4.114  -7.042  -8.520  1.00 35.01 ? 66  TYR A C   1 
ATOM   512  O  O   . TYR A 1 65  ? -3.600  -5.928  -8.599  1.00 35.05 ? 66  TYR A O   1 
ATOM   513  C  CB  . TYR A 1 65  ? -6.322  -6.057  -9.063  1.00 43.08 ? 66  TYR A CB  1 
ATOM   514  C  CG  . TYR A 1 65  ? -6.644  -6.307  -10.527 1.00 49.52 ? 66  TYR A CG  1 
ATOM   515  C  CD1 . TYR A 1 65  ? -5.673  -6.231  -11.540 1.00 47.99 ? 66  TYR A CD1 1 
ATOM   516  C  CD2 . TYR A 1 65  ? -7.957  -6.644  -10.836 1.00 49.85 ? 66  TYR A CD2 1 
ATOM   517  C  CE1 . TYR A 1 65  ? -6.024  -6.502  -12.861 1.00 48.88 ? 66  TYR A CE1 1 
ATOM   518  C  CE2 . TYR A 1 65  ? -8.306  -6.917  -12.162 1.00 52.06 ? 66  TYR A CE2 1 
ATOM   519  C  CZ  . TYR A 1 65  ? -7.345  -6.854  -13.158 1.00 51.86 ? 66  TYR A CZ  1 
ATOM   520  O  OH  . TYR A 1 65  ? -7.745  -7.167  -14.440 1.00 53.97 ? 66  TYR A OH  1 
ATOM   521  N  N   . SER A 1 66  ? -3.367  -8.099  -8.339  1.00 34.67 ? 67  SER A N   1 
ATOM   522  C  CA  . SER A 1 66  ? -1.924  -7.961  -8.323  1.00 39.22 ? 67  SER A CA  1 
ATOM   523  C  C   . SER A 1 66  ? -1.351  -8.420  -9.667  1.00 41.44 ? 67  SER A C   1 
ATOM   524  O  O   . SER A 1 66  ? -0.166  -8.234  -9.972  1.00 38.86 ? 67  SER A O   1 
ATOM   525  C  CB  . SER A 1 66  ? -1.403  -8.793  -7.122  1.00 37.49 ? 67  SER A CB  1 
ATOM   526  O  OG  . SER A 1 66  ? -1.971  -10.107 -7.122  1.00 39.76 ? 67  SER A OG  1 
ATOM   527  N  N   . LEU A 1 67  ? -2.224  -9.037  -10.470 1.00 42.71 ? 68  LEU A N   1 
ATOM   528  C  CA  . LEU A 1 67  ? -1.846  -9.650  -11.735 1.00 43.57 ? 68  LEU A CA  1 
ATOM   529  C  C   . LEU A 1 67  ? -2.851  -9.186  -12.791 1.00 42.54 ? 68  LEU A C   1 
ATOM   530  O  O   . LEU A 1 67  ? -4.043  -9.015  -12.502 1.00 39.57 ? 68  LEU A O   1 
ATOM   531  C  CB  . LEU A 1 67  ? -1.863  -11.185 -11.557 1.00 43.38 ? 68  LEU A CB  1 
ATOM   532  C  CG  . LEU A 1 67  ? -0.585  -12.060 -11.565 1.00 45.40 ? 68  LEU A CG  1 
ATOM   533  C  CD1 . LEU A 1 67  ? 0.667   -11.336 -11.057 1.00 45.36 ? 68  LEU A CD1 1 
ATOM   534  C  CD2 . LEU A 1 67  ? -0.914  -13.276 -10.710 1.00 43.30 ? 68  LEU A CD2 1 
ATOM   535  N  N   . PRO A 1 68  ? -2.357  -8.868  -14.002 1.00 41.89 ? 69  PRO A N   1 
ATOM   536  C  CA  . PRO A 1 68  ? -3.166  -8.476  -15.127 1.00 37.24 ? 69  PRO A CA  1 
ATOM   537  C  C   . PRO A 1 68  ? -3.976  -9.606  -15.650 1.00 36.62 ? 69  PRO A C   1 
ATOM   538  O  O   . PRO A 1 68  ? -3.543  -10.778 -15.696 1.00 39.86 ? 69  PRO A O   1 
ATOM   539  C  CB  . PRO A 1 68  ? -2.187  -7.980  -16.119 1.00 42.68 ? 69  PRO A CB  1 
ATOM   540  C  CG  . PRO A 1 68  ? -0.962  -8.846  -15.862 1.00 40.57 ? 69  PRO A CG  1 
ATOM   541  C  CD  . PRO A 1 68  ? -0.934  -8.853  -14.360 1.00 40.33 ? 69  PRO A CD  1 
ATOM   542  N  N   . ALA A 1 69  ? -5.195  -9.249  -15.980 1.00 35.71 ? 70  ALA A N   1 
ATOM   543  C  CA  . ALA A 1 69  ? -6.003  -10.219 -16.665 1.00 42.02 ? 70  ALA A CA  1 
ATOM   544  C  C   . ALA A 1 69  ? -5.504  -10.419 -18.148 1.00 47.40 ? 70  ALA A C   1 
ATOM   545  O  O   . ALA A 1 69  ? -4.699  -9.660  -18.728 1.00 48.73 ? 70  ALA A O   1 
ATOM   546  C  CB  . ALA A 1 69  ? -7.432  -9.714  -16.559 1.00 41.91 ? 70  ALA A CB  1 
ATOM   547  N  N   . ALA A 1 70  ? -5.883  -11.552 -18.741 1.00 52.06 ? 71  ALA A N   1 
ATOM   548  C  CA  . ALA A 1 70  ? -5.551  -11.905 -20.116 1.00 53.02 ? 71  ALA A CA  1 
ATOM   549  C  C   . ALA A 1 70  ? -6.267  -10.938 -21.055 1.00 54.31 ? 71  ALA A C   1 
ATOM   550  O  O   . ALA A 1 70  ? -7.512  -10.864 -21.064 1.00 58.07 ? 71  ALA A O   1 
ATOM   551  C  CB  . ALA A 1 70  ? -6.027  -13.315 -20.414 1.00 52.29 ? 71  ALA A CB  1 
ATOM   552  N  N   . GLY A 1 71  ? -5.450  -10.184 -21.795 1.00 50.98 ? 72  GLY A N   1 
ATOM   553  C  CA  . GLY A 1 71  ? -6.006  -9.230  -22.739 1.00 51.35 ? 72  GLY A CA  1 
ATOM   554  C  C   . GLY A 1 71  ? -6.203  -7.822  -22.192 1.00 47.14 ? 72  GLY A C   1 
ATOM   555  O  O   . GLY A 1 71  ? -6.854  -6.987  -22.852 1.00 49.33 ? 72  GLY A O   1 
ATOM   556  N  N   . GLU A 1 72  ? -5.595  -7.553  -21.016 1.00 36.92 ? 73  GLU A N   1 
ATOM   557  C  CA  . GLU A 1 72  ? -5.798  -6.289  -20.367 1.00 27.94 ? 73  GLU A CA  1 
ATOM   558  C  C   . GLU A 1 72  ? -4.697  -5.377  -20.747 1.00 26.14 ? 73  GLU A C   1 
ATOM   559  O  O   . GLU A 1 72  ? -3.567  -5.816  -20.948 1.00 25.15 ? 73  GLU A O   1 
ATOM   560  C  CB  . GLU A 1 72  ? -5.801  -6.523  -18.902 1.00 32.68 ? 73  GLU A CB  1 
ATOM   561  C  CG  . GLU A 1 72  ? -6.010  -5.258  -18.106 1.00 36.92 ? 73  GLU A CG  1 
ATOM   562  C  CD  . GLU A 1 72  ? -6.210  -5.528  -16.648 1.00 29.15 ? 73  GLU A CD  1 
ATOM   563  O  OE1 . GLU A 1 72  ? -5.469  -6.315  -16.077 1.00 33.15 ? 73  GLU A OE1 1 
ATOM   564  O  OE2 . GLU A 1 72  ? -7.114  -4.933  -16.103 1.00 26.56 ? 73  GLU A OE2 1 
ATOM   565  N  N   . SER A 1 73  ? -5.039  -4.099  -20.838 1.00 22.20 ? 74  SER A N   1 
ATOM   566  C  CA  . SER A 1 73  ? -4.054  -3.117  -21.255 1.00 23.82 ? 74  SER A CA  1 
ATOM   567  C  C   . SER A 1 73  ? -3.198  -2.739  -20.096 1.00 26.60 ? 74  SER A C   1 
ATOM   568  O  O   . SER A 1 73  ? -3.729  -2.804  -18.977 1.00 25.46 ? 74  SER A O   1 
ATOM   569  C  CB  . SER A 1 73  ? -4.715  -1.865  -21.733 1.00 25.40 ? 74  SER A CB  1 
ATOM   570  O  OG  . SER A 1 73  ? -5.900  -1.573  -20.961 1.00 24.83 ? 74  SER A OG  1 
ATOM   571  N  N   . TRP A 1 74  ? -2.018  -2.170  -20.349 1.00 20.49 ? 75  TRP A N   1 
ATOM   572  C  CA  . TRP A 1 74  ? -1.226  -1.711  -19.233 1.00 27.69 ? 75  TRP A CA  1 
ATOM   573  C  C   . TRP A 1 74  ? -1.891  -0.586  -18.441 1.00 28.78 ? 75  TRP A C   1 
ATOM   574  O  O   . TRP A 1 74  ? -1.558  -0.392  -17.269 1.00 33.59 ? 75  TRP A O   1 
ATOM   575  C  CB  . TRP A 1 74  ? 0.146   -1.238  -19.699 1.00 22.21 ? 75  TRP A CB  1 
ATOM   576  C  CG  . TRP A 1 74  ? 0.235   0.040   -20.505 1.00 28.21 ? 75  TRP A CG  1 
ATOM   577  C  CD1 . TRP A 1 74  ? 0.362   -0.039  -21.872 1.00 28.87 ? 75  TRP A CD1 1 
ATOM   578  C  CD2 . TRP A 1 74  ? 0.264   1.340   -20.036 1.00 28.81 ? 75  TRP A CD2 1 
ATOM   579  N  NE1 . TRP A 1 74  ? 0.482   1.204   -22.274 1.00 31.07 ? 75  TRP A NE1 1 
ATOM   580  C  CE2 . TRP A 1 74  ? 0.427   2.052   -21.239 1.00 25.56 ? 75  TRP A CE2 1 
ATOM   581  C  CE3 . TRP A 1 74  ? 0.197   2.037   -18.825 1.00 25.33 ? 75  TRP A CE3 1 
ATOM   582  C  CZ2 . TRP A 1 74  ? 0.514   3.435   -21.255 1.00 19.85 ? 75  TRP A CZ2 1 
ATOM   583  C  CZ3 . TRP A 1 74  ? 0.288   3.429   -18.836 1.00 19.07 ? 75  TRP A CZ3 1 
ATOM   584  C  CH2 . TRP A 1 74  ? 0.445   4.118   -20.038 1.00 23.53 ? 75  TRP A CH2 1 
ATOM   585  N  N   . GLN A 1 75  ? -2.852  0.132   -19.030 1.00 24.81 ? 76  GLN A N   1 
ATOM   586  C  CA  . GLN A 1 75  ? -3.501  1.250   -18.389 1.00 18.29 ? 76  GLN A CA  1 
ATOM   587  C  C   . GLN A 1 75  ? -4.613  0.722   -17.549 1.00 15.58 ? 76  GLN A C   1 
ATOM   588  O  O   . GLN A 1 75  ? -4.849  1.239   -16.475 1.00 16.33 ? 76  GLN A O   1 
ATOM   589  C  CB  . GLN A 1 75  ? -4.106  2.246   -19.379 1.00 23.67 ? 76  GLN A CB  1 
ATOM   590  C  CG  . GLN A 1 75  ? -3.236  3.008   -20.423 1.00 27.97 ? 76  GLN A CG  1 
ATOM   591  C  CD  . GLN A 1 75  ? -2.830  2.285   -21.719 1.00 27.47 ? 76  GLN A CD  1 
ATOM   592  O  OE1 . GLN A 1 75  ? -3.001  1.077   -21.867 1.00 32.60 ? 76  GLN A OE1 1 
ATOM   593  N  NE2 . GLN A 1 75  ? -2.220  2.898   -22.713 1.00 27.13 ? 76  GLN A NE2 1 
ATOM   594  N  N   . SER A 1 76  ? -5.319  -0.291  -17.983 1.00 13.92 ? 77  SER A N   1 
ATOM   595  C  CA  . SER A 1 76  ? -6.342  -0.850  -17.149 1.00 23.20 ? 77  SER A CA  1 
ATOM   596  C  C   . SER A 1 76  ? -5.639  -1.636  -16.022 1.00 32.53 ? 77  SER A C   1 
ATOM   597  O  O   . SER A 1 76  ? -6.085  -1.482  -14.880 1.00 43.37 ? 77  SER A O   1 
ATOM   598  C  CB  . SER A 1 76  ? -7.215  -1.777  -17.945 1.00 24.40 ? 77  SER A CB  1 
ATOM   599  O  OG  . SER A 1 76  ? -8.364  -2.227  -17.247 1.00 24.16 ? 77  SER A OG  1 
ATOM   600  N  N   . PHE A 1 77  ? -4.596  -2.472  -16.213 1.00 31.80 ? 78  PHE A N   1 
ATOM   601  C  CA  . PHE A 1 77  ? -3.875  -3.102  -15.125 1.00 29.73 ? 78  PHE A CA  1 
ATOM   602  C  C   . PHE A 1 77  ? -3.404  -2.000  -14.179 1.00 31.25 ? 78  PHE A C   1 
ATOM   603  O  O   . PHE A 1 77  ? -3.859  -2.051  -13.042 1.00 36.59 ? 78  PHE A O   1 
ATOM   604  C  CB  . PHE A 1 77  ? -2.681  -3.864  -15.614 1.00 29.83 ? 78  PHE A CB  1 
ATOM   605  C  CG  . PHE A 1 77  ? -1.834  -4.383  -14.454 1.00 31.83 ? 78  PHE A CG  1 
ATOM   606  C  CD1 . PHE A 1 77  ? -2.329  -5.391  -13.617 1.00 29.49 ? 78  PHE A CD1 1 
ATOM   607  C  CD2 . PHE A 1 77  ? -0.570  -3.821  -14.196 1.00 30.39 ? 78  PHE A CD2 1 
ATOM   608  C  CE1 . PHE A 1 77  ? -1.562  -5.824  -12.532 1.00 26.18 ? 78  PHE A CE1 1 
ATOM   609  C  CE2 . PHE A 1 77  ? 0.188   -4.264  -13.103 1.00 28.61 ? 78  PHE A CE2 1 
ATOM   610  C  CZ  . PHE A 1 77  ? -0.312  -5.261  -12.279 1.00 25.39 ? 78  PHE A CZ  1 
ATOM   611  N  N   . LEU A 1 78  ? -2.622  -0.975  -14.507 1.00 30.75 ? 79  LEU A N   1 
ATOM   612  C  CA  . LEU A 1 78  ? -2.267  0.071   -13.552 1.00 23.78 ? 79  LEU A CA  1 
ATOM   613  C  C   . LEU A 1 78  ? -3.455  0.703   -12.844 1.00 25.59 ? 79  LEU A C   1 
ATOM   614  O  O   . LEU A 1 78  ? -3.380  1.002   -11.652 1.00 32.19 ? 79  LEU A O   1 
ATOM   615  C  CB  . LEU A 1 78  ? -1.467  1.145   -14.267 1.00 21.72 ? 79  LEU A CB  1 
ATOM   616  C  CG  . LEU A 1 78  ? 0.048   1.086   -14.163 1.00 16.94 ? 79  LEU A CG  1 
ATOM   617  C  CD1 . LEU A 1 78  ? 0.493   -0.285  -14.479 1.00 22.55 ? 79  LEU A CD1 1 
ATOM   618  C  CD2 . LEU A 1 78  ? 0.681   2.109   -15.085 1.00 21.05 ? 79  LEU A CD2 1 
ATOM   619  N  N   . ARG A 1 79  ? -4.605  0.872   -13.457 1.00 22.69 ? 80  ARG A N   1 
ATOM   620  C  CA  . ARG A 1 79  ? -5.710  1.411   -12.715 1.00 21.71 ? 80  ARG A CA  1 
ATOM   621  C  C   . ARG A 1 79  ? -6.182  0.379   -11.708 1.00 26.45 ? 80  ARG A C   1 
ATOM   622  O  O   . ARG A 1 79  ? -6.134  0.647   -10.509 1.00 31.53 ? 80  ARG A O   1 
ATOM   623  C  CB  . ARG A 1 79  ? -6.790  1.725   -13.654 1.00 17.12 ? 80  ARG A CB  1 
ATOM   624  C  CG  . ARG A 1 79  ? -8.045  2.302   -13.084 1.00 19.23 ? 80  ARG A CG  1 
ATOM   625  C  CD  . ARG A 1 79  ? -9.003  2.432   -14.286 1.00 31.14 ? 80  ARG A CD  1 
ATOM   626  N  NE  . ARG A 1 79  ? -8.574  3.508   -15.159 1.00 30.87 ? 80  ARG A NE  1 
ATOM   627  C  CZ  . ARG A 1 79  ? -8.168  3.312   -16.402 1.00 29.83 ? 80  ARG A CZ  1 
ATOM   628  N  NH1 . ARG A 1 79  ? -8.142  2.099   -16.924 1.00 31.07 ? 80  ARG A NH1 1 
ATOM   629  N  NH2 . ARG A 1 79  ? -7.762  4.362   -17.102 1.00 30.05 ? 80  ARG A NH2 1 
ATOM   630  N  N   . ASN A 1 80  ? -6.608  -0.802  -12.158 1.00 25.18 ? 81  ASN A N   1 
ATOM   631  C  CA  . ASN A 1 80  ? -7.164  -1.838  -11.298 1.00 27.50 ? 81  ASN A CA  1 
ATOM   632  C  C   . ASN A 1 80  ? -6.279  -2.287  -10.139 1.00 23.74 ? 81  ASN A C   1 
ATOM   633  O  O   . ASN A 1 80  ? -6.756  -2.600  -9.064  1.00 30.03 ? 81  ASN A O   1 
ATOM   634  C  CB  . ASN A 1 80  ? -7.504  -3.038  -12.135 1.00 23.14 ? 81  ASN A CB  1 
ATOM   635  C  CG  . ASN A 1 80  ? -8.842  -2.891  -12.814 1.00 26.99 ? 81  ASN A CG  1 
ATOM   636  O  OD1 . ASN A 1 80  ? -9.832  -2.325  -12.313 1.00 26.33 ? 81  ASN A OD1 1 
ATOM   637  N  ND2 . ASN A 1 80  ? -8.891  -3.417  -14.025 1.00 32.58 ? 81  ASN A ND2 1 
ATOM   638  N  N   . ASN A 1 81  ? -4.978  -2.302  -10.347 1.00 24.13 ? 82  ASN A N   1 
ATOM   639  C  CA  . ASN A 1 81  ? -3.959  -2.601  -9.381  1.00 28.06 ? 82  ASN A CA  1 
ATOM   640  C  C   . ASN A 1 81  ? -3.833  -1.502  -8.295  1.00 30.30 ? 82  ASN A C   1 
ATOM   641  O  O   . ASN A 1 81  ? -3.812  -1.830  -7.092  1.00 32.41 ? 82  ASN A O   1 
ATOM   642  C  CB  . ASN A 1 81  ? -2.631  -2.806  -10.156 1.00 25.95 ? 82  ASN A CB  1 
ATOM   643  C  CG  . ASN A 1 81  ? -1.436  -3.130  -9.251  1.00 29.53 ? 82  ASN A CG  1 
ATOM   644  O  OD1 . ASN A 1 81  ? -0.570  -2.297  -8.980  1.00 27.95 ? 82  ASN A OD1 1 
ATOM   645  N  ND2 . ASN A 1 81  ? -1.339  -4.312  -8.688  1.00 22.26 ? 82  ASN A ND2 1 
ATOM   646  N  N   . ALA A 1 82  ? -3.845  -0.198  -8.649  1.00 26.10 ? 83  ALA A N   1 
ATOM   647  C  CA  . ALA A 1 82  ? -3.661  0.891   -7.709  1.00 20.52 ? 83  ALA A CA  1 
ATOM   648  C  C   . ALA A 1 82  ? -4.815  0.988   -6.765  1.00 22.69 ? 83  ALA A C   1 
ATOM   649  O  O   . ALA A 1 82  ? -4.706  1.204   -5.576  1.00 29.56 ? 83  ALA A O   1 
ATOM   650  C  CB  . ALA A 1 82  ? -3.533  2.219   -8.437  1.00 10.41 ? 83  ALA A CB  1 
ATOM   651  N  N   . MET A 1 83  ? -5.982  0.776   -7.281  1.00 25.74 ? 84  MET A N   1 
ATOM   652  C  CA  . MET A 1 83  ? -7.192  0.830   -6.495  1.00 27.81 ? 84  MET A CA  1 
ATOM   653  C  C   . MET A 1 83  ? -7.143  -0.321  -5.517  1.00 25.15 ? 84  MET A C   1 
ATOM   654  O  O   . MET A 1 83  ? -7.373  -0.132  -4.343  1.00 28.04 ? 84  MET A O   1 
ATOM   655  C  CB  . MET A 1 83  ? -8.431  0.675   -7.392  1.00 33.50 ? 84  MET A CB  1 
ATOM   656  C  CG  . MET A 1 83  ? -8.659  1.713   -8.522  1.00 37.93 ? 84  MET A CG  1 
ATOM   657  S  SD  . MET A 1 83  ? -10.353 1.644   -9.186  1.00 44.39 ? 84  MET A SD  1 
ATOM   658  C  CE  . MET A 1 83  ? -10.329 0.290   -10.333 1.00 42.79 ? 84  MET A CE  1 
ATOM   659  N  N   . SER A 1 84  ? -6.829  -1.520  -5.969  1.00 23.71 ? 85  SER A N   1 
ATOM   660  C  CA  . SER A 1 84  ? -6.752  -2.675  -5.129  1.00 24.95 ? 85  SER A CA  1 
ATOM   661  C  C   . SER A 1 84  ? -5.741  -2.459  -4.016  1.00 27.66 ? 85  SER A C   1 
ATOM   662  O  O   . SER A 1 84  ? -5.942  -2.943  -2.917  1.00 26.73 ? 85  SER A O   1 
ATOM   663  C  CB  . SER A 1 84  ? -6.355  -3.848  -5.974  1.00 26.14 ? 85  SER A CB  1 
ATOM   664  O  OG  . SER A 1 84  ? -5.962  -4.992  -5.217  1.00 32.26 ? 85  SER A OG  1 
ATOM   665  N  N   . PHE A 1 85  ? -4.593  -1.892  -4.327  1.00 25.61 ? 86  PHE A N   1 
ATOM   666  C  CA  . PHE A 1 85  ? -3.549  -1.585  -3.373  1.00 24.89 ? 86  PHE A CA  1 
ATOM   667  C  C   . PHE A 1 85  ? -4.037  -0.518  -2.400  1.00 29.06 ? 86  PHE A C   1 
ATOM   668  O  O   . PHE A 1 85  ? -3.924  -0.751  -1.189  1.00 37.13 ? 86  PHE A O   1 
ATOM   669  C  CB  . PHE A 1 85  ? -2.319  -1.173  -4.214  1.00 20.48 ? 86  PHE A CB  1 
ATOM   670  C  CG  . PHE A 1 85  ? -1.028  -0.812  -3.505  1.00 14.54 ? 86  PHE A CG  1 
ATOM   671  C  CD1 . PHE A 1 85  ? -0.329  -1.764  -2.750  1.00 22.81 ? 86  PHE A CD1 1 
ATOM   672  C  CD2 . PHE A 1 85  ? -0.540  0.487   -3.591  1.00 10.82 ? 86  PHE A CD2 1 
ATOM   673  C  CE1 . PHE A 1 85  ? 0.854   -1.403  -2.092  1.00 16.77 ? 86  PHE A CE1 1 
ATOM   674  C  CE2 . PHE A 1 85  ? 0.633   0.853   -2.938  1.00 6.45  ? 86  PHE A CE2 1 
ATOM   675  C  CZ  . PHE A 1 85  ? 1.331   -0.096  -2.187  1.00 16.33 ? 86  PHE A CZ  1 
ATOM   676  N  N   . ARG A 1 86  ? -4.667  0.586   -2.833  1.00 28.90 ? 87  ARG A N   1 
ATOM   677  C  CA  . ARG A 1 86  ? -5.171  1.604   -1.940  1.00 26.70 ? 87  ARG A CA  1 
ATOM   678  C  C   . ARG A 1 86  ? -6.074  0.977   -0.878  1.00 29.51 ? 87  ARG A C   1 
ATOM   679  O  O   . ARG A 1 86  ? -6.034  1.365   0.288   1.00 30.00 ? 87  ARG A O   1 
ATOM   680  C  CB  . ARG A 1 86  ? -5.978  2.639   -2.700  1.00 17.24 ? 87  ARG A CB  1 
ATOM   681  C  CG  . ARG A 1 86  ? -6.143  3.862   -1.842  1.00 21.11 ? 87  ARG A CG  1 
ATOM   682  C  CD  . ARG A 1 86  ? -6.938  5.105   -2.262  1.00 16.73 ? 87  ARG A CD  1 
ATOM   683  N  NE  . ARG A 1 86  ? -8.328  4.723   -2.286  1.00 20.89 ? 87  ARG A NE  1 
ATOM   684  C  CZ  . ARG A 1 86  ? -9.257  5.446   -1.681  1.00 24.51 ? 87  ARG A CZ  1 
ATOM   685  N  NH1 . ARG A 1 86  ? -8.964  6.575   -1.037  1.00 18.64 ? 87  ARG A NH1 1 
ATOM   686  N  NH2 . ARG A 1 86  ? -10.483 4.941   -1.618  1.00 31.52 ? 87  ARG A NH2 1 
ATOM   687  N  N   . ARG A 1 87  ? -6.844  -0.016  -1.302  1.00 29.69 ? 88  ARG A N   1 
ATOM   688  C  CA  . ARG A 1 87  ? -7.795  -0.631  -0.425  1.00 34.94 ? 88  ARG A CA  1 
ATOM   689  C  C   . ARG A 1 87  ? -7.124  -1.664  0.452   1.00 33.71 ? 88  ARG A C   1 
ATOM   690  O  O   . ARG A 1 87  ? -7.563  -1.678  1.594   1.00 43.12 ? 88  ARG A O   1 
ATOM   691  C  CB  . ARG A 1 87  ? -8.942  -1.270  -1.225  1.00 39.59 ? 88  ARG A CB  1 
ATOM   692  C  CG  . ARG A 1 87  ? -8.838  -2.759  -1.600  1.00 55.61 ? 88  ARG A CG  1 
ATOM   693  C  CD  . ARG A 1 87  ? -10.150 -3.331  -2.135  1.00 63.89 ? 88  ARG A CD  1 
ATOM   694  N  NE  . ARG A 1 87  ? -10.251 -3.073  -3.558  1.00 72.74 ? 88  ARG A NE  1 
ATOM   695  C  CZ  . ARG A 1 87  ? -10.894 -2.005  -4.054  1.00 76.94 ? 88  ARG A CZ  1 
ATOM   696  N  NH1 . ARG A 1 87  ? -11.504 -1.097  -3.265  1.00 77.89 ? 88  ARG A NH1 1 
ATOM   697  N  NH2 . ARG A 1 87  ? -10.889 -1.828  -5.380  1.00 79.07 ? 88  ARG A NH2 1 
ATOM   698  N  N   . ALA A 1 88  ? -6.164  -2.538  0.101   1.00 29.88 ? 89  ALA A N   1 
ATOM   699  C  CA  . ALA A 1 88  ? -5.468  -3.378  1.085   1.00 24.56 ? 89  ALA A CA  1 
ATOM   700  C  C   . ALA A 1 88  ? -4.885  -2.540  2.233   1.00 24.60 ? 89  ALA A C   1 
ATOM   701  O  O   . ALA A 1 88  ? -5.067  -2.836  3.417   1.00 27.37 ? 89  ALA A O   1 
ATOM   702  C  CB  . ALA A 1 88  ? -4.339  -4.092  0.458   1.00 23.08 ? 89  ALA A CB  1 
ATOM   703  N  N   . LEU A 1 89  ? -4.305  -1.397  1.883   1.00 22.33 ? 90  LEU A N   1 
ATOM   704  C  CA  . LEU A 1 89  ? -3.695  -0.432  2.767   1.00 17.45 ? 90  LEU A CA  1 
ATOM   705  C  C   . LEU A 1 89  ? -4.606  0.321   3.703   1.00 20.34 ? 90  LEU A C   1 
ATOM   706  O  O   . LEU A 1 89  ? -4.192  0.988   4.661   1.00 26.09 ? 90  LEU A O   1 
ATOM   707  C  CB  . LEU A 1 89  ? -2.946  0.620   1.957   1.00 14.25 ? 90  LEU A CB  1 
ATOM   708  C  CG  . LEU A 1 89  ? -1.707  0.213   1.222   1.00 15.31 ? 90  LEU A CG  1 
ATOM   709  C  CD1 . LEU A 1 89  ? -1.059  1.507   0.719   1.00 12.15 ? 90  LEU A CD1 1 
ATOM   710  C  CD2 . LEU A 1 89  ? -0.741  -0.569  2.128   1.00 7.27  ? 90  LEU A CD2 1 
ATOM   711  N  N   . LEU A 1 90  ? -5.883  0.322   3.442   1.00 25.58 ? 91  LEU A N   1 
ATOM   712  C  CA  . LEU A 1 90  ? -6.807  1.083   4.263   1.00 24.06 ? 91  LEU A CA  1 
ATOM   713  C  C   . LEU A 1 90  ? -7.572  0.149   5.192   1.00 24.13 ? 91  LEU A C   1 
ATOM   714  O  O   . LEU A 1 90  ? -8.182  0.622   6.136   1.00 32.38 ? 91  LEU A O   1 
ATOM   715  C  CB  . LEU A 1 90  ? -7.783  1.862   3.345   1.00 18.21 ? 91  LEU A CB  1 
ATOM   716  C  CG  . LEU A 1 90  ? -7.484  3.196   2.707   1.00 16.74 ? 91  LEU A CG  1 
ATOM   717  C  CD1 . LEU A 1 90  ? -8.622  3.374   1.750   1.00 17.23 ? 91  LEU A CD1 1 
ATOM   718  C  CD2 . LEU A 1 90  ? -7.449  4.401   3.665   1.00 14.46 ? 91  LEU A CD2 1 
ATOM   719  N  N   . ARG A 1 91  ? -7.585  -1.159  4.925   1.00 24.85 ? 92  ARG A N   1 
ATOM   720  C  CA  . ARG A 1 91  ? -8.203  -2.182  5.749   1.00 32.91 ? 92  ARG A CA  1 
ATOM   721  C  C   . ARG A 1 91  ? -7.750  -2.128  7.211   1.00 32.41 ? 92  ARG A C   1 
ATOM   722  O  O   . ARG A 1 91  ? -8.530  -2.440  8.100   1.00 40.80 ? 92  ARG A O   1 
ATOM   723  C  CB  . ARG A 1 91  ? -7.851  -3.552  5.176   1.00 37.51 ? 92  ARG A CB  1 
ATOM   724  C  CG  . ARG A 1 91  ? -8.859  -4.650  5.402   1.00 46.85 ? 92  ARG A CG  1 
ATOM   725  C  CD  . ARG A 1 91  ? -10.021 -4.472  4.417   1.00 67.03 ? 92  ARG A CD  1 
ATOM   726  N  NE  . ARG A 1 91  ? -9.711  -4.987  3.080   1.00 77.02 ? 92  ARG A NE  1 
ATOM   727  C  CZ  . ARG A 1 91  ? -10.469 -4.781  1.983   1.00 79.11 ? 92  ARG A CZ  1 
ATOM   728  N  NH1 . ARG A 1 91  ? -11.599 -4.053  2.032   1.00 77.62 ? 92  ARG A NH1 1 
ATOM   729  N  NH2 . ARG A 1 91  ? -10.102 -5.373  0.827   1.00 78.71 ? 92  ARG A NH2 1 
ATOM   730  N  N   . TYR A 1 92  ? -6.490  -1.806  7.474   1.00 31.90 ? 93  TYR A N   1 
ATOM   731  C  CA  . TYR A 1 92  ? -5.892  -1.715  8.801   1.00 29.91 ? 93  TYR A CA  1 
ATOM   732  C  C   . TYR A 1 92  ? -5.354  -0.329  9.165   1.00 31.65 ? 93  TYR A C   1 
ATOM   733  O  O   . TYR A 1 92  ? -4.646  0.309   8.364   1.00 36.70 ? 93  TYR A O   1 
ATOM   734  C  CB  . TYR A 1 92  ? -4.735  -2.678  8.916   1.00 27.45 ? 93  TYR A CB  1 
ATOM   735  C  CG  . TYR A 1 92  ? -5.217  -4.073  8.633   1.00 28.43 ? 93  TYR A CG  1 
ATOM   736  C  CD1 . TYR A 1 92  ? -5.905  -4.789  9.614   1.00 30.38 ? 93  TYR A CD1 1 
ATOM   737  C  CD2 . TYR A 1 92  ? -5.013  -4.616  7.367   1.00 32.55 ? 93  TYR A CD2 1 
ATOM   738  C  CE1 . TYR A 1 92  ? -6.385  -6.070  9.340   1.00 26.90 ? 93  TYR A CE1 1 
ATOM   739  C  CE2 . TYR A 1 92  ? -5.491  -5.891  7.093   1.00 35.94 ? 93  TYR A CE2 1 
ATOM   740  C  CZ  . TYR A 1 92  ? -6.170  -6.609  8.082   1.00 29.82 ? 93  TYR A CZ  1 
ATOM   741  O  OH  . TYR A 1 92  ? -6.687  -7.846  7.774   1.00 40.81 ? 93  TYR A OH  1 
ATOM   742  N  N   . ARG A 1 93  ? -5.645  0.149   10.385  1.00 29.33 ? 94  ARG A N   1 
ATOM   743  C  CA  . ARG A 1 93  ? -5.156  1.414   10.914  1.00 24.14 ? 94  ARG A CA  1 
ATOM   744  C  C   . ARG A 1 93  ? -3.663  1.378   10.737  1.00 23.84 ? 94  ARG A C   1 
ATOM   745  O  O   . ARG A 1 93  ? -3.020  0.364   10.968  1.00 24.24 ? 94  ARG A O   1 
ATOM   746  C  CB  . ARG A 1 93  ? -5.481  1.526   12.380  1.00 30.96 ? 94  ARG A CB  1 
ATOM   747  C  CG  . ARG A 1 93  ? -5.244  2.797   13.200  1.00 37.99 ? 94  ARG A CG  1 
ATOM   748  C  CD  . ARG A 1 93  ? -5.211  2.183   14.599  1.00 47.08 ? 94  ARG A CD  1 
ATOM   749  N  NE  . ARG A 1 93  ? -5.343  2.941   15.843  1.00 55.06 ? 94  ARG A NE  1 
ATOM   750  C  CZ  . ARG A 1 93  ? -4.881  4.171   16.109  1.00 59.53 ? 94  ARG A CZ  1 
ATOM   751  N  NH1 . ARG A 1 93  ? -4.214  4.915   15.215  1.00 57.77 ? 94  ARG A NH1 1 
ATOM   752  N  NH2 . ARG A 1 93  ? -5.060  4.609   17.368  1.00 58.22 ? 94  ARG A NH2 1 
ATOM   753  N  N   . ASP A 1 94  ? -3.138  2.454   10.178  1.00 24.22 ? 95  ASP A N   1 
ATOM   754  C  CA  . ASP A 1 94  ? -1.734  2.611   9.859   1.00 23.91 ? 95  ASP A CA  1 
ATOM   755  C  C   . ASP A 1 94  ? -1.166  1.575   8.888   1.00 27.17 ? 95  ASP A C   1 
ATOM   756  O  O   . ASP A 1 94  ? 0.060   1.368   8.812   1.00 29.51 ? 95  ASP A O   1 
ATOM   757  C  CB  . ASP A 1 94  ? -0.964  2.633   11.168  1.00 30.81 ? 95  ASP A CB  1 
ATOM   758  C  CG  . ASP A 1 94  ? -1.084  3.904   12.017  1.00 38.52 ? 95  ASP A CG  1 
ATOM   759  O  OD1 . ASP A 1 94  ? -1.770  4.873   11.672  1.00 38.27 ? 95  ASP A OD1 1 
ATOM   760  O  OD2 . ASP A 1 94  ? -0.452  3.901   13.070  1.00 45.22 ? 95  ASP A OD2 1 
ATOM   761  N  N   . GLY A 1 95  ? -2.065  1.038   8.030   1.00 25.29 ? 96  GLY A N   1 
ATOM   762  C  CA  . GLY A 1 95  ? -1.735  0.035   7.022   1.00 22.59 ? 96  GLY A CA  1 
ATOM   763  C  C   . GLY A 1 95  ? -0.646  0.543   6.094   1.00 23.46 ? 96  GLY A C   1 
ATOM   764  O  O   . GLY A 1 95  ? 0.301   -0.187  5.802   1.00 26.03 ? 96  GLY A O   1 
ATOM   765  N  N   . ALA A 1 96  ? -0.700  1.833   5.715   1.00 19.94 ? 97  ALA A N   1 
ATOM   766  C  CA  . ALA A 1 96  ? 0.282   2.401   4.815   1.00 20.53 ? 97  ALA A CA  1 
ATOM   767  C  C   . ALA A 1 96  ? 1.587   2.747   5.500   1.00 21.19 ? 97  ALA A C   1 
ATOM   768  O  O   . ALA A 1 96  ? 2.634   2.649   4.854   1.00 29.46 ? 97  ALA A O   1 
ATOM   769  C  CB  . ALA A 1 96  ? -0.272  3.663   4.154   1.00 15.70 ? 97  ALA A CB  1 
ATOM   770  N  N   . LYS A 1 97  ? 1.643   3.149   6.786   1.00 26.74 ? 98  LYS A N   1 
ATOM   771  C  CA  . LYS A 1 97  ? 2.919   3.323   7.530   1.00 22.60 ? 98  LYS A CA  1 
ATOM   772  C  C   . LYS A 1 97  ? 3.662   1.984   7.671   1.00 22.76 ? 98  LYS A C   1 
ATOM   773  O  O   . LYS A 1 97  ? 4.895   1.955   7.628   1.00 27.70 ? 98  LYS A O   1 
ATOM   774  C  CB  . LYS A 1 97  ? 2.687   3.817   8.913   1.00 26.82 ? 98  LYS A CB  1 
ATOM   775  C  CG  . LYS A 1 97  ? 2.033   5.163   9.022   1.00 28.45 ? 98  LYS A CG  1 
ATOM   776  C  CD  . LYS A 1 97  ? 3.159   6.063   9.418   1.00 37.71 ? 98  LYS A CD  1 
ATOM   777  C  CE  . LYS A 1 97  ? 2.579   7.316   10.009  1.00 40.63 ? 98  LYS A CE  1 
ATOM   778  N  NZ  . LYS A 1 97  ? 1.837   7.035   11.232  1.00 50.25 ? 98  LYS A NZ  1 
ATOM   779  N  N   . VAL A 1 98  ? 2.923   0.869   7.837   1.00 20.23 ? 99  VAL A N   1 
ATOM   780  C  CA  . VAL A 1 98  ? 3.515   -0.461  7.861   1.00 22.47 ? 99  VAL A CA  1 
ATOM   781  C  C   . VAL A 1 98  ? 4.273   -0.794  6.565   1.00 28.52 ? 99  VAL A C   1 
ATOM   782  O  O   . VAL A 1 98  ? 5.378   -1.328  6.641   1.00 35.42 ? 99  VAL A O   1 
ATOM   783  C  CB  . VAL A 1 98  ? 2.435   -1.537  8.095   1.00 16.42 ? 99  VAL A CB  1 
ATOM   784  C  CG1 . VAL A 1 98  ? 3.130   -2.837  8.282   1.00 12.83 ? 99  VAL A CG1 1 
ATOM   785  C  CG2 . VAL A 1 98  ? 1.612   -1.267  9.333   1.00 18.86 ? 99  VAL A CG2 1 
ATOM   786  N  N   . HIS A 1 99  ? 3.676   -0.557  5.372   1.00 30.83 ? 100 HIS A N   1 
ATOM   787  C  CA  . HIS A 1 99  ? 4.266   -0.748  4.042   1.00 20.02 ? 100 HIS A CA  1 
ATOM   788  C  C   . HIS A 1 99  ? 5.490   0.099   3.815   1.00 14.77 ? 100 HIS A C   1 
ATOM   789  O  O   . HIS A 1 99  ? 6.443   -0.397  3.241   1.00 17.02 ? 100 HIS A O   1 
ATOM   790  C  CB  . HIS A 1 99  ? 3.278   -0.391  2.927   1.00 20.54 ? 100 HIS A CB  1 
ATOM   791  C  CG  . HIS A 1 99  ? 3.738   -0.898  1.569   1.00 21.20 ? 100 HIS A CG  1 
ATOM   792  N  ND1 . HIS A 1 99  ? 3.392   -2.095  1.113   1.00 16.10 ? 100 HIS A ND1 1 
ATOM   793  C  CD2 . HIS A 1 99  ? 4.646   -0.355  0.697   1.00 13.91 ? 100 HIS A CD2 1 
ATOM   794  C  CE1 . HIS A 1 99  ? 4.094   -2.327  0.012   1.00 9.20  ? 100 HIS A CE1 1 
ATOM   795  N  NE2 . HIS A 1 99  ? 4.850   -1.282  -0.238  1.00 11.05 ? 100 HIS A NE2 1 
ATOM   796  N  N   . LEU A 1 100 ? 5.529   1.358   4.160   1.00 15.79 ? 101 LEU A N   1 
ATOM   797  C  CA  . LEU A 1 100 ? 6.690   2.186   3.891   1.00 20.40 ? 101 LEU A CA  1 
ATOM   798  C  C   . LEU A 1 100 ? 8.085   1.571   4.027   1.00 24.03 ? 101 LEU A C   1 
ATOM   799  O  O   . LEU A 1 100 ? 8.372   0.859   4.981   1.00 32.51 ? 101 LEU A O   1 
ATOM   800  C  CB  . LEU A 1 100 ? 6.636   3.433   4.784   1.00 22.67 ? 101 LEU A CB  1 
ATOM   801  C  CG  . LEU A 1 100 ? 5.503   4.397   4.641   1.00 17.27 ? 101 LEU A CG  1 
ATOM   802  C  CD1 . LEU A 1 100 ? 5.675   5.593   5.571   1.00 20.94 ? 101 LEU A CD1 1 
ATOM   803  C  CD2 . LEU A 1 100 ? 5.524   4.922   3.238   1.00 26.78 ? 101 LEU A CD2 1 
ATOM   804  N  N   . GLY A 1 101 ? 8.973   1.775   3.055   1.00 24.06 ? 102 GLY A N   1 
ATOM   805  C  CA  . GLY A 1 101 ? 10.338  1.324   3.160   1.00 22.77 ? 102 GLY A CA  1 
ATOM   806  C  C   . GLY A 1 101 ? 10.522  -0.162  2.938   1.00 24.41 ? 102 GLY A C   1 
ATOM   807  O  O   . GLY A 1 101 ? 11.681  -0.610  2.800   1.00 28.23 ? 102 GLY A O   1 
ATOM   808  N  N   . THR A 1 102 ? 9.455   -0.956  2.874   1.00 19.24 ? 103 THR A N   1 
ATOM   809  C  CA  . THR A 1 102 ? 9.685   -2.336  2.520   1.00 17.96 ? 103 THR A CA  1 
ATOM   810  C  C   . THR A 1 102 ? 10.092  -2.495  1.063   1.00 23.81 ? 103 THR A C   1 
ATOM   811  O  O   . THR A 1 102 ? 10.039  -1.591  0.225   1.00 29.30 ? 103 THR A O   1 
ATOM   812  C  CB  . THR A 1 102 ? 8.418   -3.168  2.790   1.00 23.87 ? 103 THR A CB  1 
ATOM   813  O  OG1 . THR A 1 102 ? 7.349   -2.652  2.000   1.00 26.57 ? 103 THR A OG1 1 
ATOM   814  C  CG2 . THR A 1 102 ? 7.975   -3.076  4.240   1.00 24.76 ? 103 THR A CG2 1 
ATOM   815  N  N   . ARG A 1 103 ? 10.454  -3.713  0.740   1.00 25.12 ? 104 ARG A N   1 
ATOM   816  C  CA  . ARG A 1 103 ? 10.885  -4.133  -0.566  1.00 25.12 ? 104 ARG A CA  1 
ATOM   817  C  C   . ARG A 1 103 ? 10.236  -5.511  -0.753  1.00 27.88 ? 104 ARG A C   1 
ATOM   818  O  O   . ARG A 1 103 ? 9.773   -6.084  0.248   1.00 24.72 ? 104 ARG A O   1 
ATOM   819  C  CB  . ARG A 1 103 ? 12.369  -4.223  -0.567  1.00 27.87 ? 104 ARG A CB  1 
ATOM   820  C  CG  . ARG A 1 103 ? 13.047  -2.879  -0.653  1.00 31.56 ? 104 ARG A CG  1 
ATOM   821  C  CD  . ARG A 1 103 ? 12.900  -2.404  -2.071  1.00 27.06 ? 104 ARG A CD  1 
ATOM   822  N  NE  . ARG A 1 103 ? 13.178  -0.990  -2.109  1.00 23.13 ? 104 ARG A NE  1 
ATOM   823  C  CZ  . ARG A 1 103 ? 14.411  -0.586  -2.388  1.00 24.97 ? 104 ARG A CZ  1 
ATOM   824  N  NH1 . ARG A 1 103 ? 15.402  -1.449  -2.630  1.00 27.80 ? 104 ARG A NH1 1 
ATOM   825  N  NH2 . ARG A 1 103 ? 14.653  0.711   -2.422  1.00 31.18 ? 104 ARG A NH2 1 
ATOM   826  N  N   . PRO A 1 104 ? 10.072  -6.051  -1.974  1.00 29.52 ? 105 PRO A N   1 
ATOM   827  C  CA  . PRO A 1 104 ? 9.299   -7.257  -2.160  1.00 30.02 ? 105 PRO A CA  1 
ATOM   828  C  C   . PRO A 1 104 ? 9.973   -8.377  -1.390  1.00 32.96 ? 105 PRO A C   1 
ATOM   829  O  O   . PRO A 1 104 ? 11.179  -8.477  -1.175  1.00 34.94 ? 105 PRO A O   1 
ATOM   830  C  CB  . PRO A 1 104 ? 9.274   -7.467  -3.639  1.00 27.47 ? 105 PRO A CB  1 
ATOM   831  C  CG  . PRO A 1 104 ? 9.376   -6.053  -4.136  1.00 28.87 ? 105 PRO A CG  1 
ATOM   832  C  CD  . PRO A 1 104 ? 10.425  -5.445  -3.255  1.00 23.74 ? 105 PRO A CD  1 
ATOM   833  N  N   . ASP A 1 105 ? 9.097   -9.151  -0.851  1.00 34.14 ? 106 ASP A N   1 
ATOM   834  C  CA  . ASP A 1 105 ? 9.462   -10.303 -0.100  1.00 41.07 ? 106 ASP A CA  1 
ATOM   835  C  C   . ASP A 1 105 ? 9.575   -11.368 -1.165  1.00 43.05 ? 106 ASP A C   1 
ATOM   836  O  O   . ASP A 1 105 ? 8.838   -11.445 -2.141  1.00 43.24 ? 106 ASP A O   1 
ATOM   837  C  CB  . ASP A 1 105 ? 8.333   -10.675 0.892   1.00 45.29 ? 106 ASP A CB  1 
ATOM   838  C  CG  . ASP A 1 105 ? 8.591   -11.790 1.897   1.00 43.21 ? 106 ASP A CG  1 
ATOM   839  O  OD1 . ASP A 1 105 ? 9.533   -11.680 2.676   1.00 51.91 ? 106 ASP A OD1 1 
ATOM   840  O  OD2 . ASP A 1 105 ? 7.845   -12.758 1.914   1.00 37.08 ? 106 ASP A OD2 1 
ATOM   841  N  N   . GLU A 1 106 ? 10.434  -12.306 -0.861  1.00 48.58 ? 107 GLU A N   1 
ATOM   842  C  CA  . GLU A 1 106 ? 10.624  -13.524 -1.613  1.00 51.67 ? 107 GLU A CA  1 
ATOM   843  C  C   . GLU A 1 106 ? 9.306   -14.230 -1.912  1.00 47.65 ? 107 GLU A C   1 
ATOM   844  O  O   . GLU A 1 106 ? 9.145   -14.813 -2.984  1.00 49.33 ? 107 GLU A O   1 
ATOM   845  C  CB  . GLU A 1 106 ? 11.620  -14.403 -0.813  1.00 65.39 ? 107 GLU A CB  1 
ATOM   846  C  CG  . GLU A 1 106 ? 11.856  -14.209 0.745   1.00 85.20 ? 107 GLU A CG  1 
ATOM   847  C  CD  . GLU A 1 106 ? 12.711  -13.065 1.382   1.00 91.49 ? 107 GLU A CD  1 
ATOM   848  O  OE1 . GLU A 1 106 ? 12.890  -11.988 0.793   1.00 95.88 ? 107 GLU A OE1 1 
ATOM   849  O  OE2 . GLU A 1 106 ? 13.186  -13.252 2.518   1.00 95.62 ? 107 GLU A OE2 1 
ATOM   850  N  N   . LYS A 1 107 ? 8.289   -14.054 -1.063  1.00 47.12 ? 108 LYS A N   1 
ATOM   851  C  CA  . LYS A 1 107 ? 7.002   -14.690 -1.276  1.00 49.06 ? 108 LYS A CA  1 
ATOM   852  C  C   . LYS A 1 107 ? 6.171   -14.016 -2.355  1.00 46.73 ? 108 LYS A C   1 
ATOM   853  O  O   . LYS A 1 107 ? 5.161   -14.533 -2.835  1.00 48.81 ? 108 LYS A O   1 
ATOM   854  C  CB  . LYS A 1 107 ? 6.175   -14.702 0.004   1.00 56.44 ? 108 LYS A CB  1 
ATOM   855  C  CG  . LYS A 1 107 ? 6.749   -15.539 1.167   1.00 67.22 ? 108 LYS A CG  1 
ATOM   856  C  CD  . LYS A 1 107 ? 5.717   -15.834 2.277   1.00 73.70 ? 108 LYS A CD  1 
ATOM   857  C  CE  . LYS A 1 107 ? 5.154   -14.624 3.024   1.00 75.47 ? 108 LYS A CE  1 
ATOM   858  N  NZ  . LYS A 1 107 ? 3.713   -14.759 3.234   1.00 78.58 ? 108 LYS A NZ  1 
ATOM   859  N  N   . GLN A 1 108 ? 6.576   -12.813 -2.716  1.00 42.22 ? 109 GLN A N   1 
ATOM   860  C  CA  . GLN A 1 108 ? 5.921   -12.021 -3.718  1.00 37.29 ? 109 GLN A CA  1 
ATOM   861  C  C   . GLN A 1 108 ? 6.718   -11.989 -5.012  1.00 36.83 ? 109 GLN A C   1 
ATOM   862  O  O   . GLN A 1 108 ? 6.152   -11.537 -6.003  1.00 43.28 ? 109 GLN A O   1 
ATOM   863  C  CB  . GLN A 1 108 ? 5.762   -10.600 -3.237  1.00 28.00 ? 109 GLN A CB  1 
ATOM   864  C  CG  . GLN A 1 108 ? 4.841   -10.321 -2.067  1.00 21.38 ? 109 GLN A CG  1 
ATOM   865  C  CD  . GLN A 1 108 ? 5.258   -9.014  -1.443  1.00 14.19 ? 109 GLN A CD  1 
ATOM   866  O  OE1 . GLN A 1 108 ? 6.422   -8.612  -1.525  1.00 19.59 ? 109 GLN A OE1 1 
ATOM   867  N  NE2 . GLN A 1 108 ? 4.413   -8.268  -0.766  1.00 18.89 ? 109 GLN A NE2 1 
ATOM   868  N  N   . TYR A 1 109 ? 7.992   -12.396 -5.084  1.00 37.77 ? 110 TYR A N   1 
ATOM   869  C  CA  . TYR A 1 109 ? 8.805   -12.382 -6.299  1.00 39.03 ? 110 TYR A CA  1 
ATOM   870  C  C   . TYR A 1 109 ? 8.114   -12.735 -7.625  1.00 45.46 ? 110 TYR A C   1 
ATOM   871  O  O   . TYR A 1 109 ? 8.197   -11.943 -8.582  1.00 45.51 ? 110 TYR A O   1 
ATOM   872  C  CB  . TYR A 1 109 ? 9.997   -13.320 -6.159  1.00 33.96 ? 110 TYR A CB  1 
ATOM   873  C  CG  . TYR A 1 109 ? 11.089  -12.823 -5.240  1.00 30.91 ? 110 TYR A CG  1 
ATOM   874  C  CD1 . TYR A 1 109 ? 11.028  -11.592 -4.608  1.00 29.58 ? 110 TYR A CD1 1 
ATOM   875  C  CD2 . TYR A 1 109 ? 12.194  -13.630 -5.049  1.00 36.46 ? 110 TYR A CD2 1 
ATOM   876  C  CE1 . TYR A 1 109 ? 12.065  -11.178 -3.775  1.00 25.94 ? 110 TYR A CE1 1 
ATOM   877  C  CE2 . TYR A 1 109 ? 13.237  -13.225 -4.217  1.00 34.94 ? 110 TYR A CE2 1 
ATOM   878  C  CZ  . TYR A 1 109 ? 13.171  -11.993 -3.597  1.00 31.24 ? 110 TYR A CZ  1 
ATOM   879  O  OH  . TYR A 1 109 ? 14.218  -11.586 -2.800  1.00 35.41 ? 110 TYR A OH  1 
ATOM   880  N  N   . ASP A 1 110 ? 7.341   -13.835 -7.709  1.00 47.28 ? 111 ASP A N   1 
ATOM   881  C  CA  . ASP A 1 110 ? 6.668   -14.180 -8.960  1.00 48.39 ? 111 ASP A CA  1 
ATOM   882  C  C   . ASP A 1 110 ? 5.641   -13.166 -9.376  1.00 46.81 ? 111 ASP A C   1 
ATOM   883  O  O   . ASP A 1 110 ? 5.611   -12.832 -10.553 1.00 52.22 ? 111 ASP A O   1 
ATOM   884  C  CB  . ASP A 1 110 ? 5.972   -15.520 -8.885  1.00 56.26 ? 111 ASP A CB  1 
ATOM   885  C  CG  . ASP A 1 110 ? 6.921   -16.725 -8.893  1.00 64.51 ? 111 ASP A CG  1 
ATOM   886  O  OD1 . ASP A 1 110 ? 8.149   -16.593 -9.042  1.00 65.57 ? 111 ASP A OD1 1 
ATOM   887  O  OD2 . ASP A 1 110 ? 6.399   -17.833 -8.740  1.00 71.59 ? 111 ASP A OD2 1 
ATOM   888  N  N   . THR A 1 111 ? 4.888   -12.594 -8.435  1.00 42.18 ? 112 THR A N   1 
ATOM   889  C  CA  . THR A 1 111 ? 3.913   -11.581 -8.753  1.00 35.25 ? 112 THR A CA  1 
ATOM   890  C  C   . THR A 1 111 ? 4.577   -10.312 -9.246  1.00 34.35 ? 112 THR A C   1 
ATOM   891  O  O   . THR A 1 111 ? 4.191   -9.845  -10.312 1.00 37.37 ? 112 THR A O   1 
ATOM   892  C  CB  . THR A 1 111 ? 3.107   -11.275 -7.530  1.00 28.98 ? 112 THR A CB  1 
ATOM   893  O  OG1 . THR A 1 111 ? 2.523   -12.509 -7.137  1.00 33.73 ? 112 THR A OG1 1 
ATOM   894  C  CG2 . THR A 1 111 ? 2.063   -10.230 -7.779  1.00 28.35 ? 112 THR A CG2 1 
ATOM   895  N  N   . VAL A 1 112 ? 5.586   -9.749  -8.566  1.00 30.75 ? 113 VAL A N   1 
ATOM   896  C  CA  . VAL A 1 112 ? 6.119   -8.467  -9.000  1.00 33.35 ? 113 VAL A CA  1 
ATOM   897  C  C   . VAL A 1 112 ? 7.052   -8.587  -10.201 1.00 33.27 ? 113 VAL A C   1 
ATOM   898  O  O   . VAL A 1 112 ? 7.257   -7.619  -10.954 1.00 36.12 ? 113 VAL A O   1 
ATOM   899  C  CB  . VAL A 1 112 ? 6.875   -7.665  -7.837  1.00 32.96 ? 113 VAL A CB  1 
ATOM   900  C  CG1 . VAL A 1 112 ? 5.870   -7.492  -6.741  1.00 32.15 ? 113 VAL A CG1 1 
ATOM   901  C  CG2 . VAL A 1 112 ? 8.089   -8.317  -7.256  1.00 31.73 ? 113 VAL A CG2 1 
ATOM   902  N  N   . GLU A 1 113 ? 7.623   -9.774  -10.430 1.00 31.37 ? 114 GLU A N   1 
ATOM   903  C  CA  . GLU A 1 113 ? 8.360   -10.017 -11.668 1.00 32.04 ? 114 GLU A CA  1 
ATOM   904  C  C   . GLU A 1 113 ? 7.390   -10.035 -12.863 1.00 34.53 ? 114 GLU A C   1 
ATOM   905  O  O   . GLU A 1 113 ? 7.653   -9.383  -13.868 1.00 34.18 ? 114 GLU A O   1 
ATOM   906  C  CB  . GLU A 1 113 ? 9.061   -11.343 -11.603 1.00 27.93 ? 114 GLU A CB  1 
ATOM   907  C  CG  . GLU A 1 113 ? 9.997   -11.683 -12.751 1.00 15.15 ? 114 GLU A CG  1 
ATOM   908  C  CD  . GLU A 1 113 ? 11.258  -10.883 -12.806 1.00 18.58 ? 114 GLU A CD  1 
ATOM   909  O  OE1 . GLU A 1 113 ? 11.436  -9.913  -12.092 1.00 25.84 ? 114 GLU A OE1 1 
ATOM   910  O  OE2 . GLU A 1 113 ? 12.111  -11.235 -13.601 1.00 27.46 ? 114 GLU A OE2 1 
ATOM   911  N  N   . THR A 1 114 ? 6.269   -10.756 -12.793 1.00 29.96 ? 115 THR A N   1 
ATOM   912  C  CA  . THR A 1 114 ? 5.258   -10.709 -13.811 1.00 29.75 ? 115 THR A CA  1 
ATOM   913  C  C   . THR A 1 114 ? 4.875   -9.266  -14.103 1.00 32.08 ? 115 THR A C   1 
ATOM   914  O  O   . THR A 1 114 ? 4.857   -8.843  -15.260 1.00 38.06 ? 115 THR A O   1 
ATOM   915  C  CB  . THR A 1 114 ? 4.071   -11.525 -13.310 1.00 34.59 ? 115 THR A CB  1 
ATOM   916  O  OG1 . THR A 1 114 ? 4.630   -12.828 -13.200 1.00 35.47 ? 115 THR A OG1 1 
ATOM   917  C  CG2 . THR A 1 114 ? 2.819   -11.560 -14.204 1.00 35.25 ? 115 THR A CG2 1 
ATOM   918  N  N   . GLN A 1 115 ? 4.631   -8.473  -13.077 1.00 27.01 ? 116 GLN A N   1 
ATOM   919  C  CA  . GLN A 1 115 ? 4.296   -7.096  -13.284 1.00 24.41 ? 116 GLN A CA  1 
ATOM   920  C  C   . GLN A 1 115 ? 5.339   -6.343  -14.121 1.00 24.78 ? 116 GLN A C   1 
ATOM   921  O  O   . GLN A 1 115 ? 4.972   -5.609  -15.024 1.00 26.58 ? 116 GLN A O   1 
ATOM   922  C  CB  . GLN A 1 115 ? 4.130   -6.466  -11.919 1.00 25.67 ? 116 GLN A CB  1 
ATOM   923  C  CG  . GLN A 1 115 ? 2.981   -7.033  -11.074 1.00 23.74 ? 116 GLN A CG  1 
ATOM   924  C  CD  . GLN A 1 115 ? 2.791   -6.243  -9.770  1.00 24.94 ? 116 GLN A CD  1 
ATOM   925  O  OE1 . GLN A 1 115 ? 3.529   -5.320  -9.420  1.00 18.70 ? 116 GLN A OE1 1 
ATOM   926  N  NE2 . GLN A 1 115 ? 1.760   -6.529  -9.012  1.00 19.05 ? 116 GLN A NE2 1 
ATOM   927  N  N   . LEU A 1 116 ? 6.635   -6.504  -13.900 1.00 25.54 ? 117 LEU A N   1 
ATOM   928  C  CA  . LEU A 1 116 ? 7.650   -5.776  -14.628 1.00 26.98 ? 117 LEU A CA  1 
ATOM   929  C  C   . LEU A 1 116 ? 7.819   -6.348  -16.034 1.00 31.51 ? 117 LEU A C   1 
ATOM   930  O  O   . LEU A 1 116 ? 8.091   -5.615  -17.007 1.00 34.24 ? 117 LEU A O   1 
ATOM   931  C  CB  . LEU A 1 116 ? 8.959   -5.859  -13.856 1.00 27.67 ? 117 LEU A CB  1 
ATOM   932  C  CG  . LEU A 1 116 ? 9.074   -5.183  -12.478 1.00 30.13 ? 117 LEU A CG  1 
ATOM   933  C  CD1 . LEU A 1 116 ? 10.327  -5.640  -11.776 1.00 23.61 ? 117 LEU A CD1 1 
ATOM   934  C  CD2 . LEU A 1 116 ? 9.170   -3.673  -12.629 1.00 25.35 ? 117 LEU A CD2 1 
ATOM   935  N  N   . ARG A 1 117 ? 7.638   -7.661  -16.196 1.00 31.54 ? 118 ARG A N   1 
ATOM   936  C  CA  . ARG A 1 117 ? 7.678   -8.264  -17.505 1.00 36.15 ? 118 ARG A CA  1 
ATOM   937  C  C   . ARG A 1 117 ? 6.461   -7.796  -18.317 1.00 35.11 ? 118 ARG A C   1 
ATOM   938  O  O   . ARG A 1 117 ? 6.697   -7.306  -19.417 1.00 33.99 ? 118 ARG A O   1 
ATOM   939  C  CB  . ARG A 1 117 ? 7.704   -9.750  -17.365 1.00 39.92 ? 118 ARG A CB  1 
ATOM   940  C  CG  . ARG A 1 117 ? 8.426   -10.375 -18.552 1.00 48.90 ? 118 ARG A CG  1 
ATOM   941  C  CD  . ARG A 1 117 ? 8.706   -11.841 -18.265 1.00 63.66 ? 118 ARG A CD  1 
ATOM   942  N  NE  . ARG A 1 117 ? 7.470   -12.576 -17.994 1.00 77.36 ? 118 ARG A NE  1 
ATOM   943  C  CZ  . ARG A 1 117 ? 7.328   -13.434 -16.964 1.00 82.56 ? 118 ARG A CZ  1 
ATOM   944  N  NH1 . ARG A 1 117 ? 8.323   -13.684 -16.104 1.00 84.25 ? 118 ARG A NH1 1 
ATOM   945  N  NH2 . ARG A 1 117 ? 6.160   -14.057 -16.788 1.00 83.90 ? 118 ARG A NH2 1 
ATOM   946  N  N   . PHE A 1 118 ? 5.204   -7.806  -17.863 1.00 31.67 ? 119 PHE A N   1 
ATOM   947  C  CA  . PHE A 1 118 ? 4.077   -7.164  -18.528 1.00 27.56 ? 119 PHE A CA  1 
ATOM   948  C  C   . PHE A 1 118 ? 4.324   -5.723  -18.995 1.00 29.29 ? 119 PHE A C   1 
ATOM   949  O  O   . PHE A 1 118 ? 3.795   -5.309  -20.027 1.00 34.76 ? 119 PHE A O   1 
ATOM   950  C  CB  . PHE A 1 118 ? 2.918   -7.180  -17.585 1.00 23.90 ? 119 PHE A CB  1 
ATOM   951  C  CG  . PHE A 1 118 ? 1.580   -6.628  -18.089 1.00 25.84 ? 119 PHE A CG  1 
ATOM   952  C  CD1 . PHE A 1 118 ? 0.684   -7.439  -18.779 1.00 23.36 ? 119 PHE A CD1 1 
ATOM   953  C  CD2 . PHE A 1 118 ? 1.198   -5.319  -17.764 1.00 23.55 ? 119 PHE A CD2 1 
ATOM   954  C  CE1 . PHE A 1 118 ? -0.580  -6.936  -19.127 1.00 21.12 ? 119 PHE A CE1 1 
ATOM   955  C  CE2 . PHE A 1 118 ? -0.058  -4.831  -18.113 1.00 19.68 ? 119 PHE A CE2 1 
ATOM   956  C  CZ  . PHE A 1 118 ? -0.953  -5.645  -18.793 1.00 17.37 ? 119 PHE A CZ  1 
ATOM   957  N  N   . MET A 1 119 ? 5.060   -4.885  -18.279 1.00 27.58 ? 120 MET A N   1 
ATOM   958  C  CA  . MET A 1 119 ? 5.309   -3.550  -18.749 1.00 30.97 ? 120 MET A CA  1 
ATOM   959  C  C   . MET A 1 119 ? 6.293   -3.558  -19.899 1.00 35.04 ? 120 MET A C   1 
ATOM   960  O  O   . MET A 1 119 ? 6.064   -2.871  -20.896 1.00 41.13 ? 120 MET A O   1 
ATOM   961  C  CB  . MET A 1 119 ? 5.880   -2.645  -17.660 1.00 31.54 ? 120 MET A CB  1 
ATOM   962  C  CG  . MET A 1 119 ? 4.988   -2.389  -16.435 1.00 28.50 ? 120 MET A CG  1 
ATOM   963  S  SD  . MET A 1 119 ? 3.385   -1.596  -16.676 1.00 23.60 ? 120 MET A SD  1 
ATOM   964  C  CE  . MET A 1 119 ? 3.868   0.074   -16.775 1.00 14.43 ? 120 MET A CE  1 
ATOM   965  N  N   . THR A 1 120 ? 7.406   -4.290  -19.833 1.00 36.39 ? 121 THR A N   1 
ATOM   966  C  CA  . THR A 1 120 ? 8.369   -4.338  -20.932 1.00 32.73 ? 121 THR A CA  1 
ATOM   967  C  C   . THR A 1 120 ? 7.696   -4.857  -22.213 1.00 35.71 ? 121 THR A C   1 
ATOM   968  O  O   . THR A 1 120 ? 7.828   -4.351  -23.326 1.00 38.57 ? 121 THR A O   1 
ATOM   969  C  CB  . THR A 1 120 ? 9.560   -5.244  -20.520 1.00 26.88 ? 121 THR A CB  1 
ATOM   970  O  OG1 . THR A 1 120 ? 8.992   -6.454  -20.032 1.00 24.98 ? 121 THR A OG1 1 
ATOM   971  C  CG2 . THR A 1 120 ? 10.439  -4.662  -19.466 1.00 17.92 ? 121 THR A CG2 1 
ATOM   972  N  N   . GLU A 1 121 ? 6.859   -5.853  -22.002 1.00 35.03 ? 122 GLU A N   1 
ATOM   973  C  CA  . GLU A 1 121 ? 6.053   -6.523  -22.993 1.00 36.99 ? 122 GLU A CA  1 
ATOM   974  C  C   . GLU A 1 121 ? 4.930   -5.631  -23.496 1.00 38.07 ? 122 GLU A C   1 
ATOM   975  O  O   . GLU A 1 121 ? 4.144   -6.047  -24.342 1.00 41.50 ? 122 GLU A O   1 
ATOM   976  C  CB  . GLU A 1 121 ? 5.596   -7.783  -22.282 1.00 42.60 ? 122 GLU A CB  1 
ATOM   977  C  CG  . GLU A 1 121 ? 4.435   -8.664  -22.730 1.00 61.43 ? 122 GLU A CG  1 
ATOM   978  C  CD  . GLU A 1 121 ? 3.946   -9.665  -21.671 1.00 69.01 ? 122 GLU A CD  1 
ATOM   979  O  OE1 . GLU A 1 121 ? 4.785   -10.264 -20.981 1.00 75.56 ? 122 GLU A OE1 1 
ATOM   980  O  OE2 . GLU A 1 121 ? 2.724   -9.843  -21.533 1.00 70.69 ? 122 GLU A OE2 1 
ATOM   981  N  N   . ASN A 1 122 ? 4.792   -4.396  -23.012 1.00 35.49 ? 123 ASN A N   1 
ATOM   982  C  CA  . ASN A 1 122 ? 3.797   -3.476  -23.535 1.00 31.40 ? 123 ASN A CA  1 
ATOM   983  C  C   . ASN A 1 122 ? 4.546   -2.286  -24.046 1.00 31.34 ? 123 ASN A C   1 
ATOM   984  O  O   . ASN A 1 122 ? 3.958   -1.223  -24.170 1.00 35.34 ? 123 ASN A O   1 
ATOM   985  C  CB  . ASN A 1 122 ? 2.827   -2.953  -22.500 1.00 24.88 ? 123 ASN A CB  1 
ATOM   986  C  CG  . ASN A 1 122 ? 1.557   -3.744  -22.525 1.00 30.82 ? 123 ASN A CG  1 
ATOM   987  O  OD1 . ASN A 1 122 ? 0.446   -3.261  -22.778 1.00 39.07 ? 123 ASN A OD1 1 
ATOM   988  N  ND2 . ASN A 1 122 ? 1.662   -4.995  -22.159 1.00 31.58 ? 123 ASN A ND2 1 
ATOM   989  N  N   . GLY A 1 123 ? 5.855   -2.395  -24.287 1.00 31.34 ? 124 GLY A N   1 
ATOM   990  C  CA  . GLY A 1 123 ? 6.634   -1.313  -24.853 1.00 28.38 ? 124 GLY A CA  1 
ATOM   991  C  C   . GLY A 1 123 ? 7.413   -0.489  -23.860 1.00 33.10 ? 124 GLY A C   1 
ATOM   992  O  O   . GLY A 1 123 ? 8.110   0.463   -24.272 1.00 34.90 ? 124 GLY A O   1 
ATOM   993  N  N   . PHE A 1 124 ? 7.336   -0.772  -22.547 1.00 31.33 ? 125 PHE A N   1 
ATOM   994  C  CA  . PHE A 1 124 ? 8.144   0.027   -21.636 1.00 27.20 ? 125 PHE A CA  1 
ATOM   995  C  C   . PHE A 1 124 ? 9.524   -0.593  -21.571 1.00 26.86 ? 125 PHE A C   1 
ATOM   996  O  O   . PHE A 1 124 ? 9.686   -1.816  -21.692 1.00 30.87 ? 125 PHE A O   1 
ATOM   997  C  CB  . PHE A 1 124 ? 7.603   0.033   -20.220 1.00 27.22 ? 125 PHE A CB  1 
ATOM   998  C  CG  . PHE A 1 124 ? 6.369   0.865   -20.113 1.00 12.23 ? 125 PHE A CG  1 
ATOM   999  C  CD1 . PHE A 1 124 ? 5.142   0.276   -20.343 1.00 13.37 ? 125 PHE A CD1 1 
ATOM   1000 C  CD2 . PHE A 1 124 ? 6.499   2.197   -19.796 1.00 14.71 ? 125 PHE A CD2 1 
ATOM   1001 C  CE1 . PHE A 1 124 ? 3.992   1.061   -20.294 1.00 9.71  ? 125 PHE A CE1 1 
ATOM   1002 C  CE2 . PHE A 1 124 ? 5.361   2.989   -19.749 1.00 11.18 ? 125 PHE A CE2 1 
ATOM   1003 C  CZ  . PHE A 1 124 ? 4.114   2.414   -19.983 1.00 15.84 ? 125 PHE A CZ  1 
ATOM   1004 N  N   . SER A 1 125 ? 10.541  0.233   -21.442 1.00 25.00 ? 126 SER A N   1 
ATOM   1005 C  CA  . SER A 1 125 ? 11.818  -0.311  -21.095 1.00 30.34 ? 126 SER A CA  1 
ATOM   1006 C  C   . SER A 1 125 ? 11.705  -0.640  -19.589 1.00 38.70 ? 126 SER A C   1 
ATOM   1007 O  O   . SER A 1 125 ? 10.839  -0.082  -18.902 1.00 42.24 ? 126 SER A O   1 
ATOM   1008 C  CB  . SER A 1 125 ? 12.834  0.729   -21.321 1.00 23.61 ? 126 SER A CB  1 
ATOM   1009 O  OG  . SER A 1 125 ? 12.747  1.796   -20.397 1.00 29.68 ? 126 SER A OG  1 
ATOM   1010 N  N   . LEU A 1 126 ? 12.556  -1.526  -19.030 1.00 43.78 ? 127 LEU A N   1 
ATOM   1011 C  CA  . LEU A 1 126 ? 12.621  -1.846  -17.581 1.00 38.66 ? 127 LEU A CA  1 
ATOM   1012 C  C   . LEU A 1 126 ? 12.648  -0.564  -16.708 1.00 32.79 ? 127 LEU A C   1 
ATOM   1013 O  O   . LEU A 1 126 ? 11.742  -0.391  -15.902 1.00 36.17 ? 127 LEU A O   1 
ATOM   1014 C  CB  . LEU A 1 126 ? 13.880  -2.756  -17.406 1.00 39.25 ? 127 LEU A CB  1 
ATOM   1015 C  CG  . LEU A 1 126 ? 14.138  -3.785  -16.294 1.00 36.18 ? 127 LEU A CG  1 
ATOM   1016 C  CD1 . LEU A 1 126 ? 14.740  -3.138  -15.106 1.00 37.50 ? 127 LEU A CD1 1 
ATOM   1017 C  CD2 . LEU A 1 126 ? 12.848  -4.406  -15.851 1.00 37.27 ? 127 LEU A CD2 1 
ATOM   1018 N  N   . ARG A 1 127 ? 13.556  0.393   -16.915 1.00 27.21 ? 128 ARG A N   1 
ATOM   1019 C  CA  . ARG A 1 127 ? 13.637  1.639   -16.197 1.00 27.66 ? 128 ARG A CA  1 
ATOM   1020 C  C   . ARG A 1 127 ? 12.323  2.414   -16.283 1.00 32.44 ? 128 ARG A C   1 
ATOM   1021 O  O   . ARG A 1 127 ? 11.852  2.932   -15.261 1.00 39.02 ? 128 ARG A O   1 
ATOM   1022 C  CB  . ARG A 1 127 ? 14.799  2.410   -16.794 1.00 28.70 ? 128 ARG A CB  1 
ATOM   1023 C  CG  . ARG A 1 127 ? 15.131  3.739   -16.166 1.00 37.61 ? 128 ARG A CG  1 
ATOM   1024 C  CD  . ARG A 1 127 ? 16.148  4.590   -16.937 1.00 53.67 ? 128 ARG A CD  1 
ATOM   1025 N  NE  . ARG A 1 127 ? 16.119  5.943   -16.353 1.00 75.00 ? 128 ARG A NE  1 
ATOM   1026 C  CZ  . ARG A 1 127 ? 16.703  7.074   -16.836 1.00 78.39 ? 128 ARG A CZ  1 
ATOM   1027 N  NH1 . ARG A 1 127 ? 17.414  7.073   -17.969 1.00 79.74 ? 128 ARG A NH1 1 
ATOM   1028 N  NH2 . ARG A 1 127 ? 16.493  8.251   -16.206 1.00 75.00 ? 128 ARG A NH2 1 
ATOM   1029 N  N   . ASP A 1 128 ? 11.630  2.509   -17.429 1.00 31.03 ? 129 ASP A N   1 
ATOM   1030 C  CA  . ASP A 1 128 ? 10.407  3.292   -17.483 1.00 23.00 ? 129 ASP A CA  1 
ATOM   1031 C  C   . ASP A 1 128 ? 9.231   2.555   -16.941 1.00 17.91 ? 129 ASP A C   1 
ATOM   1032 O  O   . ASP A 1 128 ? 8.367   3.162   -16.340 1.00 24.04 ? 129 ASP A O   1 
ATOM   1033 C  CB  . ASP A 1 128 ? 10.113  3.724   -18.914 1.00 24.60 ? 129 ASP A CB  1 
ATOM   1034 C  CG  . ASP A 1 128 ? 11.104  4.734   -19.496 1.00 28.93 ? 129 ASP A CG  1 
ATOM   1035 O  OD1 . ASP A 1 128 ? 11.705  5.508   -18.752 1.00 33.95 ? 129 ASP A OD1 1 
ATOM   1036 O  OD2 . ASP A 1 128 ? 11.300  4.736   -20.712 1.00 37.22 ? 129 ASP A OD2 1 
ATOM   1037 N  N   . GLY A 1 129 ? 9.128   1.272   -17.118 1.00 18.85 ? 130 GLY A N   1 
ATOM   1038 C  CA  . GLY A 1 129 ? 8.076   0.486   -16.523 1.00 21.32 ? 130 GLY A CA  1 
ATOM   1039 C  C   . GLY A 1 129 ? 8.240   0.550   -15.020 1.00 20.78 ? 130 GLY A C   1 
ATOM   1040 O  O   . GLY A 1 129 ? 7.283   0.791   -14.318 1.00 30.18 ? 130 GLY A O   1 
ATOM   1041 N  N   . LEU A 1 130 ? 9.432   0.427   -14.499 1.00 18.13 ? 131 LEU A N   1 
ATOM   1042 C  CA  . LEU A 1 130 ? 9.757   0.588   -13.120 1.00 21.59 ? 131 LEU A CA  1 
ATOM   1043 C  C   . LEU A 1 130 ? 9.296   1.945   -12.611 1.00 21.81 ? 131 LEU A C   1 
ATOM   1044 O  O   . LEU A 1 130 ? 8.563   2.024   -11.622 1.00 26.08 ? 131 LEU A O   1 
ATOM   1045 C  CB  . LEU A 1 130 ? 11.276  0.431   -12.985 1.00 25.04 ? 131 LEU A CB  1 
ATOM   1046 C  CG  . LEU A 1 130 ? 11.960  0.031   -11.692 1.00 26.00 ? 131 LEU A CG  1 
ATOM   1047 C  CD1 . LEU A 1 130 ? 12.985  1.106   -11.397 1.00 18.84 ? 131 LEU A CD1 1 
ATOM   1048 C  CD2 . LEU A 1 130 ? 10.929  -0.218  -10.557 1.00 21.92 ? 131 LEU A CD2 1 
ATOM   1049 N  N   . TYR A 1 131 ? 9.707   3.040   -13.216 1.00 17.07 ? 132 TYR A N   1 
ATOM   1050 C  CA  . TYR A 1 131 ? 9.244   4.358   -12.838 1.00 14.64 ? 132 TYR A CA  1 
ATOM   1051 C  C   . TYR A 1 131 ? 7.766   4.608   -12.828 1.00 19.21 ? 132 TYR A C   1 
ATOM   1052 O  O   . TYR A 1 131 ? 7.331   5.441   -12.033 1.00 22.59 ? 132 TYR A O   1 
ATOM   1053 C  CB  . TYR A 1 131 ? 9.847   5.384   -13.744 1.00 20.15 ? 132 TYR A CB  1 
ATOM   1054 C  CG  . TYR A 1 131 ? 11.356  5.483   -13.594 1.00 21.34 ? 132 TYR A CG  1 
ATOM   1055 C  CD1 . TYR A 1 131 ? 12.055  4.759   -12.611 1.00 25.47 ? 132 TYR A CD1 1 
ATOM   1056 C  CD2 . TYR A 1 131 ? 12.046  6.344   -14.433 1.00 19.96 ? 132 TYR A CD2 1 
ATOM   1057 C  CE1 . TYR A 1 131 ? 13.427  4.892   -12.454 1.00 24.56 ? 132 TYR A CE1 1 
ATOM   1058 C  CE2 . TYR A 1 131 ? 13.424  6.499   -14.279 1.00 28.89 ? 132 TYR A CE2 1 
ATOM   1059 C  CZ  . TYR A 1 131 ? 14.097  5.767   -13.289 1.00 28.69 ? 132 TYR A CZ  1 
ATOM   1060 O  OH  . TYR A 1 131 ? 15.463  5.923   -13.142 1.00 38.43 ? 132 TYR A OH  1 
ATOM   1061 N  N   . ALA A 1 132 ? 7.001   3.973   -13.732 1.00 21.01 ? 133 ALA A N   1 
ATOM   1062 C  CA  . ALA A 1 132 ? 5.539   4.020   -13.848 1.00 20.22 ? 133 ALA A CA  1 
ATOM   1063 C  C   . ALA A 1 132 ? 4.925   3.319   -12.645 1.00 20.99 ? 133 ALA A C   1 
ATOM   1064 O  O   . ALA A 1 132 ? 4.167   3.915   -11.875 1.00 27.42 ? 133 ALA A O   1 
ATOM   1065 C  CB  . ALA A 1 132 ? 5.056   3.310   -15.166 1.00 15.07 ? 133 ALA A CB  1 
ATOM   1066 N  N   . ILE A 1 133 ? 5.313   2.062   -12.401 1.00 24.65 ? 134 ILE A N   1 
ATOM   1067 C  CA  . ILE A 1 133 ? 4.900   1.272   -11.239 1.00 22.28 ? 134 ILE A CA  1 
ATOM   1068 C  C   . ILE A 1 133 ? 5.235   2.038   -9.948  1.00 22.81 ? 134 ILE A C   1 
ATOM   1069 O  O   . ILE A 1 133 ? 4.364   2.180   -9.079  1.00 23.19 ? 134 ILE A O   1 
ATOM   1070 C  CB  . ILE A 1 133 ? 5.614   -0.088  -11.362 1.00 21.43 ? 134 ILE A CB  1 
ATOM   1071 C  CG1 . ILE A 1 133 ? 4.704   -0.889  -12.254 1.00 19.53 ? 134 ILE A CG1 1 
ATOM   1072 C  CG2 . ILE A 1 133 ? 5.807   -0.859  -10.039 1.00 31.01 ? 134 ILE A CG2 1 
ATOM   1073 C  CD1 . ILE A 1 133 ? 5.176   -2.311  -12.292 1.00 21.71 ? 134 ILE A CD1 1 
ATOM   1074 N  N   . SER A 1 134 ? 6.438   2.611   -9.766  1.00 17.99 ? 135 SER A N   1 
ATOM   1075 C  CA  . SER A 1 134 ? 6.775   3.400   -8.586  1.00 13.21 ? 135 SER A CA  1 
ATOM   1076 C  C   . SER A 1 134 ? 5.876   4.608   -8.450  1.00 19.56 ? 135 SER A C   1 
ATOM   1077 O  O   . SER A 1 134 ? 5.359   4.775   -7.357  1.00 21.37 ? 135 SER A O   1 
ATOM   1078 C  CB  . SER A 1 134 ? 8.227   3.885   -8.636  1.00 10.00 ? 135 SER A CB  1 
ATOM   1079 O  OG  . SER A 1 134 ? 9.032   2.718   -8.771  1.00 13.88 ? 135 SER A OG  1 
ATOM   1080 N  N   . ALA A 1 135 ? 5.605   5.421   -9.478  1.00 18.84 ? 136 ALA A N   1 
ATOM   1081 C  CA  . ALA A 1 135 ? 4.833   6.616   -9.315  1.00 13.07 ? 136 ALA A CA  1 
ATOM   1082 C  C   . ALA A 1 135 ? 3.470   6.203   -8.928  1.00 10.21 ? 136 ALA A C   1 
ATOM   1083 O  O   . ALA A 1 135 ? 2.856   6.934   -8.183  1.00 21.58 ? 136 ALA A O   1 
ATOM   1084 C  CB  . ALA A 1 135 ? 4.727   7.407   -10.599 1.00 12.86 ? 136 ALA A CB  1 
ATOM   1085 N  N   . VAL A 1 136 ? 2.975   5.071   -9.339  1.00 10.67 ? 137 VAL A N   1 
ATOM   1086 C  CA  . VAL A 1 136 ? 1.632   4.669   -8.924  1.00 15.26 ? 137 VAL A CA  1 
ATOM   1087 C  C   . VAL A 1 136 ? 1.673   4.265   -7.462  1.00 20.92 ? 137 VAL A C   1 
ATOM   1088 O  O   . VAL A 1 136 ? 0.775   4.622   -6.697  1.00 27.27 ? 137 VAL A O   1 
ATOM   1089 C  CB  . VAL A 1 136 ? 1.155   3.481   -9.859  1.00 18.14 ? 137 VAL A CB  1 
ATOM   1090 C  CG1 . VAL A 1 136 ? -0.124  2.780   -9.375  1.00 15.08 ? 137 VAL A CG1 1 
ATOM   1091 C  CG2 . VAL A 1 136 ? 0.843   4.091   -11.231 1.00 15.41 ? 137 VAL A CG2 1 
ATOM   1092 N  N   . SER A 1 137 ? 2.679   3.472   -7.058  1.00 18.04 ? 138 SER A N   1 
ATOM   1093 C  CA  . SER A 1 137 ? 2.893   3.065   -5.697  1.00 16.19 ? 138 SER A CA  1 
ATOM   1094 C  C   . SER A 1 137 ? 3.086   4.282   -4.810  1.00 16.80 ? 138 SER A C   1 
ATOM   1095 O  O   . SER A 1 137 ? 2.344   4.407   -3.831  1.00 18.79 ? 138 SER A O   1 
ATOM   1096 C  CB  . SER A 1 137 ? 4.131   2.205   -5.589  1.00 19.57 ? 138 SER A CB  1 
ATOM   1097 O  OG  . SER A 1 137 ? 3.992   0.979   -6.286  1.00 24.63 ? 138 SER A OG  1 
ATOM   1098 N  N   . HIS A 1 138 ? 3.984   5.217   -5.106  1.00 9.53  ? 139 HIS A N   1 
ATOM   1099 C  CA  . HIS A 1 138 ? 4.192   6.387   -4.281  1.00 10.26 ? 139 HIS A CA  1 
ATOM   1100 C  C   . HIS A 1 138 ? 3.021   7.329   -4.172  1.00 13.87 ? 139 HIS A C   1 
ATOM   1101 O  O   . HIS A 1 138 ? 2.781   7.882   -3.087  1.00 22.85 ? 139 HIS A O   1 
ATOM   1102 C  CB  . HIS A 1 138 ? 5.365   7.188   -4.742  1.00 9.11  ? 139 HIS A CB  1 
ATOM   1103 C  CG  . HIS A 1 138 ? 6.677   6.429   -4.682  1.00 5.56  ? 139 HIS A CG  1 
ATOM   1104 N  ND1 . HIS A 1 138 ? 7.830   6.793   -5.212  1.00 11.69 ? 139 HIS A ND1 1 
ATOM   1105 C  CD2 . HIS A 1 138 ? 6.851   5.170   -4.188  1.00 5.91  ? 139 HIS A CD2 1 
ATOM   1106 C  CE1 . HIS A 1 138 ? 8.705   5.822   -5.093  1.00 4.98  ? 139 HIS A CE1 1 
ATOM   1107 N  NE2 . HIS A 1 138 ? 8.093   4.849   -4.469  1.00 11.65 ? 139 HIS A NE2 1 
ATOM   1108 N  N   . PHE A 1 139 ? 2.218   7.515   -5.222  1.00 12.25 ? 140 PHE A N   1 
ATOM   1109 C  CA  . PHE A 1 139 ? 1.042   8.371   -5.149  1.00 6.11  ? 140 PHE A CA  1 
ATOM   1110 C  C   . PHE A 1 139 ? -0.010  7.660   -4.318  1.00 8.56  ? 140 PHE A C   1 
ATOM   1111 O  O   . PHE A 1 139 ? -0.656  8.376   -3.556  1.00 12.38 ? 140 PHE A O   1 
ATOM   1112 C  CB  . PHE A 1 139 ? 0.535   8.654   -6.610  1.00 9.71  ? 140 PHE A CB  1 
ATOM   1113 C  CG  . PHE A 1 139 ? -0.825  9.342   -6.705  1.00 2.34  ? 140 PHE A CG  1 
ATOM   1114 C  CD1 . PHE A 1 139 ? -1.002  10.620  -6.215  1.00 4.14  ? 140 PHE A CD1 1 
ATOM   1115 C  CD2 . PHE A 1 139 ? -1.926  8.649   -7.215  1.00 10.85 ? 140 PHE A CD2 1 
ATOM   1116 C  CE1 . PHE A 1 139 ? -2.278  11.191  -6.206  1.00 12.39 ? 140 PHE A CE1 1 
ATOM   1117 C  CE2 . PHE A 1 139 ? -3.199  9.232   -7.209  1.00 4.46  ? 140 PHE A CE2 1 
ATOM   1118 C  CZ  . PHE A 1 139 ? -3.371  10.511  -6.705  1.00 11.46 ? 140 PHE A CZ  1 
ATOM   1119 N  N   . THR A 1 140 ? -0.302  6.333   -4.422  1.00 13.32 ? 141 THR A N   1 
ATOM   1120 C  CA  . THR A 1 140 ? -1.298  5.664   -3.553  1.00 18.22 ? 141 THR A CA  1 
ATOM   1121 C  C   . THR A 1 140 ? -0.876  5.680   -2.069  1.00 18.28 ? 141 THR A C   1 
ATOM   1122 O  O   . THR A 1 140 ? -1.698  6.010   -1.215  1.00 23.11 ? 141 THR A O   1 
ATOM   1123 C  CB  . THR A 1 140 ? -1.486  4.234   -3.966  1.00 18.63 ? 141 THR A CB  1 
ATOM   1124 O  OG1 . THR A 1 140 ? -1.719  4.284   -5.341  1.00 22.56 ? 141 THR A OG1 1 
ATOM   1125 C  CG2 . THR A 1 140 ? -2.685  3.553   -3.407  1.00 24.14 ? 141 THR A CG2 1 
ATOM   1126 N  N   . LEU A 1 141 ? 0.399   5.420   -1.729  1.00 20.96 ? 142 LEU A N   1 
ATOM   1127 C  CA  . LEU A 1 141 ? 0.987   5.576   -0.386  1.00 13.29 ? 142 LEU A CA  1 
ATOM   1128 C  C   . LEU A 1 141 ? 0.760   6.961   0.111   1.00 11.51 ? 142 LEU A C   1 
ATOM   1129 O  O   . LEU A 1 141 ? -0.028  7.078   1.033   1.00 19.49 ? 142 LEU A O   1 
ATOM   1130 C  CB  . LEU A 1 141 ? 2.493   5.354   -0.375  1.00 8.38  ? 142 LEU A CB  1 
ATOM   1131 C  CG  . LEU A 1 141 ? 3.083   3.995   -0.011  1.00 15.59 ? 142 LEU A CG  1 
ATOM   1132 C  CD1 . LEU A 1 141 ? 2.039   2.908   0.121   1.00 12.15 ? 142 LEU A CD1 1 
ATOM   1133 C  CD2 . LEU A 1 141 ? 4.081   3.642   -1.057  1.00 7.12  ? 142 LEU A CD2 1 
ATOM   1134 N  N   . GLY A 1 142 ? 1.292   8.044   -0.446  1.00 20.88 ? 143 GLY A N   1 
ATOM   1135 C  CA  . GLY A 1 142 ? 1.062   9.387   0.077   1.00 17.74 ? 143 GLY A CA  1 
ATOM   1136 C  C   . GLY A 1 142 ? -0.403  9.786   0.153   1.00 21.89 ? 143 GLY A C   1 
ATOM   1137 O  O   . GLY A 1 142 ? -0.809  10.659  0.942   1.00 27.16 ? 143 GLY A O   1 
ATOM   1138 N  N   . ALA A 1 143 ? -1.254  9.208   -0.679  1.00 19.92 ? 144 ALA A N   1 
ATOM   1139 C  CA  . ALA A 1 143 ? -2.646  9.584   -0.608  1.00 25.51 ? 144 ALA A CA  1 
ATOM   1140 C  C   . ALA A 1 143 ? -3.314  8.936   0.590   1.00 23.39 ? 144 ALA A C   1 
ATOM   1141 O  O   . ALA A 1 143 ? -3.969  9.657   1.341   1.00 23.85 ? 144 ALA A O   1 
ATOM   1142 C  CB  . ALA A 1 143 ? -3.393  9.161   -1.878  1.00 24.92 ? 144 ALA A CB  1 
ATOM   1143 N  N   . VAL A 1 144 ? -3.167  7.610   0.758   1.00 26.35 ? 145 VAL A N   1 
ATOM   1144 C  CA  . VAL A 1 144 ? -3.698  6.848   1.901   1.00 25.63 ? 145 VAL A CA  1 
ATOM   1145 C  C   . VAL A 1 144 ? -3.089  7.381   3.214   1.00 25.84 ? 145 VAL A C   1 
ATOM   1146 O  O   . VAL A 1 144 ? -3.843  7.657   4.143   1.00 26.47 ? 145 VAL A O   1 
ATOM   1147 C  CB  . VAL A 1 144 ? -3.359  5.367   1.725   1.00 21.65 ? 145 VAL A CB  1 
ATOM   1148 C  CG1 . VAL A 1 144 ? -3.636  4.587   2.960   1.00 16.38 ? 145 VAL A CG1 1 
ATOM   1149 C  CG2 . VAL A 1 144 ? -4.287  4.788   0.700   1.00 22.06 ? 145 VAL A CG2 1 
ATOM   1150 N  N   . LEU A 1 145 ? -1.767  7.588   3.327   1.00 23.11 ? 146 LEU A N   1 
ATOM   1151 C  CA  . LEU A 1 145 ? -1.161  8.193   4.481   1.00 22.25 ? 146 LEU A CA  1 
ATOM   1152 C  C   . LEU A 1 145 ? -1.722  9.541   4.783   1.00 26.31 ? 146 LEU A C   1 
ATOM   1153 O  O   . LEU A 1 145 ? -2.148  9.711   5.911   1.00 33.34 ? 146 LEU A O   1 
ATOM   1154 C  CB  . LEU A 1 145 ? 0.325   8.334   4.319   1.00 18.38 ? 146 LEU A CB  1 
ATOM   1155 C  CG  . LEU A 1 145 ? 0.926   6.981   4.545   1.00 21.39 ? 146 LEU A CG  1 
ATOM   1156 C  CD1 . LEU A 1 145 ? 2.399   7.024   4.380   1.00 22.70 ? 146 LEU A CD1 1 
ATOM   1157 C  CD2 . LEU A 1 145 ? 0.583   6.538   5.934   1.00 25.31 ? 146 LEU A CD2 1 
ATOM   1158 N  N   . GLU A 1 146 ? -1.830  10.532  3.904   1.00 31.81 ? 147 GLU A N   1 
ATOM   1159 C  CA  . GLU A 1 146 ? -2.451  11.782  4.301   1.00 26.28 ? 147 GLU A CA  1 
ATOM   1160 C  C   . GLU A 1 146 ? -3.879  11.600  4.765   1.00 30.83 ? 147 GLU A C   1 
ATOM   1161 O  O   . GLU A 1 146 ? -4.334  12.316  5.664   1.00 38.99 ? 147 GLU A O   1 
ATOM   1162 C  CB  . GLU A 1 146 ? -2.382  12.701  3.150   1.00 21.03 ? 147 GLU A CB  1 
ATOM   1163 C  CG  . GLU A 1 146 ? -1.003  13.244  3.082   1.00 18.01 ? 147 GLU A CG  1 
ATOM   1164 C  CD  . GLU A 1 146 ? -0.995  14.651  3.586   1.00 18.22 ? 147 GLU A CD  1 
ATOM   1165 O  OE1 . GLU A 1 146 ? -1.627  14.953  4.585   1.00 36.12 ? 147 GLU A OE1 1 
ATOM   1166 O  OE2 . GLU A 1 146 ? -0.336  15.482  2.996   1.00 31.42 ? 147 GLU A OE2 1 
ATOM   1167 N  N   . GLN A 1 147 ? -4.618  10.645  4.219   1.00 28.52 ? 148 GLN A N   1 
ATOM   1168 C  CA  . GLN A 1 147 ? -5.954  10.377  4.693   1.00 31.63 ? 148 GLN A CA  1 
ATOM   1169 C  C   . GLN A 1 147 ? -5.936  9.751   6.119   1.00 35.50 ? 148 GLN A C   1 
ATOM   1170 O  O   . GLN A 1 147 ? -6.525  10.340  7.036   1.00 34.43 ? 148 GLN A O   1 
ATOM   1171 C  CB  . GLN A 1 147 ? -6.569  9.466   3.681   1.00 31.22 ? 148 GLN A CB  1 
ATOM   1172 C  CG  . GLN A 1 147 ? -8.045  9.277   3.826   1.00 42.39 ? 148 GLN A CG  1 
ATOM   1173 C  CD  . GLN A 1 147 ? -8.508  8.134   2.916   1.00 49.44 ? 148 GLN A CD  1 
ATOM   1174 O  OE1 . GLN A 1 147 ? -7.974  7.838   1.849   1.00 51.33 ? 148 GLN A OE1 1 
ATOM   1175 N  NE2 . GLN A 1 147 ? -9.561  7.443   3.295   1.00 57.97 ? 148 GLN A NE2 1 
ATOM   1176 N  N   . GLN A 1 148 ? -5.288  8.588   6.349   1.00 32.17 ? 149 GLN A N   1 
ATOM   1177 C  CA  . GLN A 1 148 ? -5.170  7.886   7.613   1.00 29.16 ? 149 GLN A CA  1 
ATOM   1178 C  C   . GLN A 1 148 ? -4.614  8.798   8.705   1.00 31.13 ? 149 GLN A C   1 
ATOM   1179 O  O   . GLN A 1 148 ? -5.243  8.960   9.743   1.00 36.96 ? 149 GLN A O   1 
ATOM   1180 C  CB  . GLN A 1 148 ? -4.275  6.665   7.426   1.00 22.67 ? 149 GLN A CB  1 
ATOM   1181 C  CG  . GLN A 1 148 ? -5.068  5.513   6.824   1.00 20.30 ? 149 GLN A CG  1 
ATOM   1182 C  CD  . GLN A 1 148 ? -4.328  4.177   6.629   1.00 26.99 ? 149 GLN A CD  1 
ATOM   1183 O  OE1 . GLN A 1 148 ? -3.093  4.040   6.648   1.00 32.81 ? 149 GLN A OE1 1 
ATOM   1184 N  NE2 . GLN A 1 148 ? -5.040  3.076   6.436   1.00 21.79 ? 149 GLN A NE2 1 
ATOM   1185 N  N   . GLU A 1 149 ? -3.536  9.528   8.545   1.00 34.00 ? 150 GLU A N   1 
ATOM   1186 C  CA  . GLU A 1 149 ? -3.038  10.473  9.535   1.00 31.67 ? 150 GLU A CA  1 
ATOM   1187 C  C   . GLU A 1 149 ? -3.953  11.652  9.779   1.00 33.81 ? 150 GLU A C   1 
ATOM   1188 O  O   . GLU A 1 149 ? -3.888  12.239  10.855  1.00 34.70 ? 150 GLU A O   1 
ATOM   1189 C  CB  . GLU A 1 149 ? -1.702  11.053  9.108   1.00 34.39 ? 150 GLU A CB  1 
ATOM   1190 C  CG  . GLU A 1 149 ? -0.659  11.019  10.176  1.00 44.73 ? 150 GLU A CG  1 
ATOM   1191 C  CD  . GLU A 1 149 ? -0.472  9.634   10.770  1.00 49.78 ? 150 GLU A CD  1 
ATOM   1192 O  OE1 . GLU A 1 149 ? -0.604  8.600   10.092  1.00 54.36 ? 150 GLU A OE1 1 
ATOM   1193 O  OE2 . GLU A 1 149 ? -0.200  9.608   11.962  1.00 59.22 ? 150 GLU A OE2 1 
ATOM   1194 N  N   . HIS A 1 150 ? -4.797  12.099  8.862   1.00 35.54 ? 151 HIS A N   1 
ATOM   1195 C  CA  . HIS A 1 150 ? -5.566  13.287  9.159   1.00 39.49 ? 151 HIS A CA  1 
ATOM   1196 C  C   . HIS A 1 150 ? -6.741  12.937  10.033  1.00 44.99 ? 151 HIS A C   1 
ATOM   1197 O  O   . HIS A 1 150 ? -7.014  13.688  10.972  1.00 47.04 ? 151 HIS A O   1 
ATOM   1198 C  CB  . HIS A 1 150 ? -6.082  13.955  7.898   1.00 36.74 ? 151 HIS A CB  1 
ATOM   1199 C  CG  . HIS A 1 150 ? -6.896  15.177  8.256   1.00 35.39 ? 151 HIS A CG  1 
ATOM   1200 N  ND1 . HIS A 1 150 ? -6.409  16.280  8.826   1.00 33.89 ? 151 HIS A ND1 1 
ATOM   1201 C  CD2 . HIS A 1 150 ? -8.270  15.286  8.112   1.00 32.18 ? 151 HIS A CD2 1 
ATOM   1202 C  CE1 . HIS A 1 150 ? -7.458  17.061  9.041   1.00 40.27 ? 151 HIS A CE1 1 
ATOM   1203 N  NE2 . HIS A 1 150 ? -8.568  16.462  8.612   1.00 38.32 ? 151 HIS A NE2 1 
ATOM   1204 N  N   . THR A 1 151 ? -7.454  11.865  9.663   1.00 49.02 ? 152 THR A N   1 
ATOM   1205 C  CA  . THR A 1 151 ? -8.578  11.307  10.427  1.00 53.45 ? 152 THR A CA  1 
ATOM   1206 C  C   . THR A 1 151 ? -8.179  11.134  11.912  1.00 55.32 ? 152 THR A C   1 
ATOM   1207 O  O   . THR A 1 151 ? -8.834  11.594  12.847  1.00 54.20 ? 152 THR A O   1 
ATOM   1208 C  CB  . THR A 1 151 ? -8.936  9.939   9.806   1.00 54.63 ? 152 THR A CB  1 
ATOM   1209 O  OG1 . THR A 1 151 ? -9.087  10.132  8.397   1.00 59.19 ? 152 THR A OG1 1 
ATOM   1210 C  CG2 . THR A 1 151 ? -10.174 9.337   10.448  1.00 62.29 ? 152 THR A CG2 1 
ATOM   1211 N  N   . ALA A 1 152 ? -7.058  10.428  12.083  1.00 55.54 ? 153 ALA A N   1 
ATOM   1212 C  CA  . ALA A 1 152 ? -6.451  10.163  13.354  1.00 57.20 ? 153 ALA A CA  1 
ATOM   1213 C  C   . ALA A 1 152 ? -5.901  11.379  14.112  1.00 62.77 ? 153 ALA A C   1 
ATOM   1214 O  O   . ALA A 1 152 ? -6.137  11.448  15.316  1.00 65.97 ? 153 ALA A O   1 
ATOM   1215 C  CB  . ALA A 1 152 ? -5.354  9.138   13.095  1.00 49.22 ? 153 ALA A CB  1 
ATOM   1216 N  N   . ALA A 1 153 ? -5.154  12.353  13.567  1.00 69.31 ? 154 ALA A N   1 
ATOM   1217 C  CA  . ALA A 1 153 ? -4.598  13.462  14.339  1.00 68.12 ? 154 ALA A CA  1 
ATOM   1218 C  C   . ALA A 1 153 ? -5.573  14.613  14.504  1.00 67.39 ? 154 ALA A C   1 
ATOM   1219 O  O   . ALA A 1 153 ? -5.268  15.792  14.290  1.00 70.68 ? 154 ALA A O   1 
ATOM   1220 C  CB  . ALA A 1 153 ? -3.310  13.929  13.646  1.00 66.77 ? 154 ALA A CB  1 
ATOM   1221 N  N   . LEU A 1 154 ? -6.770  14.214  14.897  1.00 67.37 ? 155 LEU A N   1 
ATOM   1222 C  CA  . LEU A 1 154 ? -7.824  15.117  15.261  1.00 71.94 ? 155 LEU A CA  1 
ATOM   1223 C  C   . LEU A 1 154 ? -7.911  14.911  16.805  1.00 75.03 ? 155 LEU A C   1 
ATOM   1224 O  O   . LEU A 1 154 ? -8.285  13.819  17.265  1.00 73.84 ? 155 LEU A O   1 
ATOM   1225 C  CB  . LEU A 1 154 ? -9.131  14.700  14.532  1.00 70.10 ? 155 LEU A CB  1 
ATOM   1226 C  CG  . LEU A 1 154 ? -9.266  14.703  13.008  1.00 65.41 ? 155 LEU A CG  1 
ATOM   1227 C  CD1 . LEU A 1 154 ? -10.647 14.205  12.659  1.00 64.41 ? 155 LEU A CD1 1 
ATOM   1228 C  CD2 . LEU A 1 154 ? -9.121  16.092  12.421  1.00 68.72 ? 155 LEU A CD2 1 
ATOM   1229 N  N   . ASN A 1 164 ? -11.594 32.754  9.710   1.00 63.31 ? 165 ASN A N   1 
ATOM   1230 C  CA  . ASN A 1 164 ? -10.422 33.458  9.178   1.00 63.84 ? 165 ASN A CA  1 
ATOM   1231 C  C   . ASN A 1 164 ? -9.867  32.878  7.879   1.00 56.99 ? 165 ASN A C   1 
ATOM   1232 O  O   . ASN A 1 164 ? -8.837  33.334  7.348   1.00 54.83 ? 165 ASN A O   1 
ATOM   1233 C  CB  . ASN A 1 164 ? -9.264  33.457  10.179  1.00 75.48 ? 165 ASN A CB  1 
ATOM   1234 C  CG  . ASN A 1 164 ? -8.377  34.689  9.997   1.00 82.87 ? 165 ASN A CG  1 
ATOM   1235 O  OD1 . ASN A 1 164 ? -8.475  35.542  10.867  1.00 89.17 ? 165 ASN A OD1 1 
ATOM   1236 N  ND2 . ASN A 1 164 ? -7.558  34.929  8.972   1.00 83.98 ? 165 ASN A ND2 1 
ATOM   1237 N  N   . LEU A 1 165 ? -10.508 31.800  7.373   1.00 49.90 ? 166 LEU A N   1 
ATOM   1238 C  CA  . LEU A 1 165 ? -10.059 31.192  6.131   1.00 44.39 ? 166 LEU A CA  1 
ATOM   1239 C  C   . LEU A 1 165 ? -10.238 32.236  5.013   1.00 40.12 ? 166 LEU A C   1 
ATOM   1240 O  O   . LEU A 1 165 ? -11.268 32.934  4.952   1.00 44.73 ? 166 LEU A O   1 
ATOM   1241 C  CB  . LEU A 1 165 ? -10.882 29.926  5.883   1.00 37.34 ? 166 LEU A CB  1 
ATOM   1242 C  CG  . LEU A 1 165 ? -10.634 28.735  6.782   1.00 34.90 ? 166 LEU A CG  1 
ATOM   1243 C  CD1 . LEU A 1 165 ? -11.425 27.562  6.295   1.00 35.42 ? 166 LEU A CD1 1 
ATOM   1244 C  CD2 . LEU A 1 165 ? -9.200  28.305  6.716   1.00 38.92 ? 166 LEU A CD2 1 
ATOM   1245 N  N   . PRO A 1 166 ? -9.214  32.396  4.192   1.00 32.83 ? 167 PRO A N   1 
ATOM   1246 C  CA  . PRO A 1 166 ? -9.435  33.069  2.937   1.00 32.16 ? 167 PRO A CA  1 
ATOM   1247 C  C   . PRO A 1 166 ? -10.485 32.235  2.141   1.00 32.59 ? 167 PRO A C   1 
ATOM   1248 O  O   . PRO A 1 166 ? -10.485 30.976  2.209   1.00 33.67 ? 167 PRO A O   1 
ATOM   1249 C  CB  . PRO A 1 166 ? -8.007  33.112  2.480   1.00 33.40 ? 167 PRO A CB  1 
ATOM   1250 C  CG  . PRO A 1 166 ? -7.167  33.054  3.742   1.00 30.90 ? 167 PRO A CG  1 
ATOM   1251 C  CD  . PRO A 1 166 ? -7.856  31.920  4.385   1.00 28.79 ? 167 PRO A CD  1 
ATOM   1252 N  N   . PRO A 1 167 ? -11.410 32.851  1.352   1.00 34.61 ? 168 PRO A N   1 
ATOM   1253 C  CA  . PRO A 1 167 ? -12.520 32.166  0.619   1.00 26.04 ? 168 PRO A CA  1 
ATOM   1254 C  C   . PRO A 1 167 ? -12.267 30.863  -0.132  1.00 27.18 ? 168 PRO A C   1 
ATOM   1255 O  O   . PRO A 1 167 ? -13.004 29.866  -0.032  1.00 28.09 ? 168 PRO A O   1 
ATOM   1256 C  CB  . PRO A 1 167 ? -13.035 33.264  -0.270  1.00 26.64 ? 168 PRO A CB  1 
ATOM   1257 C  CG  . PRO A 1 167 ? -11.882 34.233  -0.457  1.00 25.67 ? 168 PRO A CG  1 
ATOM   1258 C  CD  . PRO A 1 167 ? -11.307 34.265  0.950   1.00 30.00 ? 168 PRO A CD  1 
ATOM   1259 N  N   . LEU A 1 168 ? -11.204 30.806  -0.931  1.00 30.26 ? 169 LEU A N   1 
ATOM   1260 C  CA  . LEU A 1 168 ? -10.883 29.600  -1.694  1.00 33.40 ? 169 LEU A CA  1 
ATOM   1261 C  C   . LEU A 1 168 ? -10.441 28.428  -0.812  1.00 33.62 ? 169 LEU A C   1 
ATOM   1262 O  O   . LEU A 1 168 ? -11.010 27.340  -0.964  1.00 29.27 ? 169 LEU A O   1 
ATOM   1263 C  CB  . LEU A 1 168 ? -9.778  29.917  -2.743  1.00 30.39 ? 169 LEU A CB  1 
ATOM   1264 C  CG  . LEU A 1 168 ? -10.003 30.339  -4.180  1.00 24.13 ? 169 LEU A CG  1 
ATOM   1265 C  CD1 . LEU A 1 168 ? -11.430 30.763  -4.402  1.00 23.10 ? 169 LEU A CD1 1 
ATOM   1266 C  CD2 . LEU A 1 168 ? -8.978  31.385  -4.501  1.00 23.06 ? 169 LEU A CD2 1 
ATOM   1267 N  N   . LEU A 1 169 ? -9.521  28.646  0.160   1.00 32.42 ? 170 LEU A N   1 
ATOM   1268 C  CA  . LEU A 1 169 ? -9.048  27.604  1.062   1.00 33.78 ? 170 LEU A CA  1 
ATOM   1269 C  C   . LEU A 1 169 ? -10.244 27.018  1.828   1.00 34.28 ? 170 LEU A C   1 
ATOM   1270 O  O   . LEU A 1 169 ? -10.376 25.796  1.901   1.00 29.49 ? 170 LEU A O   1 
ATOM   1271 C  CB  . LEU A 1 169 ? -8.013  28.202  2.029   1.00 30.50 ? 170 LEU A CB  1 
ATOM   1272 C  CG  . LEU A 1 169 ? -7.529  27.282  3.148   1.00 29.62 ? 170 LEU A CG  1 
ATOM   1273 C  CD1 . LEU A 1 169 ? -7.044  25.947  2.595   1.00 24.28 ? 170 LEU A CD1 1 
ATOM   1274 C  CD2 . LEU A 1 169 ? -6.414  27.979  3.883   1.00 19.72 ? 170 LEU A CD2 1 
ATOM   1275 N  N   . ARG A 1 170 ? -11.165 27.870  2.322   1.00 37.33 ? 171 ARG A N   1 
ATOM   1276 C  CA  . ARG A 1 170 ? -12.427 27.454  2.945   1.00 38.03 ? 171 ARG A CA  1 
ATOM   1277 C  C   . ARG A 1 170 ? -13.166 26.410  2.109   1.00 35.54 ? 171 ARG A C   1 
ATOM   1278 O  O   . ARG A 1 170 ? -13.454 25.296  2.573   1.00 34.66 ? 171 ARG A O   1 
ATOM   1279 C  CB  . ARG A 1 170 ? -13.218 28.774  3.150   1.00 44.28 ? 171 ARG A CB  1 
ATOM   1280 C  CG  . ARG A 1 170 ? -14.539 28.880  3.932   1.00 53.84 ? 171 ARG A CG  1 
ATOM   1281 C  CD  . ARG A 1 170 ? -15.704 28.995  2.936   1.00 72.01 ? 171 ARG A CD  1 
ATOM   1282 N  NE  . ARG A 1 170 ? -16.763 29.905  3.371   1.00 78.33 ? 171 ARG A NE  1 
ATOM   1283 C  CZ  . ARG A 1 170 ? -18.082 29.671  3.198   1.00 79.95 ? 171 ARG A CZ  1 
ATOM   1284 N  NH1 . ARG A 1 170 ? -18.589 28.591  2.589   1.00 78.16 ? 171 ARG A NH1 1 
ATOM   1285 N  NH2 . ARG A 1 170 ? -18.942 30.569  3.674   1.00 81.15 ? 171 ARG A NH2 1 
ATOM   1286 N  N   . GLU A 1 171 ? -13.384 26.768  0.827   1.00 38.16 ? 172 GLU A N   1 
ATOM   1287 C  CA  . GLU A 1 171 ? -14.094 25.926  -0.110  1.00 37.71 ? 172 GLU A CA  1 
ATOM   1288 C  C   . GLU A 1 171 ? -13.298 24.684  -0.409  1.00 34.34 ? 172 GLU A C   1 
ATOM   1289 O  O   . GLU A 1 171 ? -13.876 23.594  -0.389  1.00 33.62 ? 172 GLU A O   1 
ATOM   1290 C  CB  . GLU A 1 171 ? -14.386 26.681  -1.404  1.00 46.55 ? 172 GLU A CB  1 
ATOM   1291 C  CG  . GLU A 1 171 ? -15.265 25.729  -2.214  1.00 59.74 ? 172 GLU A CG  1 
ATOM   1292 C  CD  . GLU A 1 171 ? -16.101 26.256  -3.363  1.00 67.68 ? 172 GLU A CD  1 
ATOM   1293 O  OE1 . GLU A 1 171 ? -15.695 27.181  -4.069  1.00 75.84 ? 172 GLU A OE1 1 
ATOM   1294 O  OE2 . GLU A 1 171 ? -17.181 25.702  -3.565  1.00 72.50 ? 172 GLU A OE2 1 
ATOM   1295 N  N   . ALA A 1 172 ? -11.993 24.773  -0.654  1.00 30.58 ? 173 ALA A N   1 
ATOM   1296 C  CA  . ALA A 1 172 ? -11.140 23.585  -0.832  1.00 30.74 ? 173 ALA A CA  1 
ATOM   1297 C  C   . ALA A 1 172 ? -11.185 22.598  0.358   1.00 31.28 ? 173 ALA A C   1 
ATOM   1298 O  O   . ALA A 1 172 ? -11.394 21.404  0.165   1.00 30.77 ? 173 ALA A O   1 
ATOM   1299 C  CB  . ALA A 1 172 ? -9.699  24.032  -1.040  1.00 30.79 ? 173 ALA A CB  1 
ATOM   1300 N  N   . LEU A 1 173 ? -11.054 23.061  1.612   1.00 32.65 ? 174 LEU A N   1 
ATOM   1301 C  CA  . LEU A 1 173 ? -11.176 22.261  2.829   1.00 32.18 ? 174 LEU A CA  1 
ATOM   1302 C  C   . LEU A 1 173 ? -12.506 21.595  2.830   1.00 30.63 ? 174 LEU A C   1 
ATOM   1303 O  O   . LEU A 1 173 ? -12.495 20.377  2.963   1.00 30.98 ? 174 LEU A O   1 
ATOM   1304 C  CB  . LEU A 1 173 ? -11.104 23.095  4.079   1.00 27.94 ? 174 LEU A CB  1 
ATOM   1305 C  CG  . LEU A 1 173 ? -9.800  23.217  4.822   1.00 25.32 ? 174 LEU A CG  1 
ATOM   1306 C  CD1 . LEU A 1 173 ? -8.520  23.123  4.006   1.00 21.09 ? 174 LEU A CD1 1 
ATOM   1307 C  CD2 . LEU A 1 173 ? -9.951  24.570  5.439   1.00 24.56 ? 174 LEU A CD2 1 
ATOM   1308 N  N   . GLN A 1 174 ? -13.611 22.321  2.633   1.00 35.19 ? 175 GLN A N   1 
ATOM   1309 C  CA  . GLN A 1 174 ? -14.898 21.666  2.462   1.00 43.06 ? 175 GLN A CA  1 
ATOM   1310 C  C   . GLN A 1 174 ? -14.829 20.542  1.417   1.00 43.51 ? 175 GLN A C   1 
ATOM   1311 O  O   . GLN A 1 174 ? -15.271 19.431  1.712   1.00 45.23 ? 175 GLN A O   1 
ATOM   1312 C  CB  . GLN A 1 174 ? -15.944 22.621  1.979   1.00 54.81 ? 175 GLN A CB  1 
ATOM   1313 C  CG  . GLN A 1 174 ? -16.462 23.774  2.844   1.00 74.09 ? 175 GLN A CG  1 
ATOM   1314 C  CD  . GLN A 1 174 ? -17.438 24.692  2.064   1.00 83.35 ? 175 GLN A CD  1 
ATOM   1315 O  OE1 . GLN A 1 174 ? -17.525 25.904  2.273   1.00 90.74 ? 175 GLN A OE1 1 
ATOM   1316 N  NE2 . GLN A 1 174 ? -18.214 24.260  1.074   1.00 86.40 ? 175 GLN A NE2 1 
ATOM   1317 N  N   . ILE A 1 175 ? -14.255 20.726  0.221   1.00 41.37 ? 176 ILE A N   1 
ATOM   1318 C  CA  . ILE A 1 175 ? -14.216 19.668  -0.792  1.00 42.61 ? 176 ILE A CA  1 
ATOM   1319 C  C   . ILE A 1 175 ? -13.409 18.442  -0.364  1.00 48.22 ? 176 ILE A C   1 
ATOM   1320 O  O   . ILE A 1 175 ? -13.819 17.284  -0.573  1.00 50.70 ? 176 ILE A O   1 
ATOM   1321 C  CB  . ILE A 1 175 ? -13.654 20.268  -2.149  1.00 38.12 ? 176 ILE A CB  1 
ATOM   1322 C  CG1 . ILE A 1 175 ? -14.643 21.298  -2.681  1.00 35.87 ? 176 ILE A CG1 1 
ATOM   1323 C  CG2 . ILE A 1 175 ? -13.512 19.207  -3.237  1.00 33.42 ? 176 ILE A CG2 1 
ATOM   1324 C  CD1 . ILE A 1 175 ? -14.105 22.202  -3.761  1.00 32.80 ? 176 ILE A CD1 1 
ATOM   1325 N  N   . MET A 1 176 ? -12.246 18.747  0.224   1.00 51.88 ? 177 MET A N   1 
ATOM   1326 C  CA  . MET A 1 176 ? -11.239 17.796  0.687   1.00 55.49 ? 177 MET A CA  1 
ATOM   1327 C  C   . MET A 1 176 ? -11.834 16.812  1.655   1.00 57.63 ? 177 MET A C   1 
ATOM   1328 O  O   . MET A 1 176 ? -11.683 15.598  1.575   1.00 57.56 ? 177 MET A O   1 
ATOM   1329 C  CB  . MET A 1 176 ? -10.107 18.547  1.373   1.00 59.14 ? 177 MET A CB  1 
ATOM   1330 C  CG  . MET A 1 176 ? -8.751  17.925  1.163   1.00 65.69 ? 177 MET A CG  1 
ATOM   1331 S  SD  . MET A 1 176 ? -8.241  18.220  -0.542  1.00 80.59 ? 177 MET A SD  1 
ATOM   1332 C  CE  . MET A 1 176 ? -8.310  16.608  -1.281  1.00 76.08 ? 177 MET A CE  1 
ATOM   1333 N  N   . ASP A 1 177 ? -12.545 17.411  2.592   1.00 61.41 ? 178 ASP A N   1 
ATOM   1334 C  CA  . ASP A 1 177 ? -13.216 16.651  3.607   1.00 63.92 ? 178 ASP A CA  1 
ATOM   1335 C  C   . ASP A 1 177 ? -14.489 15.982  3.090   1.00 65.33 ? 178 ASP A C   1 
ATOM   1336 O  O   . ASP A 1 177 ? -14.735 14.857  3.520   1.00 70.11 ? 178 ASP A O   1 
ATOM   1337 C  CB  . ASP A 1 177 ? -13.481 17.601  4.803   1.00 65.07 ? 178 ASP A CB  1 
ATOM   1338 C  CG  . ASP A 1 177 ? -12.230 18.077  5.568   1.00 67.05 ? 178 ASP A CG  1 
ATOM   1339 O  OD1 . ASP A 1 177 ? -11.183 17.413  5.531   1.00 66.39 ? 178 ASP A OD1 1 
ATOM   1340 O  OD2 . ASP A 1 177 ? -12.317 19.131  6.214   1.00 69.97 ? 178 ASP A OD2 1 
ATOM   1341 N  N   . SER A 1 178 ? -15.320 16.560  2.199   1.00 65.20 ? 179 SER A N   1 
ATOM   1342 C  CA  . SER A 1 178 ? -16.512 15.899  1.669   1.00 62.90 ? 179 SER A CA  1 
ATOM   1343 C  C   . SER A 1 178 ? -16.469 14.402  1.409   1.00 60.27 ? 179 SER A C   1 
ATOM   1344 O  O   . SER A 1 178 ? -17.525 13.778  1.565   1.00 62.86 ? 179 SER A O   1 
ATOM   1345 C  CB  . SER A 1 178 ? -16.936 16.594  0.395   1.00 65.03 ? 179 SER A CB  1 
ATOM   1346 O  OG  . SER A 1 178 ? -17.489 17.854  0.765   1.00 75.14 ? 179 SER A OG  1 
ATOM   1347 N  N   . ASP A 1 179 ? -15.351 13.772  1.021   1.00 53.05 ? 180 ASP A N   1 
ATOM   1348 C  CA  . ASP A 1 179 ? -15.367 12.329  1.005   1.00 49.63 ? 180 ASP A CA  1 
ATOM   1349 C  C   . ASP A 1 179 ? -14.063 11.844  1.582   1.00 49.37 ? 180 ASP A C   1 
ATOM   1350 O  O   . ASP A 1 179 ? -13.200 12.643  1.923   1.00 51.39 ? 180 ASP A O   1 
ATOM   1351 C  CB  . ASP A 1 179 ? -15.562 11.789  -0.425  1.00 46.53 ? 180 ASP A CB  1 
ATOM   1352 C  CG  . ASP A 1 179 ? -14.402 11.845  -1.382  1.00 42.95 ? 180 ASP A CG  1 
ATOM   1353 O  OD1 . ASP A 1 179 ? -13.787 12.901  -1.491  1.00 35.58 ? 180 ASP A OD1 1 
ATOM   1354 O  OD2 . ASP A 1 179 ? -14.135 10.817  -2.006  1.00 42.43 ? 180 ASP A OD2 1 
ATOM   1355 N  N   . ASP A 1 180 ? -13.875 10.528  1.623   1.00 50.12 ? 181 ASP A N   1 
ATOM   1356 C  CA  . ASP A 1 180 ? -12.650 9.918   2.115   1.00 53.72 ? 181 ASP A CA  1 
ATOM   1357 C  C   . ASP A 1 180 ? -11.377 10.312  1.360   1.00 51.57 ? 181 ASP A C   1 
ATOM   1358 O  O   . ASP A 1 180 ? -10.298 10.000  1.838   1.00 48.23 ? 181 ASP A O   1 
ATOM   1359 C  CB  . ASP A 1 180 ? -12.796 8.361   2.093   1.00 63.91 ? 181 ASP A CB  1 
ATOM   1360 C  CG  . ASP A 1 180 ? -13.125 7.599   0.776   1.00 73.88 ? 181 ASP A CG  1 
ATOM   1361 O  OD1 . ASP A 1 180 ? -13.973 8.090   0.015   1.00 80.08 ? 181 ASP A OD1 1 
ATOM   1362 O  OD2 . ASP A 1 180 ? -12.557 6.513   0.514   1.00 72.38 ? 181 ASP A OD2 1 
ATOM   1363 N  N   . GLY A 1 181 ? -11.425 11.056  0.239   1.00 48.38 ? 182 GLY A N   1 
ATOM   1364 C  CA  . GLY A 1 181 ? -10.256 11.314  -0.592  1.00 37.43 ? 182 GLY A CA  1 
ATOM   1365 C  C   . GLY A 1 181 ? -10.190 10.299  -1.719  1.00 32.64 ? 182 GLY A C   1 
ATOM   1366 O  O   . GLY A 1 181 ? -9.185  10.196  -2.398  1.00 29.47 ? 182 GLY A O   1 
ATOM   1367 N  N   . GLU A 1 182 ? -11.260 9.522   -1.971  1.00 32.65 ? 183 GLU A N   1 
ATOM   1368 C  CA  . GLU A 1 182 ? -11.291 8.566   -3.058  1.00 33.52 ? 183 GLU A CA  1 
ATOM   1369 C  C   . GLU A 1 182 ? -11.453 9.304   -4.378  1.00 35.19 ? 183 GLU A C   1 
ATOM   1370 O  O   . GLU A 1 182 ? -10.881 8.878   -5.369  1.00 42.63 ? 183 GLU A O   1 
ATOM   1371 C  CB  . GLU A 1 182 ? -12.458 7.602   -2.969  1.00 35.93 ? 183 GLU A CB  1 
ATOM   1372 C  CG  . GLU A 1 182 ? -12.290 6.429   -3.967  1.00 50.26 ? 183 GLU A CG  1 
ATOM   1373 C  CD  . GLU A 1 182 ? -13.324 5.298   -3.968  1.00 56.07 ? 183 GLU A CD  1 
ATOM   1374 O  OE1 . GLU A 1 182 ? -14.381 5.474   -3.363  1.00 59.46 ? 183 GLU A OE1 1 
ATOM   1375 O  OE2 . GLU A 1 182 ? -13.077 4.238   -4.575  1.00 60.97 ? 183 GLU A OE2 1 
ATOM   1376 N  N   . GLN A 1 183 ? -12.197 10.409  -4.456  1.00 32.89 ? 184 GLN A N   1 
ATOM   1377 C  CA  . GLN A 1 183 ? -12.401 11.131  -5.695  1.00 32.35 ? 184 GLN A CA  1 
ATOM   1378 C  C   . GLN A 1 183 ? -11.130 11.816  -6.162  1.00 27.56 ? 184 GLN A C   1 
ATOM   1379 O  O   . GLN A 1 183 ? -10.739 11.707  -7.320  1.00 28.87 ? 184 GLN A O   1 
ATOM   1380 C  CB  . GLN A 1 183 ? -13.495 12.096  -5.420  1.00 40.67 ? 184 GLN A CB  1 
ATOM   1381 C  CG  . GLN A 1 183 ? -14.322 12.642  -6.559  1.00 50.38 ? 184 GLN A CG  1 
ATOM   1382 C  CD  . GLN A 1 183 ? -15.584 13.169  -5.905  1.00 56.90 ? 184 GLN A CD  1 
ATOM   1383 O  OE1 . GLN A 1 183 ? -16.624 12.512  -5.963  1.00 60.72 ? 184 GLN A OE1 1 
ATOM   1384 N  NE2 . GLN A 1 183 ? -15.553 14.282  -5.166  1.00 63.22 ? 184 GLN A NE2 1 
ATOM   1385 N  N   . ALA A 1 184 ? -10.417 12.448  -5.243  1.00 25.31 ? 185 ALA A N   1 
ATOM   1386 C  CA  . ALA A 1 184 ? -9.152  13.077  -5.524  1.00 22.44 ? 185 ALA A CA  1 
ATOM   1387 C  C   . ALA A 1 184 ? -8.091  12.078  -5.947  1.00 25.33 ? 185 ALA A C   1 
ATOM   1388 O  O   . ALA A 1 184 ? -7.202  12.369  -6.768  1.00 28.39 ? 185 ALA A O   1 
ATOM   1389 C  CB  . ALA A 1 184 ? -8.639  13.785  -4.308  1.00 18.37 ? 185 ALA A CB  1 
ATOM   1390 N  N   . PHE A 1 185 ? -8.208  10.877  -5.382  1.00 20.66 ? 186 PHE A N   1 
ATOM   1391 C  CA  . PHE A 1 185 ? -7.289  9.814   -5.686  1.00 21.41 ? 186 PHE A CA  1 
ATOM   1392 C  C   . PHE A 1 185 ? -7.614  9.318   -7.079  1.00 20.73 ? 186 PHE A C   1 
ATOM   1393 O  O   . PHE A 1 185 ? -6.701  9.280   -7.891  1.00 23.93 ? 186 PHE A O   1 
ATOM   1394 C  CB  . PHE A 1 185 ? -7.450  8.685   -4.681  1.00 14.71 ? 186 PHE A CB  1 
ATOM   1395 C  CG  . PHE A 1 185 ? -6.721  7.432   -5.108  1.00 10.01 ? 186 PHE A CG  1 
ATOM   1396 C  CD1 . PHE A 1 185 ? -5.337  7.355   -4.967  1.00 10.36 ? 186 PHE A CD1 1 
ATOM   1397 C  CD2 . PHE A 1 185 ? -7.452  6.393   -5.668  1.00 4.48  ? 186 PHE A CD2 1 
ATOM   1398 C  CE1 . PHE A 1 185 ? -4.662  6.188   -5.402  1.00 8.76  ? 186 PHE A CE1 1 
ATOM   1399 C  CE2 . PHE A 1 185 ? -6.775  5.255   -6.092  1.00 7.28  ? 186 PHE A CE2 1 
ATOM   1400 C  CZ  . PHE A 1 185 ? -5.386  5.148   -5.967  1.00 5.66  ? 186 PHE A CZ  1 
ATOM   1401 N  N   . LEU A 1 186 ? -8.852  8.893   -7.362  1.00 23.93 ? 187 LEU A N   1 
ATOM   1402 C  CA  . LEU A 1 186 ? -9.277  8.368   -8.648  1.00 20.70 ? 187 LEU A CA  1 
ATOM   1403 C  C   . LEU A 1 186 ? -8.984  9.330   -9.769  1.00 21.85 ? 187 LEU A C   1 
ATOM   1404 O  O   . LEU A 1 186 ? -8.548  8.889   -10.836 1.00 22.80 ? 187 LEU A O   1 
ATOM   1405 C  CB  . LEU A 1 186 ? -10.741 8.070   -8.649  1.00 18.48 ? 187 LEU A CB  1 
ATOM   1406 C  CG  . LEU A 1 186 ? -11.080 6.800   -7.901  1.00 18.22 ? 187 LEU A CG  1 
ATOM   1407 C  CD1 . LEU A 1 186 ? -12.569 6.571   -7.912  1.00 15.83 ? 187 LEU A CD1 1 
ATOM   1408 C  CD2 . LEU A 1 186 ? -10.405 5.632   -8.565  1.00 18.86 ? 187 LEU A CD2 1 
ATOM   1409 N  N   . HIS A 1 187 ? -9.139  10.623  -9.536  1.00 20.33 ? 188 HIS A N   1 
ATOM   1410 C  CA  . HIS A 1 187 ? -8.746  11.604  -10.527 1.00 28.30 ? 188 HIS A CA  1 
ATOM   1411 C  C   . HIS A 1 187 ? -7.227  11.800  -10.687 1.00 27.81 ? 188 HIS A C   1 
ATOM   1412 O  O   . HIS A 1 187 ? -6.758  11.920  -11.837 1.00 33.28 ? 188 HIS A O   1 
ATOM   1413 C  CB  . HIS A 1 187 ? -9.448  12.886  -10.150 1.00 31.13 ? 188 HIS A CB  1 
ATOM   1414 C  CG  . HIS A 1 187 ? -9.487  14.050  -11.144 1.00 38.89 ? 188 HIS A CG  1 
ATOM   1415 N  ND1 . HIS A 1 187 ? -10.549 14.461  -11.847 1.00 39.99 ? 188 HIS A ND1 1 
ATOM   1416 C  CD2 . HIS A 1 187 ? -8.459  14.943  -11.384 1.00 38.40 ? 188 HIS A CD2 1 
ATOM   1417 C  CE1 . HIS A 1 187 ? -10.215 15.556  -12.477 1.00 43.04 ? 188 HIS A CE1 1 
ATOM   1418 N  NE2 . HIS A 1 187 ? -8.957  15.841  -12.193 1.00 40.15 ? 188 HIS A NE2 1 
ATOM   1419 N  N   . GLY A 1 188 ? -6.384  11.890  -9.646  1.00 21.28 ? 189 GLY A N   1 
ATOM   1420 C  CA  . GLY A 1 188 ? -4.953  11.971  -9.845  1.00 10.03 ? 189 GLY A CA  1 
ATOM   1421 C  C   . GLY A 1 188 ? -4.451  10.721  -10.542 1.00 9.92  ? 189 GLY A C   1 
ATOM   1422 O  O   . GLY A 1 188 ? -3.461  10.769  -11.263 1.00 19.87 ? 189 GLY A O   1 
ATOM   1423 N  N   . LEU A 1 189 ? -5.065  9.559   -10.358 1.00 12.41 ? 190 LEU A N   1 
ATOM   1424 C  CA  . LEU A 1 189 ? -4.680  8.300   -11.006 1.00 15.13 ? 190 LEU A CA  1 
ATOM   1425 C  C   . LEU A 1 189 ? -4.856  8.288   -12.528 1.00 20.48 ? 190 LEU A C   1 
ATOM   1426 O  O   . LEU A 1 189 ? -4.135  7.599   -13.257 1.00 25.20 ? 190 LEU A O   1 
ATOM   1427 C  CB  . LEU A 1 189 ? -5.501  7.176   -10.426 1.00 2.16  ? 190 LEU A CB  1 
ATOM   1428 C  CG  . LEU A 1 189 ? -5.162  5.750   -10.733 1.00 6.71  ? 190 LEU A CG  1 
ATOM   1429 C  CD1 . LEU A 1 189 ? -3.773  5.415   -10.276 1.00 5.34  ? 190 LEU A CD1 1 
ATOM   1430 C  CD2 . LEU A 1 189 ? -6.209  4.895   -10.083 1.00 4.79  ? 190 LEU A CD2 1 
ATOM   1431 N  N   . GLU A 1 190 ? -5.852  9.009   -13.035 1.00 22.56 ? 191 GLU A N   1 
ATOM   1432 C  CA  . GLU A 1 190 ? -6.101  9.133   -14.450 1.00 18.79 ? 191 GLU A CA  1 
ATOM   1433 C  C   . GLU A 1 190 ? -5.063  10.076  -15.038 1.00 21.64 ? 191 GLU A C   1 
ATOM   1434 O  O   . GLU A 1 190 ? -4.507  9.769   -16.100 1.00 20.90 ? 191 GLU A O   1 
ATOM   1435 C  CB  . GLU A 1 190 ? -7.508  9.662   -14.633 1.00 26.36 ? 191 GLU A CB  1 
ATOM   1436 C  CG  . GLU A 1 190 ? -8.599  8.647   -14.366 1.00 28.30 ? 191 GLU A CG  1 
ATOM   1437 C  CD  . GLU A 1 190 ? -8.337  7.316   -15.071 1.00 32.36 ? 191 GLU A CD  1 
ATOM   1438 O  OE1 . GLU A 1 190 ? -8.123  7.306   -16.282 1.00 33.41 ? 191 GLU A OE1 1 
ATOM   1439 O  OE2 . GLU A 1 190 ? -8.340  6.277   -14.417 1.00 29.01 ? 191 GLU A OE2 1 
ATOM   1440 N  N   . SER A 1 191 ? -4.746  11.205  -14.379 1.00 13.26 ? 192 SER A N   1 
ATOM   1441 C  CA  . SER A 1 191 ? -3.654  12.045  -14.831 1.00 11.06 ? 192 SER A CA  1 
ATOM   1442 C  C   . SER A 1 191 ? -2.328  11.340  -14.820 1.00 18.84 ? 192 SER A C   1 
ATOM   1443 O  O   . SER A 1 191 ? -1.641  11.363  -15.839 1.00 29.30 ? 192 SER A O   1 
ATOM   1444 C  CB  . SER A 1 191 ? -3.644  13.211  -13.978 1.00 5.24  ? 192 SER A CB  1 
ATOM   1445 O  OG  . SER A 1 191 ? -4.994  13.756  -13.971 1.00 16.02 ? 192 SER A OG  1 
ATOM   1446 N  N   . LEU A 1 192 ? -1.906  10.662  -13.755 1.00 28.43 ? 193 LEU A N   1 
ATOM   1447 C  CA  . LEU A 1 192 ? -0.728  9.789   -13.802 1.00 30.39 ? 193 LEU A CA  1 
ATOM   1448 C  C   . LEU A 1 192 ? -0.769  8.822   -14.999 1.00 29.41 ? 193 LEU A C   1 
ATOM   1449 O  O   . LEU A 1 192 ? 0.180   8.777   -15.785 1.00 26.44 ? 193 LEU A O   1 
ATOM   1450 C  CB  . LEU A 1 192 ? -0.602  8.872   -12.574 1.00 28.29 ? 193 LEU A CB  1 
ATOM   1451 C  CG  . LEU A 1 192 ? 0.368   9.134   -11.469 1.00 35.81 ? 193 LEU A CG  1 
ATOM   1452 C  CD1 . LEU A 1 192 ? 0.103   8.089   -10.408 1.00 26.76 ? 193 LEU A CD1 1 
ATOM   1453 C  CD2 . LEU A 1 192 ? 1.805   9.153   -11.987 1.00 31.66 ? 193 LEU A CD2 1 
ATOM   1454 N  N   . ILE A 1 193 ? -1.821  8.000   -15.163 1.00 28.30 ? 194 ILE A N   1 
ATOM   1455 C  CA  . ILE A 1 193 ? -1.875  7.055   -16.284 1.00 32.20 ? 194 ILE A CA  1 
ATOM   1456 C  C   . ILE A 1 193 ? -1.800  7.756   -17.655 1.00 30.71 ? 194 ILE A C   1 
ATOM   1457 O  O   . ILE A 1 193 ? -1.014  7.316   -18.484 1.00 30.59 ? 194 ILE A O   1 
ATOM   1458 C  CB  . ILE A 1 193 ? -3.158  6.203   -16.104 1.00 28.85 ? 194 ILE A CB  1 
ATOM   1459 C  CG1 . ILE A 1 193 ? -2.951  5.299   -14.869 1.00 18.53 ? 194 ILE A CG1 1 
ATOM   1460 C  CG2 . ILE A 1 193 ? -3.472  5.422   -17.378 1.00 26.06 ? 194 ILE A CG2 1 
ATOM   1461 C  CD1 . ILE A 1 193 ? -4.073  4.271   -14.719 1.00 22.09 ? 194 ILE A CD1 1 
ATOM   1462 N  N   . ARG A 1 194 ? -2.466  8.879   -17.941 1.00 30.19 ? 195 ARG A N   1 
ATOM   1463 C  CA  . ARG A 1 194 ? -2.343  9.572   -19.203 1.00 27.52 ? 195 ARG A CA  1 
ATOM   1464 C  C   . ARG A 1 194 ? -0.974  10.158  -19.446 1.00 23.42 ? 195 ARG A C   1 
ATOM   1465 O  O   . ARG A 1 194 ? -0.487  10.084  -20.563 1.00 25.55 ? 195 ARG A O   1 
ATOM   1466 C  CB  . ARG A 1 194 ? -3.417  10.657  -19.278 1.00 23.77 ? 195 ARG A CB  1 
ATOM   1467 C  CG  . ARG A 1 194 ? -3.511  11.182  -20.698 1.00 32.85 ? 195 ARG A CG  1 
ATOM   1468 C  CD  . ARG A 1 194 ? -3.772  10.094  -21.777 1.00 34.71 ? 195 ARG A CD  1 
ATOM   1469 N  NE  . ARG A 1 194 ? -4.926  9.195   -21.564 1.00 39.33 ? 195 ARG A NE  1 
ATOM   1470 C  CZ  . ARG A 1 194 ? -6.129  9.412   -22.140 1.00 39.86 ? 195 ARG A CZ  1 
ATOM   1471 N  NH1 . ARG A 1 194 ? -6.358  10.471  -22.937 1.00 37.31 ? 195 ARG A NH1 1 
ATOM   1472 N  NH2 . ARG A 1 194 ? -7.113  8.520   -21.972 1.00 37.93 ? 195 ARG A NH2 1 
ATOM   1473 N  N   . GLY A 1 195 ? -0.275  10.689  -18.458 1.00 25.47 ? 196 GLY A N   1 
ATOM   1474 C  CA  . GLY A 1 195 ? 1.069   11.208  -18.640 1.00 16.81 ? 196 GLY A CA  1 
ATOM   1475 C  C   . GLY A 1 195 ? 2.002   10.109  -19.055 1.00 20.30 ? 196 GLY A C   1 
ATOM   1476 O  O   . GLY A 1 195 ? 2.894   10.344  -19.860 1.00 29.41 ? 196 GLY A O   1 
ATOM   1477 N  N   . PHE A 1 196 ? 1.846   8.885   -18.549 1.00 24.26 ? 197 PHE A N   1 
ATOM   1478 C  CA  . PHE A 1 196 ? 2.704   7.782   -18.979 1.00 30.14 ? 197 PHE A CA  1 
ATOM   1479 C  C   . PHE A 1 196 ? 2.413   7.368   -20.409 1.00 34.14 ? 197 PHE A C   1 
ATOM   1480 O  O   . PHE A 1 196 ? 3.365   7.053   -21.119 1.00 33.12 ? 197 PHE A O   1 
ATOM   1481 C  CB  . PHE A 1 196 ? 2.566   6.508   -18.080 1.00 35.13 ? 197 PHE A CB  1 
ATOM   1482 C  CG  . PHE A 1 196 ? 3.195   6.731   -16.699 1.00 42.85 ? 197 PHE A CG  1 
ATOM   1483 C  CD1 . PHE A 1 196 ? 4.514   7.252   -16.589 1.00 46.19 ? 197 PHE A CD1 1 
ATOM   1484 C  CD2 . PHE A 1 196 ? 2.418   6.527   -15.549 1.00 38.97 ? 197 PHE A CD2 1 
ATOM   1485 C  CE1 . PHE A 1 196 ? 5.040   7.594   -15.340 1.00 43.37 ? 197 PHE A CE1 1 
ATOM   1486 C  CE2 . PHE A 1 196 ? 2.953   6.875   -14.316 1.00 37.32 ? 197 PHE A CE2 1 
ATOM   1487 C  CZ  . PHE A 1 196 ? 4.246   7.406   -14.207 1.00 41.26 ? 197 PHE A CZ  1 
ATOM   1488 N  N   . GLU A 1 197 ? 1.142   7.347   -20.845 1.00 34.26 ? 198 GLU A N   1 
ATOM   1489 C  CA  . GLU A 1 197 ? 0.816   7.082   -22.226 1.00 37.61 ? 198 GLU A CA  1 
ATOM   1490 C  C   . GLU A 1 197 ? 1.545   8.068   -23.099 1.00 36.37 ? 198 GLU A C   1 
ATOM   1491 O  O   . GLU A 1 197 ? 2.220   7.602   -24.012 1.00 38.59 ? 198 GLU A O   1 
ATOM   1492 C  CB  . GLU A 1 197 ? -0.629  7.265   -22.574 1.00 41.68 ? 198 GLU A CB  1 
ATOM   1493 C  CG  . GLU A 1 197 ? -1.518  6.262   -21.901 1.00 49.50 ? 198 GLU A CG  1 
ATOM   1494 C  CD  . GLU A 1 197 ? -2.883  6.152   -22.558 1.00 51.95 ? 198 GLU A CD  1 
ATOM   1495 O  OE1 . GLU A 1 197 ? -2.882  5.933   -23.769 1.00 50.92 ? 198 GLU A OE1 1 
ATOM   1496 O  OE2 . GLU A 1 197 ? -3.909  6.270   -21.867 1.00 52.30 ? 198 GLU A OE2 1 
ATOM   1497 N  N   . VAL A 1 198 ? 1.481   9.379   -22.814 1.00 33.73 ? 199 VAL A N   1 
ATOM   1498 C  CA  . VAL A 1 198 ? 2.132   10.409  -23.613 1.00 30.05 ? 199 VAL A CA  1 
ATOM   1499 C  C   . VAL A 1 198 ? 3.624   10.157  -23.690 1.00 34.44 ? 199 VAL A C   1 
ATOM   1500 O  O   . VAL A 1 198 ? 4.262   10.245  -24.741 1.00 36.98 ? 199 VAL A O   1 
ATOM   1501 C  CB  . VAL A 1 198 ? 1.811   11.773  -22.988 1.00 30.89 ? 199 VAL A CB  1 
ATOM   1502 C  CG1 . VAL A 1 198 ? 2.716   12.811  -23.580 1.00 33.77 ? 199 VAL A CG1 1 
ATOM   1503 C  CG2 . VAL A 1 198 ? 0.376   12.215  -23.312 1.00 22.52 ? 199 VAL A CG2 1 
ATOM   1504 N  N   . GLN A 1 199 ? 4.218   9.818   -22.569 1.00 36.58 ? 200 GLN A N   1 
ATOM   1505 C  CA  . GLN A 1 199 ? 5.594   9.414   -22.637 1.00 38.72 ? 200 GLN A CA  1 
ATOM   1506 C  C   . GLN A 1 199 ? 5.844   8.195   -23.545 1.00 39.19 ? 200 GLN A C   1 
ATOM   1507 O  O   . GLN A 1 199 ? 6.689   8.239   -24.439 1.00 42.68 ? 200 GLN A O   1 
ATOM   1508 C  CB  . GLN A 1 199 ? 6.031   9.152   -21.221 1.00 39.04 ? 200 GLN A CB  1 
ATOM   1509 C  CG  . GLN A 1 199 ? 7.408   8.517   -21.128 1.00 34.09 ? 200 GLN A CG  1 
ATOM   1510 C  CD  . GLN A 1 199 ? 8.527   9.447   -21.562 1.00 31.98 ? 200 GLN A CD  1 
ATOM   1511 O  OE1 . GLN A 1 199 ? 9.663   8.989   -21.668 1.00 34.81 ? 200 GLN A OE1 1 
ATOM   1512 N  NE2 . GLN A 1 199 ? 8.324   10.738  -21.757 1.00 32.22 ? 200 GLN A NE2 1 
ATOM   1513 N  N   . LEU A 1 200 ? 5.141   7.098   -23.312 1.00 38.17 ? 201 LEU A N   1 
ATOM   1514 C  CA  . LEU A 1 200 ? 5.329   5.850   -24.009 1.00 41.96 ? 201 LEU A CA  1 
ATOM   1515 C  C   . LEU A 1 200 ? 5.273   6.095   -25.503 1.00 47.20 ? 201 LEU A C   1 
ATOM   1516 O  O   . LEU A 1 200 ? 6.214   5.740   -26.199 1.00 52.40 ? 201 LEU A O   1 
ATOM   1517 C  CB  . LEU A 1 200 ? 4.228   4.840   -23.629 1.00 37.98 ? 201 LEU A CB  1 
ATOM   1518 C  CG  . LEU A 1 200 ? 4.381   3.282   -23.525 1.00 37.37 ? 201 LEU A CG  1 
ATOM   1519 C  CD1 . LEU A 1 200 ? 3.129   2.618   -24.125 1.00 29.77 ? 201 LEU A CD1 1 
ATOM   1520 C  CD2 . LEU A 1 200 ? 5.655   2.796   -24.202 1.00 34.29 ? 201 LEU A CD2 1 
ATOM   1521 N  N   . THR A 1 201 ? 4.219   6.752   -25.963 1.00 53.56 ? 202 THR A N   1 
ATOM   1522 C  CA  . THR A 1 201 ? 3.978   6.929   -27.383 1.00 57.85 ? 202 THR A CA  1 
ATOM   1523 C  C   . THR A 1 201 ? 4.955   7.832   -28.090 1.00 61.75 ? 202 THR A C   1 
ATOM   1524 O  O   . THR A 1 201 ? 5.347   7.557   -29.225 1.00 64.67 ? 202 THR A O   1 
ATOM   1525 C  CB  . THR A 1 201 ? 2.554   7.473   -27.614 1.00 54.24 ? 202 THR A CB  1 
ATOM   1526 O  OG1 . THR A 1 201 ? 2.513   8.788   -27.068 1.00 61.38 ? 202 THR A OG1 1 
ATOM   1527 C  CG2 . THR A 1 201 ? 1.482   6.592   -26.969 1.00 54.61 ? 202 THR A CG2 1 
ATOM   1528 N  N   . ALA A 1 202 ? 5.342   8.938   -27.467 1.00 68.90 ? 203 ALA A N   1 
ATOM   1529 C  CA  . ALA A 1 202 ? 6.267   9.845   -28.107 1.00 75.41 ? 203 ALA A CA  1 
ATOM   1530 C  C   . ALA A 1 202 ? 7.672   9.283   -28.288 1.00 79.66 ? 203 ALA A C   1 
ATOM   1531 O  O   . ALA A 1 202 ? 8.232   9.288   -29.401 1.00 85.20 ? 203 ALA A O   1 
ATOM   1532 C  CB  . ALA A 1 202 ? 6.356   11.113  -27.290 1.00 75.14 ? 203 ALA A CB  1 
ATOM   1533 N  N   . LEU A 1 203 ? 8.229   8.734   -27.188 1.00 81.74 ? 204 LEU A N   1 
ATOM   1534 C  CA  . LEU A 1 203 ? 9.588   8.224   -27.100 1.00 81.44 ? 204 LEU A CA  1 
ATOM   1535 C  C   . LEU A 1 203 ? 10.590  9.170   -27.734 1.00 79.40 ? 204 LEU A C   1 
ATOM   1536 O  O   . LEU A 1 203 ? 10.923  10.168  -27.097 1.00 77.95 ? 204 LEU A O   1 
ATOM   1537 C  CB  . LEU A 1 203 ? 9.736   6.791   -27.740 1.00 86.61 ? 204 LEU A CB  1 
ATOM   1538 C  CG  . LEU A 1 203 ? 8.765   6.099   -28.741 1.00 91.64 ? 204 LEU A CG  1 
ATOM   1539 C  CD1 . LEU A 1 203 ? 9.080   6.464   -30.202 1.00 94.75 ? 204 LEU A CD1 1 
ATOM   1540 C  CD2 . LEU A 1 203 ? 8.910   4.587   -28.581 1.00 92.20 ? 204 LEU A CD2 1 
ATOM   1541 N  N   . LEU A 1 204 ? 11.015  8.940   -28.981 1.00 78.84 ? 205 LEU A N   1 
ATOM   1542 C  CA  . LEU A 1 204 ? 12.016  9.767   -29.623 1.00 78.38 ? 205 LEU A CA  1 
ATOM   1543 C  C   . LEU A 1 204 ? 11.553  11.053  -30.271 1.00 75.15 ? 205 LEU A C   1 
ATOM   1544 O  O   . LEU A 1 204 ? 12.375  11.941  -30.541 1.00 74.40 ? 205 LEU A O   1 
ATOM   1545 C  CB  . LEU A 1 204 ? 12.740  8.942   -30.645 1.00 81.90 ? 205 LEU A CB  1 
ATOM   1546 C  CG  . LEU A 1 204 ? 14.014  8.310   -30.107 1.00 85.12 ? 205 LEU A CG  1 
ATOM   1547 C  CD1 . LEU A 1 204 ? 14.985  9.442   -29.800 1.00 86.86 ? 205 LEU A CD1 1 
ATOM   1548 C  CD2 . LEU A 1 204 ? 13.731  7.437   -28.873 1.00 85.92 ? 205 LEU A CD2 1 
ATOM   1549 N  N   . GLN A 1 205 ? 10.257  11.136  -30.549 1.00 70.54 ? 206 GLN A N   1 
ATOM   1550 C  CA  . GLN A 1 205 ? 9.656   12.379  -30.997 1.00 68.18 ? 206 GLN A CA  1 
ATOM   1551 C  C   . GLN A 1 205 ? 9.796   13.331  -29.811 1.00 61.72 ? 206 GLN A C   1 
ATOM   1552 O  O   . GLN A 1 205 ? 9.537   12.904  -28.678 1.00 65.25 ? 206 GLN A O   1 
ATOM   1553 C  CB  . GLN A 1 205 ? 8.191   12.143  -31.294 1.00 73.39 ? 206 GLN A CB  1 
ATOM   1554 C  CG  . GLN A 1 205 ? 7.501   13.205  -32.110 1.00 90.52 ? 206 GLN A CG  1 
ATOM   1555 C  CD  . GLN A 1 205 ? 8.057   13.250  -33.535 1.00 97.49 ? 206 GLN A CD  1 
ATOM   1556 O  OE1 . GLN A 1 205 ? 8.875   14.106  -33.889 1.00 97.97 ? 206 GLN A OE1 1 
ATOM   1557 N  NE2 . GLN A 1 205 ? 7.662   12.342  -34.436 1.00 98.45 ? 206 GLN A NE2 1 
ATOM   1558 N  N   . ILE A 1 206 ? 10.289  14.553  -29.912 1.00 53.21 ? 207 ILE A N   1 
ATOM   1559 C  CA  . ILE A 1 206 ? 10.150  15.504  -28.800 1.00 47.09 ? 207 ILE A CA  1 
ATOM   1560 C  C   . ILE A 1 206 ? 8.664   15.656  -28.442 1.00 51.54 ? 207 ILE A C   1 
ATOM   1561 O  O   . ILE A 1 206 ? 7.846   15.709  -29.383 1.00 57.54 ? 207 ILE A O   1 
ATOM   1562 C  CB  . ILE A 1 206 ? 10.699  16.875  -29.195 1.00 37.05 ? 207 ILE A CB  1 
ATOM   1563 C  CG1 . ILE A 1 206 ? 12.159  16.685  -29.484 1.00 32.47 ? 207 ILE A CG1 1 
ATOM   1564 C  CG2 . ILE A 1 206 ? 10.421  17.936  -28.139 1.00 31.07 ? 207 ILE A CG2 1 
ATOM   1565 C  CD1 . ILE A 1 206 ? 12.780  18.023  -29.931 1.00 35.31 ? 207 ILE A CD1 1 
ATOM   1566 N  N   . VAL A 1 207 ? 8.309   15.691  -27.146 1.00 53.73 ? 208 VAL A N   1 
ATOM   1567 C  CA  . VAL A 1 207 ? 6.945   15.849  -26.636 1.00 50.22 ? 208 VAL A CA  1 
ATOM   1568 C  C   . VAL A 1 207 ? 6.948   16.853  -25.495 1.00 48.43 ? 208 VAL A C   1 
ATOM   1569 O  O   . VAL A 1 207 ? 6.033   17.666  -25.393 1.00 53.13 ? 208 VAL A O   1 
ATOM   1570 C  CB  . VAL A 1 207 ? 6.394   14.453  -26.165 1.00 54.47 ? 208 VAL A CB  1 
ATOM   1571 C  CG1 . VAL A 1 207 ? 7.213   13.825  -25.007 1.00 50.59 ? 208 VAL A CG1 1 
ATOM   1572 C  CG2 . VAL A 1 207 ? 4.925   14.663  -25.824 1.00 51.96 ? 208 VAL A CG2 1 
HETATM 1573 MG MG  . MG  B 2 .   ? 6.577   -1.267  -1.930  1.00 39.33 ? 223 MG  A MG  1 
HETATM 1574 C  C1  . TAC C 3 .   ? 3.872   -4.689  -4.963  1.00 21.46 ? 222 TAC A C1  1 
HETATM 1575 O  O1  . TAC C 3 .   ? 4.433   -5.375  -4.082  1.00 32.56 ? 222 TAC A O1  1 
HETATM 1576 C  C2  . TAC C 3 .   ? 2.688   -5.144  -5.627  1.00 21.88 ? 222 TAC A C2  1 
HETATM 1577 C  C21 . TAC C 3 .   ? 2.090   -6.391  -5.340  1.00 25.06 ? 222 TAC A C21 1 
HETATM 1578 O  O21 . TAC C 3 .   ? 0.911   -6.652  -5.726  1.00 24.36 ? 222 TAC A O21 1 
HETATM 1579 N  N21 . TAC C 3 .   ? 2.715   -7.335  -4.560  1.00 23.56 ? 222 TAC A N21 1 
HETATM 1580 C  C3  . TAC C 3 .   ? 2.017   -4.228  -6.438  1.00 12.47 ? 222 TAC A C3  1 
HETATM 1581 O  O3  . TAC C 3 .   ? 0.660   -4.341  -6.639  1.00 12.11 ? 222 TAC A O3  1 
HETATM 1582 C  C4  . TAC C 3 .   ? 2.619   -2.934  -6.785  1.00 11.23 ? 222 TAC A C4  1 
HETATM 1583 N  N4  . TAC C 3 .   ? 1.655   -1.989  -7.429  1.00 11.36 ? 222 TAC A N4  1 
HETATM 1584 C  C42 . TAC C 3 .   ? 2.337   -0.890  -8.230  1.00 15.98 ? 222 TAC A C42 1 
HETATM 1585 C  C43 . TAC C 3 .   ? 0.933   -1.296  -6.288  1.00 16.80 ? 222 TAC A C43 1 
HETATM 1586 C  C41 . TAC C 3 .   ? 4.005   -2.537  -6.315  1.00 20.74 ? 222 TAC A C41 1 
HETATM 1587 C  C5  . TAC C 3 .   ? 5.128   -3.288  -7.101  1.00 19.36 ? 222 TAC A C5  1 
HETATM 1588 C  C51 . TAC C 3 .   ? 6.493   -2.858  -6.593  1.00 19.94 ? 222 TAC A C51 1 
HETATM 1589 C  C6  . TAC C 3 .   ? 7.716   -3.562  -7.173  1.00 24.33 ? 222 TAC A C6  1 
HETATM 1590 C  C62 . TAC C 3 .   ? 7.809   -3.574  -8.682  1.00 26.90 ? 222 TAC A C62 1 
HETATM 1591 O  O6  . TAC C 3 .   ? 7.598   -4.926  -6.723  1.00 26.90 ? 222 TAC A O6  1 
HETATM 1592 C  C61 . TAC C 3 .   ? 9.011   -2.961  -6.603  1.00 24.48 ? 222 TAC A C61 1 
HETATM 1593 C  C7  . TAC C 3 .   ? 10.219  -3.129  -7.278  1.00 26.58 ? 222 TAC A C7  1 
HETATM 1594 C  C8  . TAC C 3 .   ? 11.409  -2.606  -6.757  1.00 22.73 ? 222 TAC A C8  1 
HETATM 1595 C  C9  . TAC C 3 .   ? 11.417  -1.970  -5.551  1.00 22.35 ? 222 TAC A C9  1 
HETATM 1596 C  C10 . TAC C 3 .   ? 10.236  -1.851  -4.813  1.00 24.13 ? 222 TAC A C10 1 
HETATM 1597 O  O10 . TAC C 3 .   ? 10.313  -1.200  -3.518  1.00 24.63 ? 222 TAC A O10 1 
HETATM 1598 C  C1A . TAC C 3 .   ? 9.012   -2.343  -5.333  1.00 25.19 ? 222 TAC A C1A 1 
HETATM 1599 C  C11 . TAC C 3 .   ? 7.829   -2.330  -4.555  1.00 22.65 ? 222 TAC A C11 1 
HETATM 1600 O  O11 . TAC C 3 .   ? 7.864   -1.861  -3.402  1.00 14.21 ? 222 TAC A O11 1 
HETATM 1601 C  C1B . TAC C 3 .   ? 6.597   -2.691  -5.076  1.00 21.90 ? 222 TAC A C1B 1 
HETATM 1602 C  C12 . TAC C 3 .   ? 5.424   -2.659  -4.333  1.00 18.86 ? 222 TAC A C12 1 
HETATM 1603 O  O12 . TAC C 3 .   ? 5.420   -2.223  -2.991  1.00 16.76 ? 222 TAC A O12 1 
HETATM 1604 C  C1C . TAC C 3 .   ? 4.091   -3.162  -4.875  1.00 21.00 ? 222 TAC A C1C 1 
HETATM 1605 O  O1C . TAC C 3 .   ? 3.056   -2.611  -4.058  1.00 20.37 ? 222 TAC A O1C 1 
HETATM 1606 O  O   . HOH D 4 .   ? 7.756   -0.244  -0.579  1.00 31.87 ? 224 HOH A O   1 
HETATM 1607 O  O   . HOH D 4 .   ? 5.645   0.064   -2.306  1.00 39.55 ? 225 HOH A O   1 
HETATM 1608 O  O   . HOH D 4 .   ? 6.840   -2.652  -0.843  1.00 42.40 ? 226 HOH A O   1 
HETATM 1609 O  O   . HOH D 4 .   ? 6.615   -5.100  -1.866  1.00 41.27 ? 227 HOH A O   1 
HETATM 1610 O  O   . HOH D 4 .   ? 9.647   2.714   -3.549  1.00 53.66 ? 228 HOH A O   1 
HETATM 1611 O  O   . HOH D 4 .   ? 11.999  3.637   -2.437  1.00 81.88 ? 229 HOH A O   1 
HETATM 1612 O  O   . HOH D 4 .   ? 12.673  -3.507  5.457   1.00 33.91 ? 230 HOH A O   1 
HETATM 1613 O  O   . HOH D 4 .   ? 6.350   -23.654 20.447  1.00 19.93 ? 231 HOH A O   1 
HETATM 1614 O  O   . HOH D 4 .   ? 7.165   -20.567 26.695  1.00 27.93 ? 232 HOH A O   1 
HETATM 1615 O  O   . HOH D 4 .   ? 1.645   -22.931 19.777  1.00 11.76 ? 233 HOH A O   1 
HETATM 1616 O  O   . HOH D 4 .   ? 4.278   -17.663 28.122  1.00 28.07 ? 234 HOH A O   1 
HETATM 1617 O  O   . HOH D 4 .   ? 2.160   -3.862  2.662   1.00 27.84 ? 235 HOH A O   1 
HETATM 1618 O  O   . HOH D 4 .   ? 8.748   8.046   -7.251  1.00 24.32 ? 236 HOH A O   1 
HETATM 1619 O  O   . HOH D 4 .   ? 8.153   7.245   -10.117 1.00 41.42 ? 237 HOH A O   1 
HETATM 1620 O  O   . HOH D 4 .   ? 11.410  1.105   -0.343  1.00 49.01 ? 238 HOH A O   1 
HETATM 1621 O  O   . HOH D 4 .   ? 4.620   -5.753  0.812   1.00 38.25 ? 239 HOH A O   1 
HETATM 1622 O  O   . HOH D 4 .   ? -11.442 13.318  -2.750  1.00 47.73 ? 240 HOH A O   1 
HETATM 1623 O  O   . HOH D 4 .   ? -8.268  -3.552  -21.161 1.00 25.89 ? 241 HOH A O   1 
HETATM 1624 O  O   . HOH D 4 .   ? -6.872  11.526  -2.175  1.00 24.42 ? 242 HOH A O   1 
HETATM 1625 O  O   . HOH D 4 .   ? 11.210  -12.843 14.306  1.00 39.91 ? 243 HOH A O   1 
HETATM 1626 O  O   . HOH D 4 .   ? 3.618   10.030  11.568  1.00 63.21 ? 244 HOH A O   1 
HETATM 1627 O  O   . HOH D 4 .   ? 11.984  -12.629 -16.869 1.00 75.96 ? 245 HOH A O   1 
HETATM 1628 O  O   . HOH D 4 .   ? -9.773  2.525   -3.419  1.00 45.83 ? 246 HOH A O   1 
HETATM 1629 O  O   . HOH D 4 .   ? -0.097  2.378   -24.944 1.00 51.38 ? 247 HOH A O   1 
HETATM 1630 O  O   . HOH D 4 .   ? 11.406  7.264   -3.641  1.00 28.51 ? 248 HOH A O   1 
HETATM 1631 O  O   . HOH D 4 .   ? -12.458 12.825  -11.011 1.00 54.23 ? 249 HOH A O   1 
HETATM 1632 O  O   . HOH D 4 .   ? 9.128   -4.072  -25.589 1.00 35.08 ? 250 HOH A O   1 
HETATM 1633 O  O   . HOH D 4 .   ? 9.935   3.035   -25.516 1.00 53.39 ? 251 HOH A O   1 
HETATM 1634 O  O   . HOH D 4 .   ? -7.476  3.443   7.872   1.00 80.16 ? 252 HOH A O   1 
HETATM 1635 O  O   . HOH D 4 .   ? -9.611  -3.212  -8.196  1.00 53.03 ? 253 HOH A O   1 
HETATM 1636 O  O   . HOH D 4 .   ? -0.907  -20.300 25.620  1.00 29.00 ? 254 HOH A O   1 
HETATM 1637 O  O   . HOH D 4 .   ? -2.742  -18.210 27.273  1.00 44.28 ? 255 HOH A O   1 
HETATM 1638 O  O   . HOH D 4 .   ? 9.864   -14.364 3.535   1.00 61.05 ? 256 HOH A O   1 
HETATM 1639 O  O   . HOH D 4 .   ? 7.905   -11.698 5.627   1.00 34.77 ? 257 HOH A O   1 
HETATM 1640 O  O   . HOH D 4 .   ? -0.540  -9.201  -3.170  1.00 58.45 ? 258 HOH A O   1 
HETATM 1641 O  O   . HOH D 4 .   ? -12.009 -0.458  4.652   1.00 64.56 ? 259 HOH A O   1 
HETATM 1642 O  O   . HOH D 4 .   ? -6.391  6.328   -20.264 1.00 31.25 ? 260 HOH A O   1 
HETATM 1643 O  O   . HOH D 4 .   ? -13.157 -2.918  4.109   1.00 53.06 ? 261 HOH A O   1 
HETATM 1644 O  O   . HOH D 4 .   ? -5.677  4.440   10.154  1.00 73.63 ? 262 HOH A O   1 
HETATM 1645 O  O   . HOH D 4 .   ? -15.874 25.518  -6.386  1.00 49.83 ? 263 HOH A O   1 
HETATM 1646 O  O   . HOH D 4 .   ? -5.212  15.009  19.100  1.00 51.35 ? 264 HOH A O   1 
HETATM 1647 O  O   . HOH D 4 .   ? -18.222 10.554  -8.168  1.00 71.74 ? 265 HOH A O   1 
HETATM 1648 O  O   . HOH D 4 .   ? 4.721   -18.157 5.593   1.00 51.11 ? 266 HOH A O   1 
HETATM 1649 O  O   . HOH D 4 .   ? 2.520   7.911   19.826  1.00 56.70 ? 267 HOH A O   1 
HETATM 1650 O  O   . HOH D 4 .   ? 1.065   -16.082 30.713  1.00 43.27 ? 268 HOH A O   1 
HETATM 1651 O  O   . HOH D 4 .   ? -3.212  -18.472 -5.063  1.00 66.27 ? 269 HOH A O   1 
HETATM 1652 O  O   . HOH D 4 .   ? -10.326 -4.875  -16.840 1.00 63.29 ? 270 HOH A O   1 
HETATM 1653 O  O   . HOH D 4 .   ? 7.458   0.205   7.813   1.00 30.45 ? 271 HOH A O   1 
HETATM 1654 O  O   . HOH D 4 .   ? 11.406  -5.384  3.628   1.00 40.98 ? 272 HOH A O   1 
HETATM 1655 O  O   . HOH D 4 .   ? 15.024  -4.740  6.688   1.00 36.85 ? 273 HOH A O   1 
HETATM 1656 O  O   . HOH D 4 .   ? -6.671  8.010   -0.859  1.00 78.38 ? 274 HOH A O   1 
HETATM 1657 O  O   . HOH D 4 .   ? -6.190  18.292  18.000  1.00 36.38 ? 275 HOH A O   1 
HETATM 1658 O  O   . HOH D 4 .   ? -13.337 15.283  -2.477  1.00 48.91 ? 276 HOH A O   1 
HETATM 1659 O  O   . HOH D 4 .   ? 9.789   2.835   -22.538 1.00 52.10 ? 277 HOH A O   1 
HETATM 1660 O  O   . HOH D 4 .   ? -6.766  -23.058 17.571  1.00 83.68 ? 278 HOH A O   1 
HETATM 1661 O  O   . HOH D 4 .   ? 4.063   7.377   12.900  1.00 60.67 ? 279 HOH A O   1 
HETATM 1662 O  O   . HOH D 4 .   ? -7.950  -5.321  -3.268  1.00 56.35 ? 280 HOH A O   1 
HETATM 1663 O  O   . HOH D 4 .   ? 0.158   4.053   15.923  1.00 80.32 ? 281 HOH A O   1 
HETATM 1664 O  O   . HOH D 4 .   ? -2.992  -20.769 13.625  1.00 47.02 ? 282 HOH A O   1 
HETATM 1665 O  O   . HOH D 4 .   ? -11.107 -5.969  7.657   1.00 85.60 ? 283 HOH A O   1 
HETATM 1666 O  O   . HOH D 4 .   ? -13.676 32.567  6.212   1.00 95.25 ? 284 HOH A O   1 
HETATM 1667 O  O   . HOH D 4 .   ? 9.094   -7.039  3.354   1.00 51.03 ? 285 HOH A O   1 
HETATM 1668 O  O   . HOH D 4 .   ? -1.430  5.965   8.601   1.00 66.31 ? 286 HOH A O   1 
HETATM 1669 O  O   . HOH D 4 .   ? -5.424  -19.996 15.316  1.00 66.44 ? 287 HOH A O   1 
HETATM 1670 O  O   . HOH D 4 .   ? 2.231   -14.649 -8.950  1.00 63.07 ? 288 HOH A O   1 
HETATM 1671 O  O   . HOH D 4 .   ? -2.603  -1.121  -24.350 1.00 47.77 ? 289 HOH A O   1 
HETATM 1672 O  O   . HOH D 4 .   ? -7.307  -14.064 2.800   1.00 63.68 ? 290 HOH A O   1 
HETATM 1673 O  O   . HOH D 4 .   ? 14.902  -7.078  19.519  1.00 54.47 ? 291 HOH A O   1 
HETATM 1674 O  O   . HOH D 4 .   ? 8.494   -0.751  -28.298 1.00 49.77 ? 292 HOH A O   1 
HETATM 1675 O  O   . HOH D 4 .   ? 6.870   2.104   -3.717  1.00 90.09 ? 293 HOH A O   1 
HETATM 1676 O  O   . HOH D 4 .   ? 7.907   0.956   -6.104  1.00 74.98 ? 294 HOH A O   1 
HETATM 1677 O  O   . HOH D 4 .   ? -8.718  -11.487 8.219   1.00 74.70 ? 295 HOH A O   1 
HETATM 1678 O  O   . HOH D 4 .   ? -7.389  -10.858 12.179  1.00 72.63 ? 296 HOH A O   1 
HETATM 1679 O  O   . HOH D 4 .   ? -0.035  -18.951 27.651  1.00 48.57 ? 297 HOH A O   1 
HETATM 1680 O  O   . HOH D 4 .   ? 9.691   -11.618 9.352   1.00 56.68 ? 298 HOH A O   1 
HETATM 1681 O  O   . HOH D 4 .   ? 12.634  4.597   -25.003 1.00 60.61 ? 299 HOH A O   1 
HETATM 1682 O  O   . HOH D 4 .   ? 10.006  6.319   -24.470 1.00 48.20 ? 300 HOH A O   1 
HETATM 1683 O  O   . HOH D 4 .   ? 6.603   -10.949 30.162  1.00 46.62 ? 301 HOH A O   1 
HETATM 1684 O  O   . HOH D 4 .   ? 7.762   -4.157  23.351  1.00 58.75 ? 302 HOH A O   1 
HETATM 1685 O  O   . HOH D 4 .   ? -20.452 17.465  -3.864  1.00 71.04 ? 303 HOH A O   1 
HETATM 1686 O  O   . HOH D 4 .   ? -10.541 14.367  -0.489  1.00 60.08 ? 304 HOH A O   1 
HETATM 1687 O  O   . HOH D 4 .   ? -13.312 33.688  -3.760  1.00 44.34 ? 305 HOH A O   1 
HETATM 1688 O  O   . HOH D 4 .   ? -15.519 29.411  -2.696  1.00 53.45 ? 306 HOH A O   1 
HETATM 1689 O  O   . HOH D 4 .   ? -15.054 31.614  -4.175  1.00 51.22 ? 307 HOH A O   1 
HETATM 1690 O  O   . HOH D 4 .   ? -14.773 29.525  -6.003  0.50 63.93 ? 308 HOH A O   1 
# 
